data_3IDY
#
_entry.id   3IDY
#
_cell.length_a   106.168
_cell.length_b   204.316
_cell.length_c   216.886
_cell.angle_alpha   90.00
_cell.angle_beta   90.00
_cell.angle_gamma   90.00
#
_symmetry.space_group_name_H-M   'C 2 2 21'
#
loop_
_entity.id
_entity.type
_entity.pdbx_description
1 polymer 'HIV-1 HxBc2 gp120 core'
2 polymer 'Fab b13 heavy chain'
3 polymer 'Fab b13 light chain'
4 non-polymer 2-acetamido-2-deoxy-beta-D-glucopyranose
5 non-polymer 'SULFATE ION'
6 water water
#
loop_
_entity_poly.entity_id
_entity_poly.type
_entity_poly.pdbx_seq_one_letter_code
_entity_poly.pdbx_strand_id
1 'polypeptide(L)'
;EVVLVNVTENFNWCKNDMVEQMHEDICSLWDQSLKPCVKLTPLCVGAGSCNTSVITQACPKVSFEPIPIHYCAPAGFAIL
KCNNKTFNGTGPCTNVSTVQCTHGIRPVVSSQLLLNGSLAEEEVVIRSCNFTDNAKTIIVQLNTSVEINCTGAGHCNIAR
AKWNNTLKQIASKLREQFGNNKTIIFKQSSGGDPEIVTHWFNCGGEFFYCNSTQLFNSTWFNSTWSTEGSNNTEGSDTIT
LPCRIKQIINMWCKVGKMMYAPPISGQIRCSSNITGLLLTRDGGNSNNESEIFRPGGGDMRDNWRSELYKYKVVKIE
;
G,A
2 'polypeptide(L)'
;QVQLVESGGGVVQPGRSLRLSCAASGFTFRNYAMHWVRQAPGKGLEWVALIKYDGRNKYYADSVKGRFSISRDNSKNTLY
LEMNSLRAEDTAVYYCARDIGLKGEHYDILTAYGPDYWGQGALVTVSSASTKGPSVFPLAPSSKSTSGGTAALGCLVKDY
FPEPVTVSWNSGALTSGVHTFPAVLQSSGLYSLSSVVTVPSSSLGTQTYICNVNHKPSNTKVDKKAEPKSC
;
H,B
3 'polypeptide(L)'
;DIQMTQSPSSLSASVGDRVTITCQASQDIRNYLNWYQQKPGKAPKLLIYDASNSETGVPSRFSGSGSGRDFTFTISSLQP
EDVATYYCQQHQNVPLTTFGGGTKVEIKRTVAAPSVFIFPPSDEQLKSGTASVVCLLNNFYPREAKVQWKVDNALQSGNS
QESVTEQDSKDSTYSLSSTLTLSKADYEKHKVYACEVTHQGLRSPVTKSFNRGEC
;
L,C
#
loop_
_chem_comp.id
_chem_comp.type
_chem_comp.name
_chem_comp.formula
NAG D-saccharide, beta linking 2-acetamido-2-deoxy-beta-D-glucopyranose 'C8 H15 N O6'
SO4 non-polymer 'SULFATE ION' 'O4 S -2'
#
# COMPACT_ATOMS: atom_id res chain seq x y z
N GLU A 1 52.82 2.99 50.31
CA GLU A 1 53.82 2.20 51.04
C GLU A 1 55.20 2.35 50.41
N VAL A 2 55.33 1.88 49.16
CA VAL A 2 56.59 1.98 48.44
C VAL A 2 56.39 2.58 47.05
N VAL A 3 56.68 3.87 46.91
CA VAL A 3 56.47 4.60 45.67
C VAL A 3 57.50 4.24 44.59
N LEU A 4 57.01 3.66 43.49
CA LEU A 4 57.87 3.30 42.37
C LEU A 4 58.48 4.54 41.71
N VAL A 5 59.78 4.49 41.45
CA VAL A 5 60.49 5.63 40.90
C VAL A 5 60.70 5.51 39.39
N ASN A 6 60.23 6.52 38.65
CA ASN A 6 60.44 6.63 37.22
C ASN A 6 59.66 5.58 36.42
N VAL A 7 59.12 4.58 37.12
CA VAL A 7 58.40 3.49 36.48
C VAL A 7 56.97 3.88 36.11
N THR A 8 56.53 3.46 34.92
CA THR A 8 55.17 3.70 34.48
C THR A 8 54.46 2.40 34.10
N GLU A 9 53.19 2.29 34.49
CA GLU A 9 52.40 1.09 34.22
C GLU A 9 51.15 1.45 33.42
N ASN A 10 50.45 0.42 32.93
CA ASN A 10 49.21 0.62 32.18
C ASN A 10 47.96 0.32 32.99
N PHE A 11 47.07 1.30 33.10
CA PHE A 11 45.81 1.11 33.80
C PHE A 11 44.64 1.00 32.83
N ASN A 12 43.63 0.24 33.23
CA ASN A 12 42.38 0.16 32.49
C ASN A 12 41.25 -0.19 33.44
N TRP A 13 40.61 0.84 33.98
CA TRP A 13 39.62 0.67 35.05
C TRP A 13 38.34 -0.01 34.59
N CYS A 14 38.05 0.09 33.29
CA CYS A 14 36.86 -0.55 32.73
C CYS A 14 37.08 -2.03 32.46
N LYS A 15 38.27 -2.52 32.78
CA LYS A 15 38.60 -3.94 32.76
C LYS A 15 39.42 -4.25 34.01
N ASN A 16 38.78 -4.10 35.17
CA ASN A 16 39.46 -4.21 36.45
C ASN A 16 38.69 -5.17 37.36
N ASP A 17 39.26 -6.35 37.59
CA ASP A 17 38.53 -7.41 38.28
C ASP A 17 38.26 -7.10 39.75
N MET A 18 39.00 -6.17 40.33
CA MET A 18 38.71 -5.73 41.69
C MET A 18 37.24 -5.34 41.77
N VAL A 19 36.82 -4.49 40.83
CA VAL A 19 35.45 -4.01 40.78
C VAL A 19 34.45 -5.16 40.82
N GLU A 20 34.64 -6.15 39.96
CA GLU A 20 33.74 -7.31 39.94
C GLU A 20 33.75 -8.05 41.27
N GLN A 21 34.94 -8.38 41.78
CA GLN A 21 35.04 -9.06 43.07
C GLN A 21 34.39 -8.22 44.16
N MET A 22 34.94 -7.03 44.39
CA MET A 22 34.43 -6.11 45.41
C MET A 22 32.91 -6.01 45.35
N HIS A 23 32.36 -6.22 44.16
CA HIS A 23 30.91 -6.09 43.96
C HIS A 23 30.13 -7.35 44.30
N GLU A 24 30.64 -8.52 43.93
CA GLU A 24 29.98 -9.78 44.28
C GLU A 24 30.04 -10.03 45.78
N ASP A 25 31.25 -10.01 46.33
CA ASP A 25 31.43 -10.10 47.78
C ASP A 25 31.13 -8.72 48.39
N ILE A 26 31.54 -8.52 49.63
CA ILE A 26 31.43 -7.20 50.27
C ILE A 26 30.02 -6.82 50.72
N CYS A 27 29.84 -6.70 52.04
CA CYS A 27 28.62 -6.17 52.61
C CYS A 27 28.97 -4.88 53.35
N SER A 28 27.99 -4.25 53.98
CA SER A 28 28.21 -2.93 54.55
C SER A 28 28.87 -2.93 55.95
N LEU A 29 28.28 -3.65 56.89
CA LEU A 29 28.85 -3.76 58.25
C LEU A 29 28.85 -2.45 59.03
N TRP A 30 28.16 -2.45 60.18
CA TRP A 30 28.11 -1.28 61.04
C TRP A 30 28.63 -1.62 62.44
N ASP A 31 29.39 -0.70 63.03
CA ASP A 31 29.83 -0.87 64.40
C ASP A 31 29.28 0.25 65.27
N GLN A 32 29.05 -0.04 66.55
CA GLN A 32 28.61 0.99 67.49
C GLN A 32 29.68 2.04 67.66
N SER A 33 29.27 3.29 67.83
CA SER A 33 30.23 4.38 67.97
C SER A 33 29.78 5.37 69.03
N LEU A 34 30.69 5.67 69.95
CA LEU A 34 30.44 6.66 70.98
C LEU A 34 31.14 7.97 70.65
N LYS A 35 30.37 9.04 70.59
CA LYS A 35 30.91 10.37 70.29
C LYS A 35 30.60 11.29 71.45
N PRO A 36 31.39 11.18 72.53
CA PRO A 36 31.11 11.86 73.80
C PRO A 36 31.54 13.30 73.74
N CYS A 37 30.80 14.16 74.41
CA CYS A 37 31.20 15.54 74.56
C CYS A 37 31.14 15.85 76.03
N VAL A 38 31.86 16.89 76.44
CA VAL A 38 31.74 17.40 77.81
C VAL A 38 31.27 18.85 77.79
N LYS A 39 30.36 19.17 78.70
CA LYS A 39 29.82 20.51 78.82
C LYS A 39 30.37 21.07 80.11
N LEU A 40 30.68 22.35 80.13
CA LEU A 40 30.97 22.99 81.41
C LEU A 40 30.24 24.30 81.52
N THR A 41 29.53 24.46 82.63
CA THR A 41 28.70 25.61 82.87
C THR A 41 29.17 26.29 84.15
N PRO A 42 29.11 27.62 84.20
CA PRO A 42 29.52 28.37 85.38
C PRO A 42 28.47 28.30 86.48
N LEU A 43 28.89 28.41 87.73
CA LEU A 43 27.96 28.40 88.87
C LEU A 43 27.82 29.77 89.51
N CYS A 44 26.97 30.61 88.95
CA CYS A 44 26.67 31.90 89.56
C CYS A 44 25.86 31.67 90.83
N VAL A 45 26.24 32.36 91.91
CA VAL A 45 25.55 32.22 93.19
C VAL A 45 24.76 33.47 93.57
N GLY A 46 25.46 34.57 93.82
CA GLY A 46 24.81 35.82 94.20
C GLY A 46 24.87 36.87 93.11
N ALA A 47 25.91 37.69 93.17
CA ALA A 47 26.11 38.74 92.16
C ALA A 47 27.58 38.85 91.78
N GLY A 48 27.89 38.43 90.55
CA GLY A 48 29.26 38.47 90.05
C GLY A 48 30.13 37.38 90.65
N SER A 49 29.58 36.65 91.62
CA SER A 49 30.33 35.61 92.32
C SER A 49 30.27 34.26 91.60
N CYS A 50 30.73 34.24 90.35
CA CYS A 50 30.82 33.00 89.59
C CYS A 50 32.17 32.33 89.81
N ASN A 51 32.52 32.11 91.08
CA ASN A 51 33.80 31.52 91.44
C ASN A 51 34.01 30.12 90.87
N THR A 52 32.95 29.32 90.87
CA THR A 52 33.06 27.90 90.50
C THR A 52 32.50 27.57 89.11
N SER A 53 32.80 26.38 88.63
CA SER A 53 32.34 25.89 87.34
C SER A 53 32.15 24.38 87.40
N VAL A 54 31.15 23.87 86.66
CA VAL A 54 30.79 22.46 86.77
C VAL A 54 30.98 21.71 85.46
N ILE A 55 32.01 20.88 85.42
CA ILE A 55 32.31 20.08 84.23
C ILE A 55 31.51 18.79 84.30
N THR A 56 30.92 18.41 83.17
CA THR A 56 29.97 17.29 83.12
C THR A 56 29.97 16.67 81.73
N GLN A 57 29.92 15.35 81.68
CA GLN A 57 30.03 14.64 80.41
C GLN A 57 28.67 14.41 79.74
N ALA A 58 28.62 14.59 78.41
CA ALA A 58 27.37 14.50 77.66
C ALA A 58 27.42 13.62 76.40
N CYS A 59 26.26 13.49 75.76
CA CYS A 59 26.11 12.95 74.40
C CYS A 59 26.10 11.43 74.34
N PRO A 60 25.23 10.81 75.14
CA PRO A 60 25.16 9.35 75.28
C PRO A 60 24.80 8.66 73.98
N LYS A 61 23.85 9.22 73.24
CA LYS A 61 23.34 8.58 72.03
C LYS A 61 24.38 7.66 71.37
N VAL A 62 24.06 6.38 71.33
CA VAL A 62 24.88 5.42 70.60
C VAL A 62 24.34 5.28 69.19
N SER A 63 25.19 5.54 68.22
CA SER A 63 24.81 5.41 66.82
C SER A 63 25.64 4.32 66.19
N PHE A 64 25.15 3.74 65.11
CA PHE A 64 25.93 2.81 64.32
C PHE A 64 26.59 3.52 63.13
N GLU A 65 27.88 3.27 62.93
CA GLU A 65 28.63 3.90 61.86
C GLU A 65 29.20 2.84 60.92
N PRO A 66 29.34 3.19 59.63
CA PRO A 66 29.80 2.22 58.64
C PRO A 66 31.26 1.88 58.86
N ILE A 67 31.61 0.61 58.69
CA ILE A 67 32.97 0.15 58.87
C ILE A 67 33.65 0.11 57.51
N PRO A 68 34.81 0.77 57.40
CA PRO A 68 35.62 0.81 56.18
C PRO A 68 36.08 -0.58 55.76
N ILE A 69 35.93 -0.91 54.49
CA ILE A 69 36.43 -2.17 53.96
C ILE A 69 37.62 -1.89 53.05
N HIS A 70 38.69 -2.65 53.23
CA HIS A 70 39.87 -2.54 52.37
C HIS A 70 40.02 -3.80 51.54
N TYR A 71 40.25 -3.63 50.24
CA TYR A 71 40.61 -4.76 49.41
C TYR A 71 42.11 -4.94 49.48
N CYS A 72 42.54 -6.12 49.94
CA CYS A 72 43.96 -6.41 50.08
C CYS A 72 44.45 -7.37 49.01
N ALA A 73 45.58 -7.03 48.41
CA ALA A 73 46.18 -7.88 47.38
C ALA A 73 46.48 -9.25 47.97
N PRO A 74 46.14 -10.30 47.22
CA PRO A 74 46.34 -11.71 47.62
C PRO A 74 47.79 -12.02 47.92
N ALA A 75 48.07 -13.27 48.29
CA ALA A 75 49.43 -13.70 48.57
C ALA A 75 50.26 -13.80 47.29
N GLY A 76 51.31 -13.00 47.20
CA GLY A 76 52.18 -13.02 46.04
C GLY A 76 51.84 -11.97 45.00
N PHE A 77 50.83 -11.15 45.28
CA PHE A 77 50.45 -10.06 44.38
C PHE A 77 50.49 -8.73 45.12
N ALA A 78 50.35 -7.64 44.37
CA ALA A 78 50.29 -6.32 44.98
C ALA A 78 49.30 -5.42 44.25
N ILE A 79 49.09 -4.23 44.80
CA ILE A 79 48.20 -3.26 44.19
C ILE A 79 48.97 -2.04 43.72
N LEU A 80 48.77 -1.67 42.46
CA LEU A 80 49.39 -0.49 41.90
C LEU A 80 48.42 0.68 42.03
N LYS A 81 48.93 1.80 42.53
CA LYS A 81 48.08 2.95 42.82
C LYS A 81 48.53 4.20 42.06
N CYS A 82 47.61 4.78 41.30
CA CYS A 82 47.90 6.01 40.59
C CYS A 82 47.87 7.18 41.57
N ASN A 83 48.89 8.04 41.51
CA ASN A 83 48.93 9.22 42.35
C ASN A 83 48.63 10.49 41.57
N ASN A 84 48.58 10.37 40.24
CA ASN A 84 48.18 11.46 39.37
C ASN A 84 46.81 11.96 39.79
N LYS A 85 46.77 13.14 40.41
CA LYS A 85 45.57 13.64 41.08
C LYS A 85 44.37 13.84 40.15
N THR A 86 44.61 13.86 38.84
CA THR A 86 43.51 13.98 37.88
C THR A 86 43.61 12.91 36.81
N PHE A 87 43.75 11.66 37.24
CA PHE A 87 43.85 10.53 36.33
C PHE A 87 42.48 10.18 35.73
N ASN A 88 42.48 9.62 34.53
CA ASN A 88 41.23 9.33 33.84
C ASN A 88 40.87 7.84 33.74
N GLY A 89 41.69 6.99 34.33
CA GLY A 89 41.41 5.57 34.36
C GLY A 89 42.24 4.74 33.39
N THR A 90 42.04 4.97 32.10
CA THR A 90 42.81 4.27 31.08
C THR A 90 44.07 5.05 30.74
N GLY A 91 45.16 4.34 30.46
CA GLY A 91 46.40 4.97 30.09
C GLY A 91 47.53 4.67 31.07
N PRO A 92 48.72 5.23 30.80
CA PRO A 92 49.92 5.02 31.61
C PRO A 92 50.05 6.10 32.68
N CYS A 93 50.28 5.69 33.92
CA CYS A 93 50.48 6.65 35.00
C CYS A 93 51.98 6.84 35.21
N THR A 94 52.43 8.08 35.19
CA THR A 94 53.84 8.40 35.34
C THR A 94 54.26 8.54 36.80
N ASN A 95 53.27 8.52 37.69
CA ASN A 95 53.52 8.55 39.13
C ASN A 95 52.75 7.42 39.81
N VAL A 96 53.48 6.43 40.33
CA VAL A 96 52.87 5.20 40.82
C VAL A 96 53.36 4.79 42.21
N SER A 97 52.45 4.24 43.01
CA SER A 97 52.79 3.69 44.32
C SER A 97 52.49 2.20 44.35
N THR A 98 53.02 1.52 45.36
CA THR A 98 52.68 0.12 45.58
C THR A 98 52.18 -0.09 47.01
N VAL A 99 50.92 -0.48 47.12
CA VAL A 99 50.29 -0.69 48.42
C VAL A 99 49.75 -2.11 48.54
N GLN A 100 49.61 -2.59 49.77
CA GLN A 100 49.11 -3.93 50.02
C GLN A 100 47.59 -3.93 50.05
N CYS A 101 47.01 -2.77 50.35
CA CYS A 101 45.57 -2.61 50.52
C CYS A 101 45.05 -1.32 49.91
N THR A 102 43.83 -1.36 49.39
CA THR A 102 43.16 -0.16 48.90
C THR A 102 42.78 0.72 50.07
N HIS A 103 42.26 1.91 49.78
CA HIS A 103 41.88 2.81 50.86
C HIS A 103 40.62 2.30 51.55
N GLY A 104 40.10 3.09 52.48
CA GLY A 104 38.92 2.69 53.24
C GLY A 104 37.63 3.02 52.54
N ILE A 105 36.98 1.99 52.00
CA ILE A 105 35.73 2.18 51.28
C ILE A 105 34.55 1.80 52.17
N ARG A 106 33.58 2.71 52.30
CA ARG A 106 32.37 2.45 53.06
C ARG A 106 31.21 2.20 52.12
N PRO A 107 30.99 0.93 51.74
CA PRO A 107 29.98 0.58 50.74
C PRO A 107 28.61 1.20 51.04
N VAL A 108 28.05 1.84 50.02
CA VAL A 108 26.75 2.50 50.12
C VAL A 108 26.01 2.32 48.80
N VAL A 109 24.98 1.47 48.80
CA VAL A 109 24.13 1.29 47.62
C VAL A 109 23.36 2.57 47.34
N SER A 110 23.33 2.97 46.08
CA SER A 110 22.62 4.18 45.68
C SER A 110 22.66 4.40 44.18
N SER A 111 21.74 5.24 43.70
CA SER A 111 21.74 5.67 42.30
C SER A 111 21.67 7.18 42.23
N GLN A 112 22.14 7.74 41.13
CA GLN A 112 22.13 9.19 40.93
C GLN A 112 23.19 9.93 41.75
N LEU A 113 23.16 9.78 43.07
CA LEU A 113 24.12 10.45 43.93
C LEU A 113 25.04 9.47 44.64
N LEU A 114 26.34 9.75 44.59
CA LEU A 114 27.35 8.94 45.27
C LEU A 114 27.63 9.49 46.65
N LEU A 115 27.35 8.69 47.67
CA LEU A 115 27.42 9.13 49.06
C LEU A 115 28.65 8.59 49.80
N ASN A 116 29.09 9.33 50.81
CA ASN A 116 30.26 8.93 51.59
C ASN A 116 31.37 8.35 50.75
N GLY A 117 31.84 9.15 49.79
CA GLY A 117 32.85 8.69 48.86
C GLY A 117 34.08 9.55 48.94
N SER A 118 35.03 9.31 48.04
CA SER A 118 36.29 10.04 48.02
C SER A 118 36.19 11.24 47.10
N LEU A 119 36.47 12.42 47.65
CA LEU A 119 36.48 13.64 46.85
C LEU A 119 37.72 13.68 45.98
N ALA A 120 37.60 14.28 44.80
CA ALA A 120 38.75 14.47 43.93
C ALA A 120 39.70 15.46 44.58
N GLU A 121 41.00 15.29 44.36
CA GLU A 121 42.00 16.10 45.04
C GLU A 121 42.10 17.52 44.49
N GLU A 122 42.25 17.66 43.18
CA GLU A 122 42.41 18.97 42.57
C GLU A 122 41.07 19.60 42.20
N GLU A 123 40.68 19.46 40.93
CA GLU A 123 39.41 20.02 40.46
C GLU A 123 38.38 18.91 40.23
N VAL A 124 37.16 19.30 39.85
CA VAL A 124 36.11 18.34 39.58
C VAL A 124 36.53 17.43 38.44
N VAL A 125 36.25 16.14 38.58
CA VAL A 125 36.62 15.16 37.56
C VAL A 125 35.38 14.45 37.02
N ILE A 126 35.33 14.28 35.71
CA ILE A 126 34.30 13.45 35.11
C ILE A 126 34.96 12.29 34.38
N ARG A 127 34.32 11.13 34.41
CA ARG A 127 34.89 9.93 33.82
C ARG A 127 33.81 9.13 33.09
N SER A 128 34.24 8.37 32.09
CA SER A 128 33.33 7.51 31.35
C SER A 128 34.14 6.42 30.69
N CYS A 129 33.57 5.22 30.61
CA CYS A 129 34.22 4.11 29.93
C CYS A 129 34.30 4.41 28.43
N ASN A 130 33.51 5.39 28.01
CA ASN A 130 33.43 5.81 26.61
C ASN A 130 32.46 6.97 26.49
N PHE A 131 33.02 8.18 26.39
CA PHE A 131 32.19 9.39 26.34
C PHE A 131 31.31 9.43 25.10
N THR A 132 31.72 8.73 24.06
CA THR A 132 31.03 8.79 22.76
C THR A 132 29.80 7.88 22.74
N ASP A 133 29.74 6.99 23.72
CA ASP A 133 28.61 6.08 23.88
C ASP A 133 27.64 6.63 24.93
N ASN A 134 26.54 7.21 24.47
CA ASN A 134 25.58 7.85 25.37
C ASN A 134 25.03 6.90 26.45
N ALA A 135 25.09 5.60 26.18
CA ALA A 135 24.62 4.58 27.12
C ALA A 135 25.56 4.47 28.32
N LYS A 136 26.85 4.50 28.06
CA LYS A 136 27.84 4.40 29.13
C LYS A 136 27.63 5.51 30.15
N THR A 137 27.61 5.13 31.42
CA THR A 137 27.36 6.05 32.52
C THR A 137 28.52 6.99 32.77
N ILE A 138 28.20 8.26 32.99
CA ILE A 138 29.21 9.27 33.32
C ILE A 138 29.34 9.37 34.83
N ILE A 139 30.57 9.28 35.32
CA ILE A 139 30.83 9.35 36.75
C ILE A 139 31.45 10.69 37.12
N VAL A 140 30.71 11.51 37.85
CA VAL A 140 31.23 12.80 38.29
C VAL A 140 31.79 12.68 39.68
N GLN A 141 32.92 13.35 39.93
CA GLN A 141 33.55 13.33 41.26
C GLN A 141 33.90 14.74 41.70
N LEU A 142 33.08 15.30 42.58
CA LEU A 142 33.29 16.66 43.06
C LEU A 142 34.59 16.75 43.86
N ASN A 143 35.10 17.96 44.01
CA ASN A 143 36.26 18.18 44.86
C ASN A 143 35.83 18.81 46.17
N THR A 144 34.52 19.04 46.30
CA THR A 144 33.92 19.57 47.52
C THR A 144 32.60 18.87 47.78
N SER A 145 32.47 18.29 48.97
CA SER A 145 31.26 17.53 49.30
C SER A 145 30.07 18.41 49.63
N VAL A 146 28.88 17.98 49.20
CA VAL A 146 27.64 18.69 49.51
C VAL A 146 26.85 17.93 50.56
N GLU A 147 26.74 18.52 51.76
CA GLU A 147 26.02 17.89 52.86
C GLU A 147 24.55 17.75 52.52
N ILE A 148 23.97 16.61 52.87
CA ILE A 148 22.57 16.33 52.60
C ILE A 148 21.91 15.69 53.83
N ASN A 149 20.94 16.38 54.42
CA ASN A 149 20.34 15.92 55.67
C ASN A 149 19.02 15.19 55.48
N CYS A 150 19.02 13.90 55.78
CA CYS A 150 17.84 13.06 55.60
C CYS A 150 17.29 12.54 56.93
N THR A 151 16.05 12.89 57.23
CA THR A 151 15.39 12.39 58.42
C THR A 151 14.43 11.27 58.07
N GLY A 152 14.20 10.37 59.02
CA GLY A 152 13.30 9.26 58.81
C GLY A 152 11.89 9.76 58.53
N ALA A 153 11.63 10.98 58.96
CA ALA A 153 10.33 11.62 58.73
C ALA A 153 9.96 11.54 57.26
N GLY A 154 10.96 11.55 56.39
CA GLY A 154 10.73 11.31 54.98
C GLY A 154 11.13 12.46 54.06
N HIS A 155 12.25 13.10 54.35
CA HIS A 155 12.74 14.15 53.45
C HIS A 155 14.24 14.42 53.62
N CYS A 156 14.86 14.93 52.56
CA CYS A 156 16.27 15.26 52.56
C CYS A 156 16.48 16.74 52.27
N ASN A 157 17.41 17.37 52.99
CA ASN A 157 17.68 18.78 52.81
C ASN A 157 19.06 19.02 52.22
N ILE A 158 19.14 20.02 51.34
CA ILE A 158 20.41 20.38 50.71
C ILE A 158 20.49 21.89 50.56
N ALA A 159 21.57 22.49 51.03
CA ALA A 159 21.78 23.92 50.86
C ALA A 159 21.74 24.24 49.37
N ARG A 160 20.73 25.00 48.94
CA ARG A 160 20.54 25.26 47.52
C ARG A 160 21.74 25.98 46.92
N ALA A 161 22.26 26.96 47.65
CA ALA A 161 23.46 27.68 47.22
C ALA A 161 24.61 26.71 46.90
N LYS A 162 24.87 25.76 47.80
CA LYS A 162 25.94 24.79 47.62
C LYS A 162 25.70 23.90 46.42
N TRP A 163 24.44 23.56 46.18
CA TRP A 163 24.10 22.69 45.05
C TRP A 163 24.27 23.43 43.73
N ASN A 164 23.61 24.59 43.63
CA ASN A 164 23.72 25.44 42.46
C ASN A 164 25.17 25.57 42.02
N ASN A 165 26.05 25.91 42.97
CA ASN A 165 27.47 26.04 42.68
C ASN A 165 28.09 24.73 42.21
N THR A 166 27.69 23.62 42.83
CA THR A 166 28.19 22.30 42.42
C THR A 166 27.78 21.96 41.00
N LEU A 167 26.55 22.33 40.65
CA LEU A 167 26.07 22.14 39.28
C LEU A 167 26.94 22.89 38.28
N LYS A 168 27.16 24.18 38.54
CA LYS A 168 28.00 25.00 37.66
C LYS A 168 29.31 24.30 37.34
N GLN A 169 30.02 23.86 38.37
CA GLN A 169 31.30 23.18 38.21
C GLN A 169 31.18 21.94 37.33
N ILE A 170 30.11 21.18 37.52
CA ILE A 170 29.87 20.00 36.71
C ILE A 170 29.61 20.41 35.26
N ALA A 171 28.63 21.30 35.09
CA ALA A 171 28.27 21.79 33.77
C ALA A 171 29.49 22.27 32.99
N SER A 172 30.36 23.02 33.66
CA SER A 172 31.55 23.55 33.03
C SER A 172 32.51 22.46 32.56
N LYS A 173 32.71 21.44 33.38
CA LYS A 173 33.62 20.35 33.03
C LYS A 173 33.01 19.43 31.96
N LEU A 174 31.71 19.61 31.72
CA LEU A 174 31.02 18.88 30.66
C LEU A 174 31.08 19.72 29.39
N ARG A 175 30.90 21.02 29.54
CA ARG A 175 31.06 21.97 28.44
C ARG A 175 32.48 21.85 27.90
N GLU A 176 33.38 21.38 28.75
CA GLU A 176 34.78 21.20 28.40
C GLU A 176 35.05 19.86 27.73
N GLN A 177 34.04 18.98 27.72
CA GLN A 177 34.17 17.67 27.10
C GLN A 177 33.31 17.55 25.84
N PHE A 178 32.32 18.42 25.71
CA PHE A 178 31.39 18.35 24.58
C PHE A 178 31.24 19.71 23.88
N GLY A 179 32.36 20.34 23.53
CA GLY A 179 32.32 21.61 22.82
C GLY A 179 32.17 22.79 23.75
N ASN A 180 33.20 23.64 23.78
CA ASN A 180 33.31 24.71 24.76
C ASN A 180 32.18 25.74 24.75
N ASN A 181 31.37 25.74 23.70
CA ASN A 181 30.24 26.66 23.64
C ASN A 181 28.93 25.90 23.46
N LYS A 182 28.71 24.91 24.31
CA LYS A 182 27.45 24.17 24.32
C LYS A 182 26.64 24.49 25.56
N THR A 183 25.33 24.51 25.41
CA THR A 183 24.44 24.70 26.54
C THR A 183 24.22 23.36 27.24
N ILE A 184 24.49 23.32 28.53
CA ILE A 184 24.32 22.09 29.30
C ILE A 184 22.99 22.09 30.04
N ILE A 185 22.19 21.05 29.81
CA ILE A 185 20.88 20.96 30.43
C ILE A 185 20.77 19.74 31.35
N PHE A 186 20.29 19.97 32.57
CA PHE A 186 20.03 18.89 33.51
C PHE A 186 18.52 18.66 33.60
N LYS A 187 18.09 17.43 33.33
CA LYS A 187 16.67 17.11 33.38
C LYS A 187 16.42 15.87 34.23
N GLN A 188 15.23 15.82 34.82
CA GLN A 188 14.81 14.68 35.61
C GLN A 188 14.99 13.37 34.84
N SER A 189 14.97 12.24 35.55
CA SER A 189 15.10 10.94 34.89
C SER A 189 14.00 10.75 33.85
N SER A 190 14.34 10.11 32.74
CA SER A 190 13.36 9.88 31.68
C SER A 190 12.28 8.89 32.07
N GLY A 191 12.49 8.18 33.17
CA GLY A 191 11.52 7.23 33.67
C GLY A 191 12.08 5.82 33.83
N GLY A 192 11.39 5.00 34.63
CA GLY A 192 11.82 3.64 34.87
C GLY A 192 11.41 3.16 36.25
N ASP A 193 11.95 2.02 36.68
CA ASP A 193 11.71 1.50 38.02
C ASP A 193 12.10 2.53 39.09
N PRO A 194 11.41 2.50 40.24
CA PRO A 194 11.55 3.53 41.27
C PRO A 194 13.00 3.73 41.67
N GLU A 195 13.75 2.63 41.73
CA GLU A 195 15.14 2.67 42.16
C GLU A 195 16.01 3.57 41.29
N ILE A 196 15.65 3.73 40.03
CA ILE A 196 16.49 4.48 39.09
C ILE A 196 15.88 5.83 38.67
N VAL A 197 14.71 6.13 39.20
CA VAL A 197 14.02 7.38 38.89
C VAL A 197 14.11 8.32 40.07
N THR A 198 14.22 7.74 41.26
CA THR A 198 14.37 8.52 42.48
C THR A 198 15.83 8.46 42.91
N HIS A 199 16.25 9.37 43.76
CA HIS A 199 17.56 9.22 44.38
C HIS A 199 17.43 8.13 45.42
N TRP A 200 17.75 6.91 44.99
CA TRP A 200 17.57 5.72 45.82
C TRP A 200 18.88 5.37 46.50
N PHE A 201 18.81 5.08 47.80
CA PHE A 201 19.99 4.73 48.57
C PHE A 201 19.62 4.02 49.86
N ASN A 202 20.59 3.37 50.49
CA ASN A 202 20.34 2.65 51.72
C ASN A 202 20.69 3.47 52.97
N CYS A 203 20.01 3.16 54.06
CA CYS A 203 20.41 3.64 55.37
C CYS A 203 20.40 2.43 56.28
N GLY A 204 21.08 1.38 55.86
CA GLY A 204 21.13 0.14 56.59
C GLY A 204 19.76 -0.46 56.79
N GLY A 205 19.43 -1.46 55.98
CA GLY A 205 18.14 -2.11 56.08
C GLY A 205 17.03 -1.34 55.38
N GLU A 206 16.87 -0.07 55.76
CA GLU A 206 15.87 0.81 55.17
C GLU A 206 16.38 1.47 53.89
N PHE A 207 15.50 1.62 52.92
CA PHE A 207 15.86 2.27 51.66
C PHE A 207 15.06 3.55 51.41
N PHE A 208 15.77 4.62 51.07
CA PHE A 208 15.14 5.89 50.74
C PHE A 208 14.92 6.01 49.24
N TYR A 209 13.73 6.44 48.85
CA TYR A 209 13.44 6.81 47.46
C TYR A 209 13.13 8.30 47.42
N CYS A 210 13.99 9.09 46.79
CA CYS A 210 13.87 10.54 46.89
C CYS A 210 13.61 11.25 45.57
N ASN A 211 12.65 12.17 45.59
CA ASN A 211 12.29 12.92 44.40
C ASN A 211 13.36 13.94 44.05
N SER A 212 14.37 13.49 43.33
CA SER A 212 15.52 14.31 42.98
C SER A 212 15.25 15.13 41.72
N THR A 213 14.00 15.51 41.51
CA THR A 213 13.62 16.26 40.33
C THR A 213 14.07 17.71 40.44
N GLN A 214 14.20 18.21 41.67
CA GLN A 214 14.62 19.58 41.91
C GLN A 214 16.13 19.75 41.78
N LEU A 215 16.86 18.64 41.79
CA LEU A 215 18.32 18.70 41.69
C LEU A 215 18.74 18.72 40.22
N PHE A 216 17.90 18.16 39.36
CA PHE A 216 18.22 18.05 37.95
C PHE A 216 17.14 18.72 37.11
N ASN A 217 17.13 20.05 37.18
CA ASN A 217 16.13 20.85 36.50
C ASN A 217 16.67 22.25 36.23
N SER A 218 17.67 22.34 35.36
CA SER A 218 18.30 23.62 35.06
C SER A 218 19.00 23.64 33.70
N THR A 219 19.14 24.83 33.15
CA THR A 219 19.88 25.03 31.90
C THR A 219 21.09 25.93 32.16
N TRP A 220 22.22 25.58 31.56
CA TRP A 220 23.46 26.28 31.87
C TRP A 220 24.14 26.92 30.66
N PHE A 221 24.60 28.16 30.86
CA PHE A 221 25.22 28.94 29.79
C PHE A 221 24.19 29.26 28.70
N ASN A 222 23.02 29.73 29.12
CA ASN A 222 21.97 30.13 28.18
C ASN A 222 21.71 31.63 28.28
N SER A 223 22.56 32.43 27.64
CA SER A 223 22.49 33.88 27.73
C SER A 223 21.84 34.50 26.50
N GLY A 235 14.38 29.44 44.37
CA GLY A 235 13.40 29.82 45.37
C GLY A 235 13.98 29.93 46.77
N SER A 236 13.75 28.89 47.58
CA SER A 236 14.18 28.89 48.98
C SER A 236 15.70 28.90 49.11
N ASP A 237 16.17 29.05 50.34
CA ASP A 237 17.60 28.98 50.62
C ASP A 237 18.05 27.54 50.86
N THR A 238 17.06 26.65 50.96
CA THR A 238 17.33 25.22 51.18
C THR A 238 16.32 24.33 50.43
N ILE A 239 16.86 23.46 49.57
CA ILE A 239 16.05 22.52 48.81
C ILE A 239 15.66 21.34 49.69
N THR A 240 14.40 20.94 49.62
CA THR A 240 13.92 19.82 50.42
C THR A 240 13.31 18.74 49.54
N LEU A 241 13.89 17.54 49.58
CA LEU A 241 13.42 16.44 48.76
C LEU A 241 12.44 15.54 49.51
N PRO A 242 11.31 15.23 48.87
CA PRO A 242 10.32 14.27 49.38
C PRO A 242 10.86 12.85 49.30
N CYS A 243 10.65 12.06 50.35
CA CYS A 243 11.18 10.70 50.39
C CYS A 243 10.17 9.65 50.81
N ARG A 244 10.36 8.45 50.27
CA ARG A 244 9.60 7.28 50.62
C ARG A 244 10.58 6.30 51.23
N ILE A 245 10.26 5.73 52.39
CA ILE A 245 11.18 4.84 53.08
C ILE A 245 10.65 3.42 53.19
N LYS A 246 11.30 2.48 52.50
CA LYS A 246 10.87 1.10 52.47
C LYS A 246 12.00 0.14 52.88
N GLN A 247 11.64 -0.94 53.56
CA GLN A 247 12.60 -1.98 53.89
C GLN A 247 12.73 -2.98 52.76
N ILE A 248 13.92 -3.55 52.60
CA ILE A 248 14.16 -4.51 51.55
C ILE A 248 15.06 -5.64 52.06
N ILE A 249 14.44 -6.68 52.59
CA ILE A 249 15.17 -7.80 53.17
C ILE A 249 16.03 -8.50 52.13
N ASN A 250 15.53 -8.61 50.91
CA ASN A 250 16.28 -9.32 49.86
C ASN A 250 17.60 -8.63 49.53
N MET A 251 17.74 -7.39 50.01
CA MET A 251 18.95 -6.62 49.78
C MET A 251 19.87 -6.68 50.98
N TRP A 252 19.45 -7.42 52.00
CA TRP A 252 20.25 -7.66 53.19
C TRP A 252 21.41 -8.58 52.86
N CYS A 253 22.50 -8.45 53.59
CA CYS A 253 23.67 -9.30 53.41
C CYS A 253 23.37 -10.76 53.67
N LYS A 254 23.66 -11.61 52.68
CA LYS A 254 23.42 -13.03 52.81
C LYS A 254 24.66 -13.80 52.40
N VAL A 255 25.50 -14.11 53.40
CA VAL A 255 26.69 -14.91 53.17
C VAL A 255 26.46 -16.34 53.67
N GLY A 256 26.28 -17.27 52.75
CA GLY A 256 26.00 -18.64 53.10
C GLY A 256 24.65 -18.79 53.76
N LYS A 257 24.63 -19.48 54.91
CA LYS A 257 23.40 -19.73 55.65
C LYS A 257 22.99 -18.50 56.45
N MET A 258 23.94 -17.64 56.78
CA MET A 258 23.69 -16.50 57.65
C MET A 258 23.16 -15.29 56.90
N MET A 259 22.17 -14.62 57.50
CA MET A 259 21.69 -13.34 57.00
C MET A 259 22.03 -12.29 58.04
N TYR A 260 22.54 -11.15 57.58
CA TYR A 260 22.98 -10.10 58.49
C TYR A 260 21.98 -8.95 58.56
N ALA A 261 21.33 -8.85 59.71
CA ALA A 261 20.34 -7.80 59.94
C ALA A 261 21.02 -6.50 60.33
N PRO A 262 20.90 -5.46 59.50
CA PRO A 262 21.53 -4.18 59.78
C PRO A 262 20.84 -3.50 60.96
N PRO A 263 21.50 -2.50 61.56
CA PRO A 263 20.94 -1.74 62.68
C PRO A 263 19.52 -1.21 62.40
N ILE A 264 18.81 -0.91 63.48
CA ILE A 264 17.36 -0.88 63.49
C ILE A 264 16.67 0.33 62.83
N SER A 265 17.08 1.54 63.19
CA SER A 265 16.50 2.76 62.60
C SER A 265 17.17 4.05 63.05
N GLY A 266 16.60 4.69 64.08
CA GLY A 266 17.24 5.86 64.66
C GLY A 266 18.64 5.43 65.06
N GLN A 267 18.82 4.12 64.97
CA GLN A 267 20.09 3.45 65.18
C GLN A 267 21.19 4.03 64.28
N ILE A 268 21.08 3.80 62.98
CA ILE A 268 22.01 4.37 62.01
C ILE A 268 21.62 5.79 61.67
N ARG A 269 22.61 6.64 61.43
CA ARG A 269 22.36 8.03 61.11
C ARG A 269 22.21 8.24 59.60
N CYS A 270 20.97 8.32 59.12
CA CYS A 270 20.72 8.64 57.72
C CYS A 270 21.23 10.05 57.45
N SER A 271 21.47 10.35 56.18
CA SER A 271 22.07 11.64 55.78
C SER A 271 23.59 11.62 55.74
N SER A 272 24.16 12.05 54.62
CA SER A 272 25.57 11.88 54.38
C SER A 272 26.17 13.03 53.56
N ASN A 273 27.26 12.74 52.86
CA ASN A 273 27.94 13.74 52.04
C ASN A 273 27.98 13.31 50.59
N ILE A 274 27.44 14.15 49.72
CA ILE A 274 27.49 13.90 48.29
C ILE A 274 28.90 14.19 47.80
N THR A 275 29.52 13.21 47.15
CA THR A 275 30.87 13.37 46.65
C THR A 275 30.94 13.06 45.17
N GLY A 276 29.83 12.57 44.63
CA GLY A 276 29.78 12.21 43.22
C GLY A 276 28.38 12.16 42.69
N LEU A 277 28.26 12.03 41.38
CA LEU A 277 26.97 11.87 40.71
C LEU A 277 27.08 10.78 39.66
N LEU A 278 25.93 10.30 39.20
CA LEU A 278 25.92 9.34 38.11
C LEU A 278 24.99 9.84 37.00
N LEU A 279 25.58 10.56 36.04
CA LEU A 279 24.82 11.14 34.94
C LEU A 279 24.82 10.23 33.71
N THR A 280 23.79 10.37 32.89
CA THR A 280 23.71 9.67 31.62
C THR A 280 23.29 10.66 30.56
N ARG A 281 23.97 10.65 29.42
CA ARG A 281 23.78 11.68 28.40
C ARG A 281 22.71 11.31 27.39
N ASP A 282 21.92 12.29 26.99
CA ASP A 282 20.91 12.09 25.96
C ASP A 282 21.54 12.25 24.58
N GLY A 283 21.49 11.18 23.78
CA GLY A 283 22.14 11.16 22.49
C GLY A 283 21.24 11.56 21.33
N GLY A 284 21.70 11.25 20.12
CA GLY A 284 20.96 11.53 18.92
C GLY A 284 20.75 13.02 18.67
N ASN A 285 19.52 13.36 18.28
CA ASN A 285 19.14 14.73 17.94
C ASN A 285 19.82 15.81 18.78
N SER A 286 20.05 15.51 20.05
CA SER A 286 20.64 16.48 20.97
C SER A 286 22.14 16.65 20.73
N ASN A 287 22.55 16.63 19.47
CA ASN A 287 23.94 16.81 19.10
C ASN A 287 24.15 18.09 18.29
N ASN A 288 23.49 19.16 18.71
CA ASN A 288 23.62 20.45 18.04
C ASN A 288 24.12 21.56 18.96
N GLU A 289 23.19 22.36 19.47
CA GLU A 289 23.56 23.50 20.32
C GLU A 289 23.67 23.13 21.80
N SER A 290 22.80 22.25 22.28
CA SER A 290 22.84 21.86 23.69
C SER A 290 22.93 20.36 23.91
N GLU A 291 23.42 19.98 25.08
CA GLU A 291 23.47 18.59 25.49
C GLU A 291 22.59 18.38 26.73
N ILE A 292 21.99 17.20 26.85
CA ILE A 292 21.11 16.93 27.98
C ILE A 292 21.57 15.75 28.83
N PHE A 293 21.68 15.99 30.13
CA PHE A 293 22.13 14.97 31.07
C PHE A 293 21.05 14.68 32.12
N ARG A 294 20.88 13.41 32.43
CA ARG A 294 19.87 13.00 33.40
C ARG A 294 20.51 12.10 34.45
N PRO A 295 19.96 12.10 35.66
CA PRO A 295 20.46 11.27 36.76
C PRO A 295 20.36 9.80 36.37
N GLY A 296 21.44 9.05 36.57
CA GLY A 296 21.51 7.68 36.08
C GLY A 296 21.83 6.67 37.13
N GLY A 297 22.68 5.71 36.75
CA GLY A 297 23.10 4.67 37.69
C GLY A 297 22.08 3.56 37.83
N GLY A 298 21.99 2.99 39.02
CA GLY A 298 21.20 1.81 39.26
C GLY A 298 22.05 0.59 38.97
N ASP A 299 23.21 0.84 38.35
CA ASP A 299 24.21 -0.18 38.08
C ASP A 299 25.38 -0.04 39.05
N MET A 300 25.45 -0.92 40.04
CA MET A 300 26.38 -0.76 41.15
C MET A 300 27.86 -0.87 40.76
N ARG A 301 28.13 -1.53 39.65
CA ARG A 301 29.50 -1.65 39.18
C ARG A 301 30.06 -0.26 38.88
N ASP A 302 29.21 0.63 38.38
CA ASP A 302 29.62 2.02 38.15
C ASP A 302 30.00 2.68 39.45
N ASN A 303 29.26 2.38 40.52
CA ASN A 303 29.58 2.90 41.84
C ASN A 303 30.98 2.49 42.28
N TRP A 304 31.25 1.19 42.24
CA TRP A 304 32.55 0.67 42.64
C TRP A 304 33.70 1.26 41.83
N ARG A 305 33.48 1.44 40.53
CA ARG A 305 34.50 2.06 39.68
C ARG A 305 34.81 3.47 40.15
N SER A 306 33.81 4.17 40.69
CA SER A 306 34.00 5.54 41.15
C SER A 306 35.13 5.62 42.17
N GLU A 307 35.38 4.52 42.88
CA GLU A 307 36.38 4.49 43.94
C GLU A 307 37.63 3.69 43.57
N LEU A 308 37.48 2.77 42.63
CA LEU A 308 38.56 1.84 42.29
C LEU A 308 39.25 2.17 40.97
N TYR A 309 39.02 3.37 40.44
CA TYR A 309 39.59 3.76 39.15
C TYR A 309 41.11 3.74 39.19
N LYS A 310 41.68 4.11 40.34
CA LYS A 310 43.12 4.29 40.46
C LYS A 310 43.90 3.07 40.97
N TYR A 311 43.24 1.90 41.01
CA TYR A 311 43.92 0.69 41.46
C TYR A 311 43.98 -0.37 40.37
N LYS A 312 44.98 -1.24 40.47
CA LYS A 312 45.14 -2.39 39.57
C LYS A 312 45.99 -3.45 40.27
N VAL A 313 45.56 -4.70 40.17
CA VAL A 313 46.26 -5.78 40.88
C VAL A 313 47.26 -6.48 39.97
N VAL A 314 48.47 -6.69 40.49
CA VAL A 314 49.57 -7.26 39.71
C VAL A 314 50.38 -8.25 40.52
N LYS A 315 51.20 -9.04 39.84
CA LYS A 315 52.14 -9.95 40.50
C LYS A 315 53.40 -9.22 40.92
N ILE A 316 53.85 -9.46 42.15
CA ILE A 316 55.06 -8.82 42.65
C ILE A 316 56.31 -9.56 42.14
N GLU A 317 56.97 -8.97 41.15
CA GLU A 317 58.15 -9.56 40.54
C GLU A 317 59.41 -9.15 41.29
N GLN B 1 10.12 6.00 19.30
CA GLN B 1 9.93 4.74 18.62
C GLN B 1 10.01 3.58 19.59
N VAL B 2 9.18 3.59 20.63
CA VAL B 2 9.17 2.49 21.58
C VAL B 2 8.64 1.22 20.92
N GLN B 3 9.53 0.25 20.73
CA GLN B 3 9.16 -0.98 20.06
C GLN B 3 9.60 -2.21 20.83
N LEU B 4 8.74 -3.22 20.83
CA LEU B 4 9.05 -4.48 21.45
C LEU B 4 8.69 -5.59 20.47
N VAL B 5 9.70 -6.24 19.92
CA VAL B 5 9.47 -7.28 18.92
C VAL B 5 9.77 -8.67 19.49
N GLU B 6 8.74 -9.50 19.59
CA GLU B 6 8.93 -10.87 20.03
C GLU B 6 9.43 -11.71 18.87
N SER B 7 10.20 -12.74 19.18
CA SER B 7 10.70 -13.66 18.17
C SER B 7 10.94 -15.02 18.82
N GLY B 8 10.79 -16.08 18.03
CA GLY B 8 10.97 -17.42 18.54
C GLY B 8 9.67 -18.19 18.64
N GLY B 9 8.65 -17.69 17.95
CA GLY B 9 7.38 -18.38 17.89
C GLY B 9 7.52 -19.64 17.05
N GLY B 10 6.49 -20.47 17.05
CA GLY B 10 6.51 -21.70 16.27
C GLY B 10 5.85 -22.86 16.97
N VAL B 11 6.28 -24.07 16.64
CA VAL B 11 5.70 -25.27 17.23
C VAL B 11 6.66 -25.90 18.23
N VAL B 12 6.12 -26.75 19.09
CA VAL B 12 6.92 -27.49 20.07
C VAL B 12 6.06 -28.58 20.70
N GLN B 13 6.58 -29.79 20.70
CA GLN B 13 5.78 -30.93 21.17
C GLN B 13 5.77 -31.09 22.68
N PRO B 14 4.61 -31.47 23.22
CA PRO B 14 4.32 -31.60 24.66
C PRO B 14 5.45 -32.30 25.42
N GLY B 15 6.13 -31.55 26.29
CA GLY B 15 7.23 -32.08 27.06
C GLY B 15 8.52 -31.36 26.78
N ARG B 16 8.66 -30.88 25.54
CA ARG B 16 9.88 -30.17 25.14
C ARG B 16 9.94 -28.78 25.74
N SER B 17 10.90 -27.99 25.30
CA SER B 17 11.09 -26.63 25.81
C SER B 17 11.34 -25.63 24.69
N LEU B 18 11.06 -24.36 24.96
CA LEU B 18 11.22 -23.31 23.96
C LEU B 18 11.65 -22.02 24.66
N ARG B 19 12.43 -21.19 23.97
CA ARG B 19 12.87 -19.92 24.52
C ARG B 19 12.56 -18.74 23.60
N LEU B 20 11.72 -17.82 24.08
CA LEU B 20 11.33 -16.65 23.29
C LEU B 20 12.14 -15.42 23.68
N SER B 21 12.25 -14.49 22.74
CA SER B 21 13.03 -13.28 22.97
C SER B 21 12.21 -12.03 22.65
N CYS B 22 12.71 -10.88 23.09
CA CYS B 22 12.02 -9.62 22.87
C CYS B 22 13.03 -8.50 22.61
N ALA B 23 13.24 -8.20 21.34
CA ALA B 23 14.17 -7.14 20.97
C ALA B 23 13.58 -5.78 21.26
N ALA B 24 13.95 -5.21 22.40
CA ALA B 24 13.43 -3.90 22.79
C ALA B 24 14.30 -2.78 22.25
N SER B 25 13.66 -1.67 21.90
CA SER B 25 14.35 -0.53 21.32
C SER B 25 13.54 0.75 21.51
N GLY B 26 14.23 1.89 21.48
CA GLY B 26 13.56 3.17 21.58
C GLY B 26 13.29 3.63 23.00
N PHE B 27 14.03 3.05 23.94
CA PHE B 27 13.90 3.41 25.36
C PHE B 27 14.97 2.66 26.14
N THR B 28 15.61 3.35 27.07
CA THR B 28 16.65 2.71 27.88
C THR B 28 16.12 1.42 28.51
N PHE B 29 16.43 0.29 27.90
CA PHE B 29 15.89 -0.99 28.33
C PHE B 29 16.33 -1.35 29.73
N ARG B 30 17.57 -1.02 30.07
CA ARG B 30 18.15 -1.41 31.35
C ARG B 30 17.58 -0.63 32.54
N ASN B 31 16.48 0.08 32.32
CA ASN B 31 15.88 0.90 33.37
C ASN B 31 14.44 0.51 33.68
N TYR B 32 13.85 -0.34 32.85
CA TYR B 32 12.45 -0.71 33.01
C TYR B 32 12.26 -2.18 33.38
N ALA B 33 11.22 -2.46 34.16
CA ALA B 33 10.84 -3.83 34.43
C ALA B 33 10.11 -4.34 33.19
N MET B 34 10.23 -5.63 32.91
CA MET B 34 9.58 -6.20 31.74
C MET B 34 8.58 -7.30 32.12
N HIS B 35 7.50 -7.38 31.35
CA HIS B 35 6.41 -8.31 31.64
C HIS B 35 6.27 -9.34 30.53
N TRP B 36 5.95 -10.58 30.90
CA TRP B 36 5.48 -11.56 29.93
C TRP B 36 4.01 -11.83 30.21
N VAL B 37 3.20 -11.75 29.16
CA VAL B 37 1.77 -12.01 29.27
C VAL B 37 1.34 -12.91 28.12
N ARG B 38 0.50 -13.89 28.42
CA ARG B 38 0.03 -14.81 27.37
C ARG B 38 -1.48 -14.73 27.23
N GLN B 39 -1.99 -15.24 26.12
CA GLN B 39 -3.42 -15.21 25.86
C GLN B 39 -3.89 -16.43 25.07
N ALA B 40 -4.48 -17.39 25.78
CA ALA B 40 -5.05 -18.57 25.13
C ALA B 40 -5.90 -18.12 23.95
N PRO B 41 -5.82 -18.84 22.83
CA PRO B 41 -6.55 -18.44 21.63
C PRO B 41 -8.04 -18.27 21.92
N GLY B 42 -8.53 -17.03 21.85
CA GLY B 42 -9.93 -16.74 22.07
C GLY B 42 -10.29 -16.43 23.51
N LYS B 43 -9.32 -16.59 24.42
CA LYS B 43 -9.57 -16.35 25.83
C LYS B 43 -8.93 -15.05 26.33
N GLY B 44 -9.03 -14.80 27.62
CA GLY B 44 -8.59 -13.55 28.20
C GLY B 44 -7.09 -13.39 28.36
N LEU B 45 -6.68 -12.33 29.04
CA LEU B 45 -5.27 -12.05 29.27
C LEU B 45 -4.83 -12.61 30.61
N GLU B 46 -3.69 -13.30 30.61
CA GLU B 46 -3.13 -13.89 31.82
C GLU B 46 -1.68 -13.47 31.99
N TRP B 47 -1.39 -12.79 33.09
CA TRP B 47 -0.03 -12.36 33.39
C TRP B 47 0.81 -13.57 33.76
N VAL B 48 1.97 -13.70 33.10
CA VAL B 48 2.82 -14.87 33.28
C VAL B 48 4.02 -14.62 34.18
N ALA B 49 4.85 -13.63 33.83
CA ALA B 49 6.06 -13.34 34.60
C ALA B 49 6.51 -11.89 34.54
N LEU B 50 7.30 -11.49 35.54
CA LEU B 50 7.85 -10.14 35.62
C LEU B 50 9.32 -10.22 36.01
N ILE B 51 10.09 -9.20 35.61
CA ILE B 51 11.48 -9.10 36.02
C ILE B 51 11.89 -7.63 36.16
N LYS B 52 12.49 -7.29 37.30
CA LYS B 52 12.87 -5.91 37.55
C LYS B 52 14.04 -5.52 36.64
N TYR B 53 14.45 -4.26 36.71
CA TYR B 53 15.42 -3.72 35.77
C TYR B 53 16.76 -4.46 35.78
N ASP B 54 17.37 -4.54 36.97
CA ASP B 54 18.70 -5.12 37.09
C ASP B 54 18.74 -6.61 36.78
N GLY B 55 17.57 -7.24 36.71
CA GLY B 55 17.50 -8.65 36.36
C GLY B 55 17.46 -9.57 37.57
N ARG B 56 17.69 -9.00 38.74
CA ARG B 56 17.67 -9.76 39.98
C ARG B 56 16.29 -10.32 40.28
N ASN B 57 15.46 -9.52 40.93
CA ASN B 57 14.13 -9.94 41.36
C ASN B 57 13.25 -10.38 40.19
N LYS B 58 12.78 -11.62 40.24
CA LYS B 58 11.84 -12.12 39.25
C LYS B 58 10.56 -12.54 39.95
N TYR B 59 9.43 -12.39 39.28
CA TYR B 59 8.16 -12.74 39.86
C TYR B 59 7.34 -13.54 38.87
N TYR B 60 6.76 -14.66 39.33
CA TYR B 60 6.04 -15.57 38.46
C TYR B 60 4.61 -15.80 38.91
N ALA B 61 3.77 -16.23 37.98
CA ALA B 61 2.41 -16.64 38.32
C ALA B 61 2.45 -18.05 38.89
N ASP B 62 1.41 -18.41 39.63
CA ASP B 62 1.33 -19.75 40.20
C ASP B 62 1.12 -20.79 39.11
N SER B 63 0.73 -20.32 37.92
CA SER B 63 0.42 -21.21 36.81
C SER B 63 1.68 -21.63 36.06
N VAL B 64 2.85 -21.23 36.57
CA VAL B 64 4.10 -21.53 35.89
C VAL B 64 5.26 -21.77 36.85
N LYS B 65 5.07 -21.46 38.13
CA LYS B 65 6.14 -21.55 39.10
C LYS B 65 6.91 -22.87 39.06
N GLY B 66 8.11 -22.83 38.51
CA GLY B 66 8.97 -23.99 38.46
C GLY B 66 9.17 -24.57 37.07
N ARG B 67 8.49 -23.98 36.09
CA ARG B 67 8.55 -24.45 34.71
C ARG B 67 9.11 -23.40 33.78
N PHE B 68 8.79 -22.13 34.06
CA PHE B 68 9.20 -21.03 33.21
C PHE B 68 10.36 -20.25 33.82
N SER B 69 11.15 -19.60 32.97
CA SER B 69 12.30 -18.82 33.43
C SER B 69 12.42 -17.51 32.68
N ILE B 70 12.22 -16.42 33.41
CA ILE B 70 12.38 -15.09 32.85
C ILE B 70 13.78 -14.57 33.13
N SER B 71 14.35 -13.85 32.16
CA SER B 71 15.70 -13.34 32.28
C SER B 71 15.89 -12.16 31.34
N ARG B 72 17.10 -11.61 31.30
CA ARG B 72 17.35 -10.48 30.42
C ARG B 72 18.83 -10.16 30.29
N ASP B 73 19.21 -9.70 29.10
CA ASP B 73 20.56 -9.22 28.86
C ASP B 73 20.50 -7.73 28.55
N ASN B 74 20.68 -6.91 29.58
CA ASN B 74 20.60 -5.46 29.42
C ASN B 74 21.67 -4.92 28.47
N SER B 75 22.48 -5.82 27.93
CA SER B 75 23.54 -5.44 27.01
C SER B 75 23.12 -5.67 25.56
N LYS B 76 22.19 -6.59 25.36
CA LYS B 76 21.61 -6.83 24.04
C LYS B 76 20.17 -6.34 23.99
N ASN B 77 19.78 -5.56 25.00
CA ASN B 77 18.43 -5.03 25.09
C ASN B 77 17.38 -6.07 24.78
N THR B 78 17.63 -7.32 25.17
CA THR B 78 16.71 -8.40 24.89
C THR B 78 16.15 -9.02 26.16
N LEU B 79 14.87 -9.38 26.12
CA LEU B 79 14.21 -10.05 27.22
C LEU B 79 13.96 -11.49 26.83
N TYR B 80 14.16 -12.41 27.77
CA TYR B 80 14.02 -13.84 27.46
C TYR B 80 13.02 -14.52 28.36
N LEU B 81 12.38 -15.58 27.84
CA LEU B 81 11.49 -16.41 28.62
C LEU B 81 11.57 -17.85 28.14
N GLU B 82 12.30 -18.68 28.86
CA GLU B 82 12.39 -20.10 28.50
C GLU B 82 11.33 -20.91 29.23
N MET B 83 10.66 -21.79 28.50
CA MET B 83 9.55 -22.56 29.06
C MET B 83 9.82 -24.05 28.94
N ASN B 84 9.74 -24.75 30.07
CA ASN B 84 9.96 -26.20 30.11
C ASN B 84 8.66 -26.97 30.37
N SER B 85 8.61 -28.21 29.89
CA SER B 85 7.43 -29.05 30.06
C SER B 85 6.17 -28.38 29.56
N LEU B 86 6.14 -28.07 28.27
CA LEU B 86 5.02 -27.39 27.65
C LEU B 86 3.82 -28.32 27.47
N ARG B 87 2.68 -27.94 28.02
CA ARG B 87 1.46 -28.73 27.90
C ARG B 87 0.59 -28.21 26.77
N ALA B 88 -0.55 -28.86 26.54
CA ALA B 88 -1.47 -28.44 25.49
C ALA B 88 -2.15 -27.14 25.87
N GLU B 89 -2.08 -26.78 27.14
CA GLU B 89 -2.74 -25.58 27.66
C GLU B 89 -1.86 -24.35 27.60
N ASP B 90 -0.59 -24.55 27.24
CA ASP B 90 0.35 -23.44 27.11
C ASP B 90 0.30 -22.87 25.69
N THR B 91 -0.47 -23.52 24.83
CA THR B 91 -0.66 -23.03 23.47
C THR B 91 -1.35 -21.68 23.50
N ALA B 92 -0.58 -20.60 23.28
CA ALA B 92 -1.12 -19.26 23.37
C ALA B 92 -0.26 -18.23 22.65
N VAL B 93 -0.74 -16.99 22.62
CA VAL B 93 0.04 -15.87 22.11
C VAL B 93 0.80 -15.25 23.27
N TYR B 94 2.08 -14.95 23.06
CA TYR B 94 2.91 -14.44 24.15
C TYR B 94 3.40 -13.02 23.90
N TYR B 95 2.90 -12.09 24.71
CA TYR B 95 3.28 -10.69 24.62
C TYR B 95 4.35 -10.34 25.65
N CYS B 96 5.26 -9.46 25.27
CA CYS B 96 6.14 -8.83 26.24
C CYS B 96 5.73 -7.37 26.37
N ALA B 97 5.78 -6.84 27.58
CA ALA B 97 5.33 -5.48 27.82
C ALA B 97 6.29 -4.72 28.73
N ARG B 98 6.39 -3.41 28.51
CA ARG B 98 7.22 -2.56 29.36
C ARG B 98 6.40 -2.04 30.52
N ASP B 99 6.92 -2.19 31.74
CA ASP B 99 6.25 -1.66 32.91
C ASP B 99 6.34 -0.14 32.88
N ILE B 100 5.23 0.55 33.13
CA ILE B 100 5.27 1.99 33.28
C ILE B 100 6.33 2.31 34.31
N GLY B 101 7.02 3.43 34.16
CA GLY B 101 8.06 3.75 35.09
C GLY B 101 7.54 3.99 36.49
N LEU B 102 7.91 5.14 37.02
CA LEU B 102 7.36 5.62 38.25
C LEU B 102 6.97 7.04 37.90
N LYS B 103 5.75 7.22 37.41
CA LYS B 103 5.27 8.54 37.05
C LYS B 103 4.91 9.33 38.31
N GLY B 104 4.98 10.66 38.22
CA GLY B 104 4.69 11.51 39.36
C GLY B 104 3.32 11.28 39.96
N GLU B 105 2.40 10.76 39.16
CA GLU B 105 1.03 10.51 39.61
C GLU B 105 0.94 9.34 40.58
N HIS B 106 1.98 8.51 40.61
CA HIS B 106 2.13 7.53 41.66
C HIS B 106 2.66 8.27 42.89
N TYR B 107 2.61 7.63 44.05
CA TYR B 107 3.18 8.23 45.26
C TYR B 107 3.66 7.19 46.26
N ASP B 108 3.53 5.91 45.90
CA ASP B 108 4.05 4.83 46.72
C ASP B 108 4.93 3.91 45.87
N ILE B 109 5.77 3.13 46.55
CA ILE B 109 6.79 2.31 45.89
C ILE B 109 6.34 0.86 45.77
N LEU B 110 5.72 0.52 44.65
CA LEU B 110 5.16 -0.80 44.43
C LEU B 110 6.11 -1.71 43.66
N THR B 111 5.81 -3.00 43.65
CA THR B 111 6.62 -3.99 42.94
C THR B 111 6.57 -3.74 41.44
N ALA B 112 5.37 -3.52 40.94
CA ALA B 112 5.17 -3.19 39.53
C ALA B 112 4.12 -2.11 39.45
N TYR B 113 4.09 -1.41 38.32
CA TYR B 113 3.09 -0.36 38.14
C TYR B 113 2.15 -0.66 36.98
N GLY B 114 2.43 -1.75 36.26
CA GLY B 114 1.60 -2.17 35.15
C GLY B 114 2.22 -1.87 33.81
N PRO B 115 1.87 -2.67 32.79
CA PRO B 115 2.41 -2.53 31.43
C PRO B 115 1.86 -1.30 30.72
N ASP B 116 2.64 -0.70 29.82
CA ASP B 116 2.15 0.38 28.97
C ASP B 116 2.29 0.04 27.48
N TYR B 117 3.49 -0.31 27.06
CA TYR B 117 3.73 -0.74 25.68
C TYR B 117 3.79 -2.24 25.63
N TRP B 118 3.08 -2.84 24.68
CA TRP B 118 3.16 -4.28 24.47
C TRP B 118 3.83 -4.59 23.13
N GLY B 119 4.31 -5.81 22.99
CA GLY B 119 4.84 -6.26 21.72
C GLY B 119 3.68 -6.72 20.86
N GLN B 120 3.95 -7.01 19.59
CA GLN B 120 2.89 -7.43 18.69
C GLN B 120 2.57 -8.91 18.82
N GLY B 121 3.19 -9.57 19.81
CA GLY B 121 2.88 -10.95 20.11
C GLY B 121 3.69 -11.97 19.33
N ALA B 122 3.79 -13.17 19.89
CA ALA B 122 4.45 -14.29 19.23
C ALA B 122 3.67 -15.58 19.49
N LEU B 123 3.22 -16.20 18.41
CA LEU B 123 2.36 -17.38 18.53
C LEU B 123 3.16 -18.66 18.83
N VAL B 124 2.80 -19.33 19.91
CA VAL B 124 3.41 -20.60 20.26
C VAL B 124 2.36 -21.70 20.39
N THR B 125 2.49 -22.74 19.57
CA THR B 125 1.56 -23.85 19.58
C THR B 125 2.23 -25.13 20.08
N VAL B 126 1.68 -25.70 21.14
CA VAL B 126 2.20 -26.95 21.69
C VAL B 126 1.47 -28.14 21.06
N SER B 127 2.00 -28.60 19.93
CA SER B 127 1.38 -29.70 19.19
C SER B 127 2.42 -30.69 18.68
N SER B 128 2.07 -31.97 18.70
CA SER B 128 2.95 -33.01 18.18
C SER B 128 2.69 -33.23 16.70
N ALA B 129 2.21 -32.19 16.03
CA ALA B 129 1.98 -32.24 14.60
C ALA B 129 3.11 -31.55 13.86
N SER B 130 3.10 -31.66 12.53
CA SER B 130 4.14 -31.04 11.72
C SER B 130 3.59 -29.85 10.95
N THR B 131 4.48 -28.92 10.59
CA THR B 131 4.07 -27.73 9.85
C THR B 131 3.75 -28.09 8.40
N LYS B 132 3.06 -27.20 7.70
CA LYS B 132 2.69 -27.45 6.31
C LYS B 132 2.46 -26.14 5.57
N GLY B 133 2.72 -26.15 4.27
CA GLY B 133 2.58 -24.95 3.45
C GLY B 133 1.17 -24.75 2.93
N PRO B 134 0.79 -23.48 2.72
CA PRO B 134 -0.56 -23.14 2.25
C PRO B 134 -0.66 -23.25 0.74
N SER B 135 -1.76 -23.80 0.25
CA SER B 135 -2.06 -23.81 -1.18
C SER B 135 -2.99 -22.66 -1.48
N VAL B 136 -2.58 -21.75 -2.36
CA VAL B 136 -3.35 -20.55 -2.65
C VAL B 136 -4.14 -20.65 -3.95
N PHE B 137 -5.46 -20.47 -3.85
CA PHE B 137 -6.34 -20.54 -5.00
C PHE B 137 -7.13 -19.23 -5.15
N PRO B 138 -7.44 -18.85 -6.40
CA PRO B 138 -8.17 -17.60 -6.69
C PRO B 138 -9.69 -17.71 -6.57
N LEU B 139 -10.33 -16.61 -6.18
CA LEU B 139 -11.78 -16.45 -6.30
C LEU B 139 -12.06 -15.28 -7.22
N ALA B 140 -12.42 -15.57 -8.48
CA ALA B 140 -12.61 -14.53 -9.48
C ALA B 140 -14.05 -13.97 -9.47
N PRO B 141 -14.21 -12.73 -9.95
CA PRO B 141 -15.51 -12.05 -10.04
C PRO B 141 -16.51 -12.76 -10.96
N SER B 142 -17.44 -11.99 -11.52
CA SER B 142 -18.45 -12.56 -12.43
C SER B 142 -19.06 -11.48 -13.32
N SER B 143 -20.21 -11.80 -13.90
CA SER B 143 -20.92 -10.87 -14.77
C SER B 143 -22.28 -10.51 -14.18
N THR B 146 -25.73 -6.68 -9.51
CA THR B 146 -25.44 -6.48 -10.93
C THR B 146 -23.93 -6.31 -11.16
N SER B 147 -23.50 -6.49 -12.40
CA SER B 147 -22.10 -6.30 -12.76
C SER B 147 -21.90 -4.89 -13.32
N GLY B 148 -22.79 -3.98 -12.96
CA GLY B 148 -22.69 -2.60 -13.37
C GLY B 148 -22.45 -1.66 -12.21
N GLY B 149 -22.14 -2.24 -11.05
CA GLY B 149 -21.89 -1.46 -9.86
C GLY B 149 -20.59 -1.85 -9.17
N THR B 150 -20.69 -2.71 -8.16
CA THR B 150 -19.53 -3.18 -7.42
C THR B 150 -19.39 -4.69 -7.48
N ALA B 151 -18.16 -5.18 -7.56
CA ALA B 151 -17.90 -6.62 -7.64
C ALA B 151 -16.88 -7.05 -6.59
N ALA B 152 -17.01 -8.30 -6.13
CA ALA B 152 -16.16 -8.81 -5.06
C ALA B 152 -15.30 -9.99 -5.51
N LEU B 153 -14.02 -9.95 -5.14
CA LEU B 153 -13.08 -11.02 -5.46
C LEU B 153 -12.24 -11.37 -4.23
N GLY B 154 -11.28 -12.28 -4.39
CA GLY B 154 -10.43 -12.66 -3.29
C GLY B 154 -9.61 -13.92 -3.48
N CYS B 155 -8.99 -14.39 -2.40
CA CYS B 155 -8.14 -15.57 -2.43
C CYS B 155 -8.65 -16.65 -1.48
N LEU B 156 -8.05 -17.84 -1.56
CA LEU B 156 -8.37 -18.94 -0.65
C LEU B 156 -7.10 -19.64 -0.17
N VAL B 157 -6.70 -19.36 1.06
CA VAL B 157 -5.52 -19.97 1.65
C VAL B 157 -5.92 -21.25 2.38
N LYS B 158 -5.54 -22.40 1.82
CA LYS B 158 -6.06 -23.68 2.28
C LYS B 158 -4.97 -24.69 2.63
N ASP B 159 -5.19 -25.45 3.70
CA ASP B 159 -4.31 -26.54 4.11
C ASP B 159 -2.92 -26.10 4.54
N TYR B 160 -2.81 -25.59 5.75
CA TYR B 160 -1.53 -25.15 6.31
C TYR B 160 -1.48 -25.36 7.82
N PHE B 161 -0.33 -25.05 8.41
CA PHE B 161 -0.12 -25.26 9.83
C PHE B 161 1.27 -24.75 10.21
N PRO B 162 1.36 -24.03 11.34
CA PRO B 162 0.23 -23.61 12.18
C PRO B 162 -0.22 -22.20 11.82
N GLU B 163 -0.77 -21.48 12.78
CA GLU B 163 -1.12 -20.08 12.59
C GLU B 163 0.15 -19.22 12.72
N PRO B 164 0.15 -18.02 12.13
CA PRO B 164 -0.89 -17.42 11.30
C PRO B 164 -0.43 -17.26 9.85
N VAL B 165 -1.27 -16.65 9.02
CA VAL B 165 -0.92 -16.34 7.65
C VAL B 165 -1.39 -14.94 7.23
N THR B 166 -0.53 -13.94 7.45
CA THR B 166 -0.88 -12.55 7.17
C THR B 166 -1.08 -12.25 5.69
N VAL B 167 -2.31 -11.93 5.32
CA VAL B 167 -2.65 -11.62 3.93
C VAL B 167 -2.76 -10.11 3.72
N SER B 168 -2.21 -9.62 2.61
CA SER B 168 -2.33 -8.22 2.24
C SER B 168 -2.68 -8.12 0.75
N TRP B 169 -2.97 -6.90 0.30
CA TRP B 169 -3.34 -6.70 -1.10
C TRP B 169 -2.51 -5.61 -1.78
N ASN B 170 -2.06 -5.90 -2.99
CA ASN B 170 -1.23 -4.98 -3.77
C ASN B 170 -0.02 -4.46 -3.00
N SER B 171 0.59 -5.34 -2.21
CA SER B 171 1.75 -5.00 -1.39
C SER B 171 1.40 -3.99 -0.31
N GLY B 172 0.16 -4.00 0.13
CA GLY B 172 -0.32 -3.12 1.17
C GLY B 172 -0.99 -1.87 0.64
N ALA B 173 -0.98 -1.72 -0.68
CA ALA B 173 -1.54 -0.53 -1.33
C ALA B 173 -3.06 -0.61 -1.51
N LEU B 174 -3.70 -1.46 -0.73
CA LEU B 174 -5.16 -1.60 -0.78
C LEU B 174 -5.67 -2.16 0.55
N THR B 175 -6.37 -1.32 1.31
CA THR B 175 -6.85 -1.72 2.63
C THR B 175 -8.37 -1.69 2.74
N SER B 176 -8.98 -0.55 2.44
CA SER B 176 -10.43 -0.40 2.56
C SER B 176 -11.17 -1.42 1.70
N GLY B 177 -12.03 -2.21 2.34
CA GLY B 177 -12.79 -3.23 1.66
C GLY B 177 -12.33 -4.63 1.99
N VAL B 178 -11.14 -4.74 2.57
CA VAL B 178 -10.54 -6.04 2.90
C VAL B 178 -11.26 -6.75 4.05
N HIS B 179 -11.44 -8.06 3.91
CA HIS B 179 -12.04 -8.87 4.95
C HIS B 179 -11.33 -10.21 5.09
N THR B 180 -10.22 -10.23 5.81
CA THR B 180 -9.53 -11.48 6.09
C THR B 180 -10.23 -12.21 7.23
N PHE B 181 -10.78 -13.38 6.93
CA PHE B 181 -11.56 -14.14 7.91
C PHE B 181 -10.68 -14.91 8.88
N PRO B 182 -11.22 -15.20 10.08
CA PRO B 182 -10.52 -16.05 11.04
C PRO B 182 -10.33 -17.43 10.46
N ALA B 183 -9.22 -18.08 10.80
CA ALA B 183 -8.96 -19.42 10.29
C ALA B 183 -9.95 -20.43 10.84
N VAL B 184 -10.25 -21.44 10.03
CA VAL B 184 -11.14 -22.53 10.46
C VAL B 184 -10.33 -23.80 10.62
N LEU B 185 -10.59 -24.53 11.71
CA LEU B 185 -9.89 -25.78 11.96
C LEU B 185 -10.63 -26.94 11.31
N GLN B 186 -10.07 -27.47 10.23
CA GLN B 186 -10.69 -28.57 9.49
C GLN B 186 -10.59 -29.88 10.25
N SER B 187 -11.08 -30.95 9.64
CA SER B 187 -11.01 -32.27 10.24
C SER B 187 -9.64 -32.91 10.00
N SER B 188 -8.85 -32.30 9.13
CA SER B 188 -7.53 -32.81 8.81
C SER B 188 -6.45 -32.12 9.64
N GLY B 189 -6.86 -31.47 10.73
CA GLY B 189 -5.94 -30.79 11.60
C GLY B 189 -5.24 -29.62 10.95
N LEU B 190 -5.56 -29.34 9.69
CA LEU B 190 -4.98 -28.22 8.97
C LEU B 190 -5.92 -27.02 8.95
N TYR B 191 -5.35 -25.82 8.98
CA TYR B 191 -6.13 -24.60 8.99
C TYR B 191 -6.47 -24.13 7.58
N SER B 192 -7.29 -23.10 7.48
CA SER B 192 -7.67 -22.51 6.21
C SER B 192 -8.47 -21.25 6.44
N LEU B 193 -8.15 -20.20 5.67
CA LEU B 193 -8.89 -18.95 5.75
C LEU B 193 -9.09 -18.33 4.38
N SER B 194 -10.03 -17.41 4.27
CA SER B 194 -10.29 -16.73 3.02
C SER B 194 -10.01 -15.24 3.18
N SER B 195 -9.89 -14.53 2.06
CA SER B 195 -9.69 -13.09 2.11
C SER B 195 -10.33 -12.44 0.89
N VAL B 196 -11.31 -11.57 1.12
CA VAL B 196 -12.04 -10.93 0.04
C VAL B 196 -11.82 -9.42 0.01
N VAL B 197 -12.46 -8.75 -0.93
CA VAL B 197 -12.37 -7.30 -1.07
C VAL B 197 -13.43 -6.79 -2.07
N THR B 198 -13.87 -5.55 -1.89
CA THR B 198 -14.85 -4.97 -2.80
C THR B 198 -14.25 -3.85 -3.65
N VAL B 199 -14.44 -3.96 -4.96
CA VAL B 199 -13.93 -2.97 -5.90
C VAL B 199 -15.00 -2.61 -6.94
N PRO B 200 -14.89 -1.41 -7.53
CA PRO B 200 -15.82 -0.99 -8.58
C PRO B 200 -15.71 -1.87 -9.82
N SER B 201 -16.82 -2.46 -10.25
CA SER B 201 -16.81 -3.32 -11.44
C SER B 201 -16.52 -2.52 -12.70
N SER B 202 -16.45 -1.19 -12.54
CA SER B 202 -16.06 -0.32 -13.65
C SER B 202 -14.54 -0.21 -13.70
N SER B 203 -13.87 -1.09 -12.97
CA SER B 203 -12.42 -1.12 -12.94
C SER B 203 -11.92 -2.57 -12.86
N LEU B 204 -12.75 -3.50 -13.31
CA LEU B 204 -12.39 -4.92 -13.33
C LEU B 204 -11.65 -5.28 -14.62
N GLY B 205 -11.21 -4.26 -15.35
CA GLY B 205 -10.54 -4.48 -16.62
C GLY B 205 -9.34 -3.57 -16.84
N THR B 206 -9.17 -2.60 -15.94
CA THR B 206 -8.06 -1.66 -16.04
C THR B 206 -7.20 -1.64 -14.78
N GLN B 207 -7.44 -2.60 -13.88
CA GLN B 207 -6.70 -2.66 -12.63
C GLN B 207 -6.18 -4.05 -12.29
N THR B 208 -5.11 -4.10 -11.50
CA THR B 208 -4.50 -5.36 -11.09
C THR B 208 -4.59 -5.54 -9.58
N TYR B 209 -4.95 -6.75 -9.15
CA TYR B 209 -5.04 -7.08 -7.74
C TYR B 209 -4.12 -8.26 -7.40
N ILE B 210 -3.47 -8.20 -6.24
CA ILE B 210 -2.50 -9.21 -5.87
C ILE B 210 -2.71 -9.73 -4.45
N CYS B 211 -2.79 -11.05 -4.31
CA CYS B 211 -2.99 -11.70 -3.02
C CYS B 211 -1.64 -12.02 -2.38
N ASN B 212 -1.27 -11.25 -1.35
CA ASN B 212 0.03 -11.40 -0.71
C ASN B 212 0.01 -12.24 0.56
N VAL B 213 0.03 -13.55 0.40
CA VAL B 213 0.06 -14.48 1.52
C VAL B 213 1.46 -14.59 2.10
N ASN B 214 1.56 -14.85 3.40
CA ASN B 214 2.85 -14.98 4.05
C ASN B 214 2.81 -15.85 5.31
N HIS B 215 2.90 -17.17 5.10
CA HIS B 215 3.04 -18.11 6.21
C HIS B 215 4.52 -18.18 6.60
N LYS B 216 4.90 -17.34 7.55
CA LYS B 216 6.32 -17.23 7.94
C LYS B 216 6.89 -18.48 8.62
N PRO B 217 6.09 -19.17 9.46
CA PRO B 217 6.59 -20.36 10.15
C PRO B 217 7.11 -21.44 9.20
N SER B 218 6.81 -21.30 7.91
CA SER B 218 7.29 -22.27 6.91
C SER B 218 7.95 -21.55 5.73
N ASN B 219 8.46 -20.35 5.98
CA ASN B 219 9.10 -19.54 4.94
C ASN B 219 8.34 -19.57 3.60
N THR B 220 7.03 -19.40 3.68
CA THR B 220 6.19 -19.33 2.47
C THR B 220 5.79 -17.89 2.20
N LYS B 221 5.91 -17.48 0.93
CA LYS B 221 5.50 -16.14 0.52
C LYS B 221 4.93 -16.16 -0.89
N VAL B 222 3.70 -16.62 -1.02
CA VAL B 222 3.05 -16.76 -2.32
C VAL B 222 2.41 -15.45 -2.77
N ASP B 223 2.37 -15.23 -4.08
CA ASP B 223 1.68 -14.10 -4.67
C ASP B 223 0.81 -14.59 -5.84
N LYS B 224 -0.51 -14.44 -5.71
CA LYS B 224 -1.44 -14.90 -6.74
C LYS B 224 -2.26 -13.75 -7.33
N LYS B 225 -2.65 -13.91 -8.59
CA LYS B 225 -3.35 -12.85 -9.32
C LYS B 225 -4.84 -13.15 -9.42
N ALA B 226 -5.66 -12.14 -9.14
CA ALA B 226 -7.11 -12.28 -9.27
C ALA B 226 -7.57 -11.64 -10.57
N GLU B 227 -8.23 -12.43 -11.40
CA GLU B 227 -8.63 -11.97 -12.73
C GLU B 227 -9.90 -12.68 -13.20
N PRO B 228 -10.82 -11.93 -13.82
CA PRO B 228 -12.07 -12.50 -14.33
C PRO B 228 -11.80 -13.52 -15.43
N LYS B 229 -12.73 -14.45 -15.64
CA LYS B 229 -12.56 -15.48 -16.65
C LYS B 229 -13.30 -15.17 -17.96
N SER B 230 -13.78 -16.22 -18.62
CA SER B 230 -14.37 -16.10 -19.95
C SER B 230 -13.26 -15.78 -20.96
N CYS B 231 -12.35 -16.73 -21.12
CA CYS B 231 -11.19 -16.59 -22.01
C CYS B 231 -10.13 -15.66 -21.40
N ASP C 1 -2.55 -11.94 46.01
CA ASP C 1 -3.42 -12.66 45.09
C ASP C 1 -4.84 -12.10 45.16
N ILE C 2 -5.17 -11.21 44.24
CA ILE C 2 -6.42 -10.45 44.29
C ILE C 2 -7.37 -10.76 43.14
N GLN C 3 -8.61 -11.09 43.48
CA GLN C 3 -9.63 -11.41 42.47
C GLN C 3 -10.33 -10.16 41.94
N MET C 4 -10.35 -10.03 40.61
CA MET C 4 -10.96 -8.87 39.97
C MET C 4 -12.28 -9.22 39.29
N THR C 5 -13.29 -8.37 39.48
CA THR C 5 -14.60 -8.55 38.87
C THR C 5 -14.93 -7.39 37.93
N GLN C 6 -15.47 -7.71 36.76
CA GLN C 6 -15.91 -6.69 35.83
C GLN C 6 -17.38 -6.88 35.48
N SER C 7 -18.05 -5.77 35.18
CA SER C 7 -19.46 -5.81 34.81
C SER C 7 -19.75 -4.71 33.80
N PRO C 8 -20.43 -5.05 32.70
CA PRO C 8 -20.96 -6.39 32.40
C PRO C 8 -19.91 -7.24 31.71
N SER C 9 -20.21 -8.53 31.51
CA SER C 9 -19.33 -9.39 30.73
C SER C 9 -19.33 -8.92 29.28
N SER C 10 -20.51 -8.65 28.75
CA SER C 10 -20.67 -8.10 27.40
C SER C 10 -21.82 -7.10 27.38
N LEU C 11 -21.79 -6.20 26.41
CA LEU C 11 -22.82 -5.16 26.31
C LEU C 11 -22.92 -4.58 24.90
N SER C 12 -24.14 -4.44 24.40
CA SER C 12 -24.37 -3.76 23.13
C SER C 12 -24.74 -2.32 23.40
N ALA C 13 -24.23 -1.41 22.57
CA ALA C 13 -24.49 0.01 22.78
C ALA C 13 -24.35 0.80 21.50
N SER C 14 -25.31 1.67 21.22
CA SER C 14 -25.32 2.47 20.00
C SER C 14 -24.20 3.49 20.01
N VAL C 15 -23.70 3.81 18.81
CA VAL C 15 -22.63 4.80 18.70
C VAL C 15 -23.14 6.16 19.17
N GLY C 16 -22.30 6.87 19.91
CA GLY C 16 -22.69 8.13 20.51
C GLY C 16 -23.04 8.00 21.98
N ASP C 17 -23.49 6.81 22.36
CA ASP C 17 -23.91 6.54 23.74
C ASP C 17 -22.74 6.63 24.72
N ARG C 18 -23.04 6.48 26.00
CA ARG C 18 -22.02 6.44 27.04
C ARG C 18 -21.94 5.05 27.70
N VAL C 19 -20.79 4.41 27.55
CA VAL C 19 -20.60 3.07 28.08
C VAL C 19 -19.87 3.13 29.42
N THR C 20 -20.41 2.41 30.40
CA THR C 20 -19.81 2.36 31.72
C THR C 20 -19.47 0.92 32.09
N ILE C 21 -18.19 0.70 32.44
CA ILE C 21 -17.73 -0.60 32.91
C ILE C 21 -17.27 -0.47 34.35
N THR C 22 -17.69 -1.39 35.21
CA THR C 22 -17.27 -1.34 36.61
C THR C 22 -16.24 -2.42 36.94
N CYS C 23 -15.28 -2.06 37.78
CA CYS C 23 -14.27 -3.01 38.25
C CYS C 23 -14.40 -3.11 39.76
N GLN C 24 -14.27 -4.31 40.32
CA GLN C 24 -14.47 -4.51 41.75
C GLN C 24 -13.48 -5.51 42.31
N ALA C 25 -12.56 -5.03 43.14
CA ALA C 25 -11.49 -5.87 43.67
C ALA C 25 -11.86 -6.53 45.00
N SER C 26 -11.38 -7.75 45.20
CA SER C 26 -11.67 -8.51 46.42
C SER C 26 -11.22 -7.78 47.68
N GLN C 27 -10.18 -6.95 47.55
CA GLN C 27 -9.66 -6.22 48.70
C GLN C 27 -9.14 -4.84 48.29
N ASP C 28 -9.04 -3.94 49.26
CA ASP C 28 -8.61 -2.56 49.03
C ASP C 28 -7.30 -2.48 48.27
N ILE C 29 -7.31 -1.82 47.11
CA ILE C 29 -6.10 -1.66 46.32
C ILE C 29 -5.81 -0.18 46.03
N ARG C 30 -6.24 0.69 46.94
CA ARG C 30 -6.05 2.13 46.78
C ARG C 30 -6.48 2.55 45.38
N ASN C 31 -5.59 3.21 44.65
CA ASN C 31 -5.89 3.62 43.29
C ASN C 31 -4.99 2.95 42.27
N TYR C 32 -4.42 1.81 42.66
CA TYR C 32 -3.49 1.09 41.80
C TYR C 32 -4.20 0.18 40.82
N LEU C 33 -4.80 0.76 39.79
CA LEU C 33 -5.57 -0.02 38.81
C LEU C 33 -5.50 0.56 37.41
N ASN C 34 -5.16 -0.27 36.43
CA ASN C 34 -5.04 0.15 35.04
C ASN C 34 -6.12 -0.44 34.14
N TRP C 35 -6.49 0.29 33.11
CA TRP C 35 -7.51 -0.17 32.16
C TRP C 35 -6.90 -0.39 30.78
N TYR C 36 -7.10 -1.58 30.24
CA TYR C 36 -6.53 -1.93 28.93
C TYR C 36 -7.59 -2.24 27.89
N GLN C 37 -7.27 -1.90 26.63
CA GLN C 37 -8.21 -2.07 25.53
C GLN C 37 -7.60 -2.91 24.41
N GLN C 38 -8.18 -4.08 24.15
CA GLN C 38 -7.65 -4.94 23.10
C GLN C 38 -8.60 -5.12 21.92
N LYS C 39 -8.32 -4.40 20.84
CA LYS C 39 -9.09 -4.55 19.61
C LYS C 39 -8.99 -5.99 19.12
N PRO C 40 -9.81 -6.37 18.13
CA PRO C 40 -9.74 -7.73 17.60
C PRO C 40 -8.43 -7.97 16.86
N GLY C 41 -7.69 -9.00 17.26
CA GLY C 41 -6.46 -9.37 16.58
C GLY C 41 -5.24 -8.61 17.07
N LYS C 42 -5.37 -7.29 17.19
CA LYS C 42 -4.24 -6.44 17.59
C LYS C 42 -3.77 -6.72 19.01
N ALA C 43 -2.74 -6.00 19.44
CA ALA C 43 -2.20 -6.16 20.78
C ALA C 43 -2.75 -5.10 21.72
N PRO C 44 -2.89 -5.45 23.01
CA PRO C 44 -3.49 -4.58 24.02
C PRO C 44 -2.89 -3.18 24.05
N LYS C 45 -3.64 -2.24 24.62
CA LYS C 45 -3.24 -0.84 24.66
C LYS C 45 -3.56 -0.31 26.05
N LEU C 46 -2.71 0.56 26.58
CA LEU C 46 -2.99 1.20 27.86
C LEU C 46 -3.83 2.47 27.64
N LEU C 47 -4.97 2.55 28.30
CA LEU C 47 -5.83 3.72 28.20
C LEU C 47 -5.78 4.55 29.47
N ILE C 48 -6.08 3.92 30.61
CA ILE C 48 -5.99 4.58 31.91
C ILE C 48 -5.01 3.87 32.83
N TYR C 49 -4.18 4.65 33.53
CA TYR C 49 -3.27 4.08 34.52
C TYR C 49 -3.50 4.71 35.90
N ASP C 50 -3.34 3.91 36.95
CA ASP C 50 -3.63 4.35 38.31
C ASP C 50 -5.00 4.99 38.42
N ALA C 51 -6.04 4.17 38.27
CA ALA C 51 -7.43 4.57 38.49
C ALA C 51 -7.97 5.60 37.51
N SER C 52 -7.33 6.77 37.46
CA SER C 52 -7.93 7.93 36.81
C SER C 52 -6.96 8.79 36.01
N ASN C 53 -5.98 8.16 35.36
CA ASN C 53 -5.02 8.91 34.57
C ASN C 53 -5.01 8.48 33.13
N SER C 54 -5.10 9.46 32.23
CA SER C 54 -5.11 9.20 30.81
C SER C 54 -3.69 9.12 30.28
N GLU C 55 -3.38 8.04 29.57
CA GLU C 55 -2.11 7.97 28.86
C GLU C 55 -2.04 9.10 27.84
N THR C 56 -0.83 9.44 27.41
CA THR C 56 -0.68 10.44 26.38
C THR C 56 -0.92 9.84 24.99
N GLY C 57 -1.76 10.50 24.21
CA GLY C 57 -2.15 10.00 22.91
C GLY C 57 -3.53 9.38 22.97
N VAL C 58 -3.86 8.79 24.11
CA VAL C 58 -5.17 8.20 24.31
C VAL C 58 -6.24 9.25 24.06
N PRO C 59 -7.24 8.90 23.23
CA PRO C 59 -8.32 9.81 22.87
C PRO C 59 -8.89 10.55 24.08
N SER C 60 -9.53 11.68 23.83
CA SER C 60 -10.00 12.56 24.88
C SER C 60 -11.23 12.05 25.61
N ARG C 61 -11.89 11.02 25.06
CA ARG C 61 -13.19 10.58 25.57
C ARG C 61 -13.12 9.46 26.60
N PHE C 62 -11.92 8.91 26.79
CA PHE C 62 -11.70 7.81 27.75
C PHE C 62 -11.30 8.36 29.11
N SER C 63 -11.95 7.86 30.16
CA SER C 63 -11.66 8.31 31.52
C SER C 63 -11.77 7.17 32.52
N GLY C 64 -11.24 7.39 33.71
CA GLY C 64 -11.35 6.43 34.80
C GLY C 64 -11.61 7.13 36.11
N SER C 65 -12.20 6.40 37.05
CA SER C 65 -12.44 6.93 38.39
C SER C 65 -12.49 5.81 39.41
N GLY C 66 -12.39 6.17 40.68
CA GLY C 66 -12.53 5.19 41.75
C GLY C 66 -11.29 5.00 42.61
N SER C 67 -11.49 4.24 43.69
CA SER C 67 -10.41 3.90 44.61
C SER C 67 -10.97 2.93 45.64
N GLY C 68 -10.11 2.09 46.18
CA GLY C 68 -10.54 1.10 47.15
C GLY C 68 -10.80 -0.23 46.47
N ARG C 69 -12.08 -0.57 46.31
CA ARG C 69 -12.45 -1.81 45.67
C ARG C 69 -13.43 -1.57 44.53
N ASP C 70 -13.77 -0.30 44.30
CA ASP C 70 -14.75 0.06 43.29
C ASP C 70 -14.22 1.06 42.27
N PHE C 71 -14.21 0.65 41.00
CA PHE C 71 -13.67 1.46 39.91
C PHE C 71 -14.62 1.56 38.72
N THR C 72 -14.31 2.43 37.76
CA THR C 72 -15.26 2.70 36.69
C THR C 72 -14.64 3.31 35.43
N PHE C 73 -14.50 2.50 34.40
CA PHE C 73 -14.04 2.94 33.10
C PHE C 73 -15.22 3.51 32.33
N THR C 74 -14.99 4.56 31.54
CA THR C 74 -16.10 5.24 30.88
C THR C 74 -15.78 5.91 29.55
N ILE C 75 -16.48 5.51 28.50
CA ILE C 75 -16.41 6.19 27.23
C ILE C 75 -17.53 7.21 27.17
N SER C 76 -17.19 8.49 27.03
CA SER C 76 -18.20 9.54 27.06
C SER C 76 -19.13 9.42 25.86
N SER C 77 -18.54 9.31 24.69
CA SER C 77 -19.30 9.15 23.46
C SER C 77 -18.71 8.02 22.62
N LEU C 78 -19.36 6.86 22.65
CA LEU C 78 -18.90 5.70 21.91
C LEU C 78 -18.62 6.08 20.46
N GLN C 79 -17.55 5.53 19.91
CA GLN C 79 -17.26 5.71 18.49
C GLN C 79 -17.21 4.34 17.83
N PRO C 80 -17.38 4.29 16.50
CA PRO C 80 -17.47 3.00 15.80
C PRO C 80 -16.28 2.09 16.08
N GLU C 81 -15.09 2.66 16.21
CA GLU C 81 -13.87 1.87 16.35
C GLU C 81 -13.51 1.57 17.81
N ASP C 82 -14.38 1.96 18.74
CA ASP C 82 -14.15 1.68 20.14
C ASP C 82 -14.56 0.24 20.49
N VAL C 83 -15.04 -0.49 19.50
CA VAL C 83 -15.48 -1.87 19.72
C VAL C 83 -14.27 -2.77 19.97
N ALA C 84 -14.13 -3.19 21.23
CA ALA C 84 -13.04 -4.07 21.62
C ALA C 84 -13.37 -4.76 22.93
N THR C 85 -12.40 -5.48 23.49
CA THR C 85 -12.55 -6.07 24.80
C THR C 85 -11.71 -5.26 25.78
N TYR C 86 -12.29 -4.97 26.94
CA TYR C 86 -11.64 -4.09 27.91
C TYR C 86 -11.28 -4.83 29.20
N TYR C 87 -10.02 -4.75 29.60
CA TYR C 87 -9.57 -5.40 30.81
C TYR C 87 -9.15 -4.38 31.86
N CYS C 88 -9.32 -4.74 33.12
CA CYS C 88 -8.81 -3.93 34.23
C CYS C 88 -7.78 -4.74 34.96
N GLN C 89 -6.70 -4.09 35.39
CA GLN C 89 -5.60 -4.78 36.05
C GLN C 89 -5.24 -4.11 37.37
N GLN C 90 -4.84 -4.90 38.35
CA GLN C 90 -4.43 -4.36 39.64
C GLN C 90 -2.95 -4.63 39.89
N HIS C 91 -2.27 -3.65 40.46
CA HIS C 91 -0.87 -3.82 40.79
C HIS C 91 -0.54 -3.41 42.23
N GLN C 92 -1.44 -3.76 43.14
CA GLN C 92 -1.23 -3.56 44.58
C GLN C 92 -0.41 -4.73 45.10
N ASN C 93 -0.09 -5.66 44.21
CA ASN C 93 0.43 -6.95 44.62
C ASN C 93 0.80 -7.79 43.41
N VAL C 94 1.69 -8.76 43.60
CA VAL C 94 1.91 -9.79 42.59
C VAL C 94 1.38 -11.12 43.13
N PRO C 95 0.79 -11.94 42.25
CA PRO C 95 0.71 -11.76 40.80
C PRO C 95 -0.33 -10.72 40.39
N LEU C 96 -0.11 -10.08 39.24
CA LEU C 96 -1.08 -9.18 38.67
C LEU C 96 -2.26 -10.00 38.17
N THR C 97 -3.46 -9.42 38.23
CA THR C 97 -4.67 -10.15 37.86
C THR C 97 -5.70 -9.22 37.25
N THR C 98 -6.57 -9.78 36.43
CA THR C 98 -7.71 -9.05 35.86
C THR C 98 -8.93 -9.95 35.91
N PHE C 99 -10.04 -9.47 35.35
CA PHE C 99 -11.21 -10.32 35.12
C PHE C 99 -11.03 -11.01 33.78
N GLY C 100 -10.73 -12.31 33.83
CA GLY C 100 -10.45 -13.08 32.62
C GLY C 100 -11.55 -13.02 31.59
N GLY C 101 -11.31 -12.28 30.51
CA GLY C 101 -12.30 -12.11 29.46
C GLY C 101 -12.81 -10.69 29.43
N GLY C 102 -12.62 -9.97 30.54
CA GLY C 102 -12.98 -8.58 30.63
C GLY C 102 -14.39 -8.28 30.17
N THR C 103 -14.55 -7.13 29.53
CA THR C 103 -15.85 -6.67 29.05
C THR C 103 -15.83 -6.43 27.55
N LYS C 104 -16.64 -7.16 26.81
CA LYS C 104 -16.69 -6.99 25.36
C LYS C 104 -17.80 -6.01 24.99
N VAL C 105 -17.41 -4.85 24.51
CA VAL C 105 -18.40 -3.89 24.02
C VAL C 105 -18.56 -4.03 22.51
N GLU C 106 -19.81 -4.06 22.06
CA GLU C 106 -20.10 -4.12 20.64
C GLU C 106 -21.14 -3.07 20.29
N ILE C 107 -21.08 -2.59 19.05
CA ILE C 107 -21.97 -1.53 18.60
C ILE C 107 -23.31 -2.06 18.13
N LYS C 108 -24.37 -1.31 18.43
CA LYS C 108 -25.67 -1.54 17.84
C LYS C 108 -25.93 -0.47 16.79
N ARG C 109 -26.23 -0.90 15.56
CA ARG C 109 -26.47 0.03 14.47
C ARG C 109 -27.74 -0.33 13.70
N THR C 110 -27.94 0.33 12.56
CA THR C 110 -29.12 0.11 11.75
C THR C 110 -28.98 -1.15 10.91
N VAL C 111 -29.95 -2.05 11.03
CA VAL C 111 -29.94 -3.30 10.26
C VAL C 111 -29.53 -3.07 8.82
N ALA C 112 -28.46 -3.74 8.38
CA ALA C 112 -27.95 -3.58 7.02
C ALA C 112 -27.94 -4.91 6.27
N ALA C 113 -28.28 -4.86 4.97
CA ALA C 113 -28.42 -6.05 4.15
C ALA C 113 -27.06 -6.61 3.70
N PRO C 114 -26.96 -7.94 3.66
CA PRO C 114 -25.73 -8.69 3.33
C PRO C 114 -25.51 -8.87 1.84
N SER C 115 -24.70 -8.02 1.22
CA SER C 115 -24.34 -8.22 -0.19
C SER C 115 -23.68 -9.57 -0.38
N VAL C 116 -24.39 -10.49 -1.02
CA VAL C 116 -23.96 -11.90 -1.13
C VAL C 116 -23.26 -12.24 -2.44
N PHE C 117 -22.11 -12.91 -2.33
CA PHE C 117 -21.33 -13.33 -3.49
C PHE C 117 -21.10 -14.83 -3.48
N ILE C 118 -20.68 -15.38 -4.62
CA ILE C 118 -20.41 -16.81 -4.73
C ILE C 118 -19.30 -17.11 -5.74
N PHE C 119 -18.24 -17.77 -5.27
CA PHE C 119 -17.09 -18.07 -6.12
C PHE C 119 -16.90 -19.58 -6.29
N PRO C 120 -16.96 -20.06 -7.54
CA PRO C 120 -16.71 -21.47 -7.88
C PRO C 120 -15.24 -21.84 -7.75
N PRO C 121 -14.95 -23.15 -7.65
CA PRO C 121 -13.58 -23.65 -7.44
C PRO C 121 -12.62 -23.23 -8.56
N SER C 122 -11.44 -22.76 -8.18
CA SER C 122 -10.43 -22.37 -9.15
C SER C 122 -9.94 -23.58 -9.93
N ASP C 123 -9.62 -23.37 -11.20
CA ASP C 123 -9.10 -24.44 -12.05
C ASP C 123 -7.85 -25.04 -11.41
N GLU C 124 -6.98 -24.16 -10.95
CA GLU C 124 -5.72 -24.55 -10.29
C GLU C 124 -5.98 -25.52 -9.15
N GLN C 125 -7.21 -25.54 -8.64
CA GLN C 125 -7.58 -26.36 -7.50
C GLN C 125 -8.26 -27.66 -7.89
N LEU C 126 -8.95 -27.65 -9.03
CA LEU C 126 -9.56 -28.87 -9.54
C LEU C 126 -8.48 -29.90 -9.82
N LYS C 127 -7.25 -29.41 -9.98
CA LYS C 127 -6.10 -30.27 -10.23
C LYS C 127 -5.64 -30.97 -8.95
N SER C 128 -5.43 -30.19 -7.89
CA SER C 128 -4.98 -30.74 -6.62
C SER C 128 -5.86 -31.89 -6.14
N GLY C 129 -7.13 -31.87 -6.53
CA GLY C 129 -8.04 -32.96 -6.24
C GLY C 129 -9.28 -32.57 -5.46
N THR C 130 -9.16 -31.55 -4.62
CA THR C 130 -10.28 -31.11 -3.78
C THR C 130 -10.86 -29.78 -4.24
N ALA C 131 -12.19 -29.73 -4.34
CA ALA C 131 -12.88 -28.53 -4.81
C ALA C 131 -13.59 -27.80 -3.67
N SER C 132 -13.19 -26.55 -3.45
CA SER C 132 -13.78 -25.72 -2.39
C SER C 132 -14.61 -24.59 -2.97
N VAL C 133 -15.92 -24.64 -2.75
CA VAL C 133 -16.82 -23.57 -3.20
C VAL C 133 -17.11 -22.61 -2.06
N VAL C 134 -16.91 -21.31 -2.32
CA VAL C 134 -17.05 -20.30 -1.27
C VAL C 134 -18.37 -19.53 -1.38
N CYS C 135 -18.67 -18.73 -0.37
CA CYS C 135 -19.88 -17.92 -0.34
C CYS C 135 -19.69 -16.75 0.61
N LEU C 136 -19.85 -15.53 0.10
CA LEU C 136 -19.57 -14.33 0.88
C LEU C 136 -20.85 -13.59 1.28
N LEU C 137 -20.94 -13.21 2.55
CA LEU C 137 -21.94 -12.25 3.00
C LEU C 137 -21.19 -11.03 3.52
N ASN C 138 -21.24 -9.95 2.77
CA ASN C 138 -20.40 -8.79 3.07
C ASN C 138 -21.11 -7.67 3.84
N ASN C 139 -20.39 -7.05 4.76
CA ASN C 139 -20.87 -5.90 5.52
C ASN C 139 -22.37 -5.92 5.83
N PHE C 140 -22.74 -6.69 6.85
CA PHE C 140 -24.14 -6.81 7.27
C PHE C 140 -24.28 -6.72 8.78
N TYR C 141 -25.50 -6.45 9.24
CA TYR C 141 -25.81 -6.39 10.66
C TYR C 141 -27.28 -6.72 10.88
N PRO C 142 -27.61 -7.50 11.91
CA PRO C 142 -26.72 -8.09 12.91
C PRO C 142 -25.94 -9.31 12.44
N ARG C 143 -25.24 -9.95 13.36
CA ARG C 143 -24.37 -11.09 13.07
C ARG C 143 -25.11 -12.37 12.71
N GLU C 144 -26.33 -12.51 13.21
CA GLU C 144 -27.14 -13.71 12.97
C GLU C 144 -27.49 -13.86 11.49
N ALA C 145 -27.22 -15.03 10.93
CA ALA C 145 -27.46 -15.29 9.52
C ALA C 145 -27.35 -16.78 9.17
N LYS C 146 -28.42 -17.32 8.61
CA LYS C 146 -28.45 -18.73 8.20
C LYS C 146 -27.98 -18.89 6.76
N VAL C 147 -26.94 -19.69 6.56
CA VAL C 147 -26.46 -19.99 5.21
C VAL C 147 -26.72 -21.46 4.90
N GLN C 148 -27.17 -21.73 3.68
CA GLN C 148 -27.52 -23.09 3.28
C GLN C 148 -26.84 -23.43 1.97
N TRP C 149 -26.64 -24.73 1.71
CA TRP C 149 -26.02 -25.17 0.46
C TRP C 149 -26.94 -26.10 -0.32
N LYS C 150 -26.87 -26.01 -1.65
CA LYS C 150 -27.71 -26.80 -2.53
C LYS C 150 -26.97 -27.20 -3.80
N VAL C 151 -27.04 -28.48 -4.16
CA VAL C 151 -26.49 -28.96 -5.42
C VAL C 151 -27.58 -29.67 -6.24
N ASP C 152 -27.93 -29.08 -7.38
CA ASP C 152 -29.05 -29.58 -8.18
C ASP C 152 -30.30 -29.66 -7.31
N ASN C 153 -30.39 -28.72 -6.36
CA ASN C 153 -31.46 -28.71 -5.36
C ASN C 153 -31.38 -29.91 -4.43
N ALA C 154 -30.24 -30.05 -3.75
CA ALA C 154 -30.03 -31.12 -2.77
C ALA C 154 -29.24 -30.58 -1.58
N LEU C 155 -29.93 -30.34 -0.47
CA LEU C 155 -29.32 -29.73 0.71
C LEU C 155 -28.19 -30.57 1.28
N GLN C 156 -27.06 -29.93 1.57
CA GLN C 156 -25.88 -30.61 2.09
C GLN C 156 -25.77 -30.48 3.59
N SER C 157 -24.98 -31.35 4.21
CA SER C 157 -24.80 -31.34 5.65
C SER C 157 -23.42 -31.85 6.06
N GLY C 158 -22.89 -31.32 7.16
CA GLY C 158 -21.63 -31.79 7.71
C GLY C 158 -20.39 -31.32 6.99
N ASN C 159 -20.46 -31.25 5.65
CA ASN C 159 -19.30 -30.90 4.84
C ASN C 159 -19.11 -29.40 4.64
N SER C 160 -19.64 -28.62 5.57
CA SER C 160 -19.59 -27.16 5.45
C SER C 160 -19.06 -26.49 6.70
N GLN C 161 -18.09 -25.59 6.51
CA GLN C 161 -17.53 -24.80 7.60
C GLN C 161 -17.69 -23.32 7.31
N GLU C 162 -18.01 -22.52 8.32
CA GLU C 162 -18.08 -21.08 8.13
C GLU C 162 -17.20 -20.29 9.10
N SER C 163 -16.87 -19.07 8.70
CA SER C 163 -15.97 -18.21 9.47
C SER C 163 -16.40 -16.76 9.34
N VAL C 164 -16.65 -16.11 10.46
CA VAL C 164 -17.15 -14.73 10.43
C VAL C 164 -16.25 -13.73 11.17
N THR C 165 -15.93 -12.64 10.50
CA THR C 165 -15.08 -11.61 11.07
C THR C 165 -15.70 -11.03 12.33
N GLU C 166 -14.89 -10.33 13.11
CA GLU C 166 -15.41 -9.61 14.26
C GLU C 166 -15.91 -8.27 13.78
N GLN C 167 -16.68 -7.56 14.61
CA GLN C 167 -17.38 -6.37 14.15
C GLN C 167 -16.46 -5.28 13.60
N ASP C 168 -16.77 -4.83 12.38
CA ASP C 168 -15.99 -3.81 11.70
C ASP C 168 -15.79 -2.56 12.55
N SER C 169 -14.67 -1.87 12.36
CA SER C 169 -14.35 -0.69 13.13
C SER C 169 -14.89 0.59 12.49
N LYS C 170 -15.12 0.53 11.18
CA LYS C 170 -15.62 1.70 10.46
C LYS C 170 -17.15 1.74 10.41
N ASP C 171 -17.75 0.68 9.87
CA ASP C 171 -19.20 0.66 9.68
C ASP C 171 -19.92 -0.37 10.56
N SER C 172 -19.19 -0.93 11.53
CA SER C 172 -19.80 -1.82 12.51
C SER C 172 -20.60 -2.96 11.89
N THR C 173 -20.11 -3.51 10.79
CA THR C 173 -20.81 -4.59 10.10
C THR C 173 -19.97 -5.84 9.98
N TYR C 174 -20.56 -6.97 10.36
CA TYR C 174 -19.89 -8.26 10.22
C TYR C 174 -19.81 -8.71 8.76
N SER C 175 -18.96 -9.70 8.50
CA SER C 175 -18.88 -10.31 7.18
C SER C 175 -18.66 -11.81 7.38
N LEU C 176 -19.47 -12.62 6.70
CA LEU C 176 -19.44 -14.06 6.90
C LEU C 176 -18.89 -14.82 5.68
N SER C 177 -18.38 -16.01 5.93
CA SER C 177 -17.81 -16.85 4.87
C SER C 177 -18.15 -18.31 5.11
N SER C 178 -18.78 -18.93 4.12
CA SER C 178 -19.14 -20.35 4.21
C SER C 178 -18.51 -21.13 3.06
N THR C 179 -17.77 -22.18 3.39
CA THR C 179 -17.08 -22.99 2.38
C THR C 179 -17.62 -24.41 2.31
N LEU C 180 -17.90 -24.87 1.10
CA LEU C 180 -18.34 -26.23 0.87
C LEU C 180 -17.20 -27.04 0.25
N THR C 181 -16.70 -28.02 0.98
CA THR C 181 -15.58 -28.81 0.50
C THR C 181 -15.99 -30.21 0.04
N LEU C 182 -15.71 -30.50 -1.22
CA LEU C 182 -15.97 -31.81 -1.80
C LEU C 182 -14.84 -32.22 -2.72
N SER C 183 -14.61 -33.52 -2.83
CA SER C 183 -13.56 -34.04 -3.71
C SER C 183 -13.92 -33.81 -5.17
N LYS C 184 -12.91 -33.82 -6.03
CA LYS C 184 -13.11 -33.60 -7.46
C LYS C 184 -14.08 -34.61 -8.05
N ALA C 185 -14.26 -35.73 -7.36
CA ALA C 185 -15.13 -36.80 -7.81
C ALA C 185 -16.61 -36.48 -7.60
N ASP C 186 -16.91 -35.83 -6.49
CA ASP C 186 -18.29 -35.44 -6.17
C ASP C 186 -18.63 -34.10 -6.81
N TYR C 187 -17.65 -33.50 -7.46
CA TYR C 187 -17.83 -32.19 -8.10
C TYR C 187 -18.31 -32.32 -9.54
N GLU C 188 -17.58 -33.08 -10.34
CA GLU C 188 -17.96 -33.28 -11.74
C GLU C 188 -19.41 -33.71 -11.84
N LYS C 189 -19.86 -34.47 -10.85
CA LYS C 189 -21.21 -35.03 -10.83
C LYS C 189 -22.29 -33.98 -11.11
N HIS C 190 -22.40 -33.01 -10.21
CA HIS C 190 -23.51 -32.06 -10.23
C HIS C 190 -23.19 -30.78 -11.01
N LYS C 191 -24.23 -30.14 -11.54
CA LYS C 191 -24.07 -28.99 -12.42
C LYS C 191 -24.38 -27.66 -11.74
N VAL C 192 -25.51 -27.60 -11.04
CA VAL C 192 -25.97 -26.35 -10.43
C VAL C 192 -25.69 -26.26 -8.92
N TYR C 193 -24.68 -25.48 -8.56
CA TYR C 193 -24.34 -25.24 -7.17
C TYR C 193 -24.96 -23.92 -6.69
N ALA C 194 -25.64 -23.95 -5.54
CA ALA C 194 -26.35 -22.78 -5.06
C ALA C 194 -25.98 -22.39 -3.63
N CYS C 195 -26.42 -21.21 -3.21
CA CYS C 195 -26.12 -20.70 -1.88
C CYS C 195 -27.30 -19.85 -1.38
N GLU C 196 -28.10 -20.41 -0.48
CA GLU C 196 -29.26 -19.71 0.06
C GLU C 196 -28.98 -19.09 1.42
N VAL C 197 -29.12 -17.76 1.51
CA VAL C 197 -28.86 -17.05 2.75
C VAL C 197 -30.12 -16.41 3.32
N THR C 198 -30.21 -16.34 4.64
CA THR C 198 -31.34 -15.72 5.30
C THR C 198 -30.87 -14.75 6.39
N HIS C 199 -31.20 -13.48 6.22
CA HIS C 199 -30.79 -12.45 7.17
C HIS C 199 -31.99 -11.61 7.57
N GLN C 200 -32.01 -11.14 8.82
CA GLN C 200 -33.13 -10.35 9.31
C GLN C 200 -33.57 -9.29 8.30
N GLY C 201 -32.65 -8.41 7.94
CA GLY C 201 -32.94 -7.36 6.99
C GLY C 201 -32.90 -7.86 5.56
N LEU C 202 -33.53 -9.01 5.34
CA LEU C 202 -33.62 -9.60 4.01
C LEU C 202 -34.98 -10.28 3.89
N ARG C 203 -35.99 -9.49 3.52
CA ARG C 203 -37.39 -9.90 3.47
C ARG C 203 -37.64 -11.36 3.05
N SER C 204 -36.78 -11.89 2.20
CA SER C 204 -36.90 -13.28 1.76
C SER C 204 -35.57 -13.82 1.23
N PRO C 205 -35.26 -15.09 1.59
CA PRO C 205 -34.00 -15.76 1.27
C PRO C 205 -33.46 -15.46 -0.13
N VAL C 206 -32.24 -14.92 -0.19
CA VAL C 206 -31.56 -14.64 -1.45
C VAL C 206 -30.77 -15.87 -1.89
N THR C 207 -30.51 -15.98 -3.19
CA THR C 207 -29.75 -17.11 -3.73
C THR C 207 -28.74 -16.67 -4.79
N LYS C 208 -27.71 -17.48 -4.99
CA LYS C 208 -26.69 -17.22 -6.00
C LYS C 208 -26.22 -18.54 -6.59
N SER C 209 -26.41 -18.72 -7.89
CA SER C 209 -26.10 -20.00 -8.53
C SER C 209 -25.13 -19.88 -9.70
N PHE C 210 -24.91 -21.00 -10.40
CA PHE C 210 -24.07 -21.05 -11.59
C PHE C 210 -23.96 -22.47 -12.15
N ASN C 211 -22.91 -22.72 -12.93
CA ASN C 211 -22.57 -24.05 -13.40
C ASN C 211 -21.14 -24.09 -13.96
N ARG C 212 -20.66 -25.28 -14.30
CA ARG C 212 -19.28 -25.41 -14.79
C ARG C 212 -19.16 -25.03 -16.26
N GLY C 213 -19.99 -24.09 -16.72
CA GLY C 213 -19.99 -23.68 -18.11
C GLY C 213 -19.76 -22.20 -18.29
N GLU C 214 -18.53 -21.76 -18.05
CA GLU C 214 -18.19 -20.35 -18.14
C GLU C 214 -17.55 -20.00 -19.49
N GLU D 1 26.64 -21.95 -57.49
CA GLU D 1 27.59 -21.69 -58.57
C GLU D 1 28.98 -22.23 -58.23
N VAL D 2 29.59 -21.67 -57.19
CA VAL D 2 30.91 -22.12 -56.74
C VAL D 2 30.92 -22.40 -55.23
N VAL D 3 30.82 -23.68 -54.88
CA VAL D 3 30.73 -24.09 -53.48
C VAL D 3 32.08 -23.97 -52.75
N LEU D 4 32.12 -23.10 -51.75
CA LEU D 4 33.32 -22.94 -50.94
C LEU D 4 33.67 -24.20 -50.16
N VAL D 5 34.93 -24.59 -50.19
CA VAL D 5 35.39 -25.82 -49.55
C VAL D 5 36.03 -25.57 -48.19
N ASN D 6 35.49 -26.23 -47.17
CA ASN D 6 36.04 -26.19 -45.82
C ASN D 6 35.88 -24.83 -45.14
N VAL D 7 35.52 -23.81 -45.92
CA VAL D 7 35.38 -22.45 -45.41
C VAL D 7 34.07 -22.24 -44.67
N THR D 8 34.14 -21.52 -43.56
CA THR D 8 32.95 -21.19 -42.79
C THR D 8 32.82 -19.68 -42.59
N GLU D 9 31.60 -19.16 -42.71
CA GLU D 9 31.32 -17.74 -42.55
C GLU D 9 30.30 -17.50 -41.45
N ASN D 10 30.13 -16.23 -41.08
CA ASN D 10 29.16 -15.84 -40.06
C ASN D 10 27.90 -15.22 -40.64
N PHE D 11 26.75 -15.82 -40.32
CA PHE D 11 25.47 -15.29 -40.78
C PHE D 11 24.71 -14.62 -39.63
N ASN D 12 23.93 -13.61 -39.97
CA ASN D 12 23.02 -12.97 -39.03
C ASN D 12 21.84 -12.38 -39.78
N TRP D 13 20.78 -13.18 -39.93
CA TRP D 13 19.65 -12.80 -40.77
C TRP D 13 18.83 -11.64 -40.21
N CYS D 14 18.90 -11.44 -38.90
CA CYS D 14 18.17 -10.35 -38.26
C CYS D 14 18.92 -9.02 -38.39
N LYS D 15 20.07 -9.07 -39.06
CA LYS D 15 20.81 -7.87 -39.44
C LYS D 15 21.32 -8.05 -40.87
N ASN D 16 20.38 -8.11 -41.81
CA ASN D 16 20.65 -8.45 -43.19
C ASN D 16 20.02 -7.42 -44.11
N ASP D 17 20.84 -6.57 -44.72
CA ASP D 17 20.32 -5.44 -45.48
C ASP D 17 19.56 -5.83 -46.74
N MET D 18 19.78 -7.05 -47.23
CA MET D 18 19.00 -7.54 -48.36
C MET D 18 17.53 -7.37 -48.04
N VAL D 19 17.14 -7.85 -46.86
CA VAL D 19 15.75 -7.80 -46.41
C VAL D 19 15.19 -6.38 -46.50
N GLU D 20 15.93 -5.41 -45.95
CA GLU D 20 15.48 -4.02 -46.02
C GLU D 20 15.36 -3.53 -47.46
N GLN D 21 16.39 -3.73 -48.27
CA GLN D 21 16.34 -3.34 -49.67
C GLN D 21 15.18 -4.03 -50.38
N MET D 22 15.25 -5.35 -50.45
CA MET D 22 14.22 -6.15 -51.07
C MET D 22 12.82 -5.68 -50.67
N HIS D 23 12.71 -5.11 -49.48
CA HIS D 23 11.41 -4.69 -48.95
C HIS D 23 10.99 -3.29 -49.41
N GLU D 24 11.93 -2.34 -49.44
CA GLU D 24 11.64 -1.00 -49.92
C GLU D 24 11.35 -1.01 -51.43
N ASP D 25 12.30 -1.54 -52.20
CA ASP D 25 12.08 -1.73 -53.63
C ASP D 25 11.22 -2.98 -53.82
N ILE D 26 11.18 -3.50 -55.04
CA ILE D 26 10.48 -4.76 -55.31
C ILE D 26 8.94 -4.66 -55.37
N CYS D 27 8.40 -4.89 -56.56
CA CYS D 27 6.95 -5.02 -56.74
C CYS D 27 6.66 -6.44 -57.21
N SER D 28 5.39 -6.76 -57.44
CA SER D 28 5.02 -8.13 -57.73
C SER D 28 5.24 -8.57 -59.18
N LEU D 29 4.67 -7.83 -60.13
CA LEU D 29 4.84 -8.13 -61.56
C LEU D 29 4.21 -9.45 -62.01
N TRP D 30 3.26 -9.37 -62.93
CA TRP D 30 2.61 -10.55 -63.48
C TRP D 30 2.81 -10.62 -64.98
N ASP D 31 3.05 -11.83 -65.49
CA ASP D 31 3.10 -12.03 -66.93
C ASP D 31 1.99 -12.98 -67.38
N GLN D 32 1.53 -12.81 -68.62
CA GLN D 32 0.53 -13.72 -69.18
C GLN D 32 1.12 -15.12 -69.32
N SER D 33 0.31 -16.14 -69.11
CA SER D 33 0.78 -17.51 -69.19
C SER D 33 -0.22 -18.42 -69.87
N LEU D 34 0.26 -19.15 -70.86
CA LEU D 34 -0.57 -20.10 -71.58
C LEU D 34 -0.28 -21.51 -71.11
N LYS D 35 -1.31 -22.19 -70.62
CA LYS D 35 -1.18 -23.56 -70.16
C LYS D 35 -2.08 -24.47 -71.00
N PRO D 36 -1.62 -24.79 -72.21
CA PRO D 36 -2.45 -25.49 -73.19
C PRO D 36 -2.50 -26.98 -72.87
N CYS D 37 -3.65 -27.59 -73.14
CA CYS D 37 -3.77 -29.03 -73.09
C CYS D 37 -4.49 -29.45 -74.34
N VAL D 38 -4.82 -30.73 -74.46
CA VAL D 38 -5.71 -31.15 -75.54
C VAL D 38 -6.81 -32.04 -74.96
N LYS D 39 -7.97 -32.02 -75.59
CA LYS D 39 -9.06 -32.92 -75.23
C LYS D 39 -9.32 -33.80 -76.44
N LEU D 40 -9.17 -35.11 -76.27
CA LEU D 40 -9.51 -36.01 -77.35
C LEU D 40 -10.70 -36.89 -76.95
N THR D 41 -11.84 -36.63 -77.57
CA THR D 41 -13.09 -37.25 -77.18
C THR D 41 -13.60 -38.14 -78.30
N PRO D 42 -14.14 -39.32 -77.95
CA PRO D 42 -14.54 -40.33 -78.93
C PRO D 42 -15.74 -39.87 -79.76
N LEU D 43 -15.79 -40.33 -81.01
CA LEU D 43 -16.87 -39.95 -81.91
C LEU D 43 -17.62 -41.20 -82.33
N CYS D 44 -18.72 -41.49 -81.64
CA CYS D 44 -19.49 -42.71 -81.89
C CYS D 44 -20.83 -42.39 -82.55
N VAL D 45 -21.23 -43.23 -83.50
CA VAL D 45 -22.45 -43.01 -84.27
C VAL D 45 -23.55 -44.01 -83.91
N SER D 49 -19.45 -49.35 -83.56
CA SER D 49 -19.08 -48.39 -84.59
C SER D 49 -18.42 -47.14 -83.98
N CYS D 50 -17.45 -47.37 -83.10
CA CYS D 50 -16.72 -46.27 -82.48
C CYS D 50 -15.39 -46.07 -83.20
N ASN D 51 -15.46 -45.97 -84.51
CA ASN D 51 -14.27 -45.91 -85.36
C ASN D 51 -13.30 -44.79 -85.03
N THR D 52 -13.81 -43.55 -85.01
CA THR D 52 -12.94 -42.39 -84.94
C THR D 52 -12.81 -41.75 -83.55
N SER D 53 -12.35 -40.51 -83.55
CA SER D 53 -12.00 -39.81 -82.32
C SER D 53 -11.51 -38.41 -82.65
N VAL D 54 -12.09 -37.41 -82.00
CA VAL D 54 -11.82 -36.02 -82.36
C VAL D 54 -10.92 -35.33 -81.33
N ILE D 55 -9.66 -35.13 -81.69
CA ILE D 55 -8.74 -34.40 -80.82
C ILE D 55 -8.80 -32.89 -81.08
N THR D 56 -9.01 -32.13 -80.02
CA THR D 56 -9.15 -30.69 -80.10
C THR D 56 -8.33 -30.05 -78.99
N GLN D 57 -7.75 -28.88 -79.25
CA GLN D 57 -7.02 -28.17 -78.21
C GLN D 57 -7.98 -27.18 -77.57
N ALA D 58 -7.98 -27.14 -76.23
CA ALA D 58 -8.96 -26.34 -75.53
C ALA D 58 -8.70 -26.19 -74.04
N CYS D 59 -7.67 -25.42 -73.74
CA CYS D 59 -7.48 -24.81 -72.43
C CYS D 59 -6.99 -23.39 -72.71
N PRO D 60 -7.81 -22.60 -73.44
CA PRO D 60 -7.44 -21.28 -73.92
C PRO D 60 -7.18 -20.30 -72.78
N LYS D 61 -8.02 -20.36 -71.75
CA LYS D 61 -7.92 -19.43 -70.63
C LYS D 61 -6.52 -18.87 -70.44
N VAL D 62 -6.39 -17.57 -70.61
CA VAL D 62 -5.14 -16.88 -70.33
C VAL D 62 -5.19 -16.35 -68.90
N SER D 63 -4.22 -16.76 -68.10
CA SER D 63 -4.11 -16.31 -66.73
C SER D 63 -2.83 -15.52 -66.55
N PHE D 64 -2.80 -14.66 -65.54
CA PHE D 64 -1.57 -13.97 -65.19
C PHE D 64 -0.88 -14.67 -64.03
N GLU D 65 0.42 -14.89 -64.18
CA GLU D 65 1.20 -15.60 -63.17
C GLU D 65 2.31 -14.70 -62.63
N PRO D 66 2.67 -14.88 -61.36
CA PRO D 66 3.69 -14.02 -60.75
C PRO D 66 5.06 -14.29 -61.35
N ILE D 67 5.82 -13.23 -61.57
CA ILE D 67 7.15 -13.33 -62.11
C ILE D 67 8.14 -13.34 -60.97
N PRO D 68 9.04 -14.35 -60.94
CA PRO D 68 10.11 -14.51 -59.94
C PRO D 68 11.09 -13.35 -59.98
N ILE D 69 11.41 -12.81 -58.80
CA ILE D 69 12.41 -11.75 -58.71
C ILE D 69 13.65 -12.31 -58.01
N HIS D 70 14.81 -12.02 -58.58
CA HIS D 70 16.08 -12.43 -58.00
C HIS D 70 16.85 -11.22 -57.53
N TYR D 71 17.37 -11.28 -56.31
CA TYR D 71 18.29 -10.24 -55.86
C TYR D 71 19.68 -10.63 -56.30
N CYS D 72 20.31 -9.76 -57.10
CA CYS D 72 21.64 -10.05 -57.59
C CYS D 72 22.67 -9.18 -56.89
N ALA D 73 23.77 -9.81 -56.49
CA ALA D 73 24.87 -9.11 -55.84
C ALA D 73 25.41 -8.04 -56.76
N PRO D 74 25.64 -6.83 -56.23
CA PRO D 74 26.16 -5.67 -56.98
C PRO D 74 27.50 -5.96 -57.65
N ALA D 75 28.03 -4.96 -58.34
CA ALA D 75 29.33 -5.10 -59.00
C ALA D 75 30.47 -5.13 -57.97
N GLY D 76 31.19 -6.24 -57.92
CA GLY D 76 32.31 -6.36 -57.00
C GLY D 76 31.96 -7.05 -55.69
N PHE D 77 30.71 -7.48 -55.57
CA PHE D 77 30.27 -8.22 -54.40
C PHE D 77 29.69 -9.58 -54.81
N ALA D 78 29.40 -10.40 -53.82
CA ALA D 78 28.77 -11.70 -54.07
C ALA D 78 27.80 -12.06 -52.96
N ILE D 79 27.09 -13.16 -53.16
CA ILE D 79 26.13 -13.62 -52.16
C ILE D 79 26.58 -14.96 -51.60
N LEU D 80 26.63 -15.05 -50.27
CA LEU D 80 26.97 -16.30 -49.60
C LEU D 80 25.69 -17.03 -49.24
N LYS D 81 25.64 -18.32 -49.55
CA LYS D 81 24.43 -19.11 -49.39
C LYS D 81 24.66 -20.30 -48.48
N CYS D 82 23.86 -20.40 -47.42
CA CYS D 82 23.93 -21.54 -46.53
C CYS D 82 23.27 -22.74 -47.17
N ASN D 83 23.94 -23.89 -47.14
CA ASN D 83 23.36 -25.12 -47.68
C ASN D 83 22.92 -26.08 -46.57
N ASN D 84 23.27 -25.74 -45.33
CA ASN D 84 22.80 -26.47 -44.17
C ASN D 84 21.27 -26.50 -44.16
N LYS D 85 20.71 -27.67 -44.47
CA LYS D 85 19.27 -27.78 -44.73
C LYS D 85 18.37 -27.39 -43.55
N THR D 86 18.94 -27.30 -42.36
CA THR D 86 18.18 -26.89 -41.18
C THR D 86 18.90 -25.77 -40.42
N PHE D 87 19.30 -24.73 -41.16
CA PHE D 87 20.00 -23.60 -40.58
C PHE D 87 19.04 -22.70 -39.81
N ASN D 88 19.55 -22.01 -38.79
CA ASN D 88 18.70 -21.19 -37.94
C ASN D 88 18.87 -19.68 -38.11
N GLY D 89 19.73 -19.27 -39.05
CA GLY D 89 19.90 -17.86 -39.34
C GLY D 89 21.18 -17.26 -38.79
N THR D 90 21.30 -17.23 -37.47
CA THR D 90 22.49 -16.71 -36.82
C THR D 90 23.49 -17.84 -36.58
N GLY D 91 24.77 -17.55 -36.72
CA GLY D 91 25.80 -18.54 -36.49
C GLY D 91 26.65 -18.80 -37.72
N PRO D 92 27.63 -19.71 -37.58
CA PRO D 92 28.55 -20.07 -38.65
C PRO D 92 28.04 -21.26 -39.44
N CYS D 93 28.03 -21.15 -40.76
CA CYS D 93 27.62 -22.26 -41.62
C CYS D 93 28.86 -23.00 -42.09
N THR D 94 28.87 -24.32 -41.88
CA THR D 94 30.02 -25.14 -42.24
C THR D 94 29.95 -25.64 -43.68
N ASN D 95 28.82 -25.39 -44.32
CA ASN D 95 28.63 -25.70 -45.73
C ASN D 95 28.11 -24.48 -46.48
N VAL D 96 28.93 -23.92 -47.36
CA VAL D 96 28.63 -22.64 -47.99
C VAL D 96 28.81 -22.63 -49.50
N SER D 97 27.94 -21.91 -50.19
CA SER D 97 28.06 -21.72 -51.63
C SER D 97 28.24 -20.24 -51.94
N THR D 98 28.67 -19.94 -53.17
CA THR D 98 28.75 -18.56 -53.64
C THR D 98 27.95 -18.41 -54.93
N VAL D 99 26.90 -17.60 -54.87
CA VAL D 99 26.05 -17.36 -56.02
C VAL D 99 25.97 -15.87 -56.34
N GLN D 100 25.64 -15.57 -57.59
CA GLN D 100 25.54 -14.19 -58.04
C GLN D 100 24.15 -13.63 -57.74
N CYS D 101 23.17 -14.54 -57.65
CA CYS D 101 21.78 -14.17 -57.46
C CYS D 101 21.06 -15.08 -56.48
N THR D 102 20.12 -14.52 -55.73
CA THR D 102 19.28 -15.33 -54.84
C THR D 102 18.33 -16.16 -55.68
N HIS D 103 17.55 -17.02 -55.02
CA HIS D 103 16.62 -17.86 -55.75
C HIS D 103 15.45 -17.04 -56.26
N GLY D 104 14.47 -17.71 -56.85
CA GLY D 104 13.31 -17.04 -57.41
C GLY D 104 12.23 -16.77 -56.39
N ILE D 105 12.12 -15.50 -55.99
CA ILE D 105 11.12 -15.09 -55.00
C ILE D 105 9.93 -14.44 -55.68
N ARG D 106 8.73 -14.95 -55.41
CA ARG D 106 7.50 -14.38 -55.94
C ARG D 106 6.78 -13.59 -54.85
N PRO D 107 7.09 -12.29 -54.75
CA PRO D 107 6.57 -11.46 -53.66
C PRO D 107 5.06 -11.58 -53.51
N VAL D 108 4.62 -11.82 -52.27
CA VAL D 108 3.21 -11.96 -51.95
C VAL D 108 2.95 -11.33 -50.58
N VAL D 109 2.27 -10.19 -50.57
CA VAL D 109 1.89 -9.52 -49.32
C VAL D 109 0.88 -10.38 -48.58
N SER D 110 1.09 -10.55 -47.27
CA SER D 110 0.17 -11.36 -46.47
C SER D 110 0.55 -11.38 -45.00
N SER D 111 -0.42 -11.72 -44.16
CA SER D 111 -0.18 -11.92 -42.75
C SER D 111 -0.69 -13.29 -42.31
N GLN D 112 -0.14 -13.81 -41.22
CA GLN D 112 -0.54 -15.11 -40.70
C GLN D 112 -0.05 -16.28 -41.53
N LEU D 113 -0.39 -16.30 -42.81
CA LEU D 113 0.03 -17.41 -43.68
C LEU D 113 0.98 -16.95 -44.77
N LEU D 114 2.09 -17.69 -44.92
CA LEU D 114 3.07 -17.40 -45.97
C LEU D 114 2.76 -18.23 -47.22
N LEU D 115 2.48 -17.53 -48.32
CA LEU D 115 2.02 -18.17 -49.54
C LEU D 115 3.10 -18.22 -50.61
N ASN D 116 2.99 -19.20 -51.50
CA ASN D 116 3.94 -19.36 -52.60
C ASN D 116 5.38 -19.12 -52.17
N GLY D 117 5.81 -19.88 -51.17
CA GLY D 117 7.13 -19.70 -50.61
C GLY D 117 7.95 -20.95 -50.73
N SER D 118 9.14 -20.94 -50.14
CA SER D 118 10.06 -22.06 -50.21
C SER D 118 9.84 -23.01 -49.03
N LEU D 119 9.56 -24.28 -49.34
CA LEU D 119 9.40 -25.29 -48.30
C LEU D 119 10.76 -25.66 -47.73
N ALA D 120 10.80 -26.00 -46.44
CA ALA D 120 12.02 -26.48 -45.82
C ALA D 120 12.38 -27.82 -46.40
N GLU D 121 13.68 -28.10 -46.50
CA GLU D 121 14.15 -29.31 -47.18
C GLU D 121 13.96 -30.57 -46.35
N GLU D 122 14.39 -30.55 -45.10
CA GLU D 122 14.30 -31.73 -44.25
C GLU D 122 12.99 -31.78 -43.47
N GLU D 123 13.03 -31.32 -42.22
CA GLU D 123 11.84 -31.29 -41.37
C GLU D 123 11.32 -29.87 -41.18
N VAL D 124 10.19 -29.74 -40.48
CA VAL D 124 9.61 -28.43 -40.22
C VAL D 124 10.60 -27.58 -39.45
N VAL D 125 10.71 -26.31 -39.82
CA VAL D 125 11.63 -25.41 -39.15
C VAL D 125 10.89 -24.22 -38.55
N ILE D 126 11.25 -23.85 -37.32
CA ILE D 126 10.75 -22.63 -36.74
C ILE D 126 11.92 -21.69 -36.45
N ARG D 127 11.69 -20.40 -36.64
CA ARG D 127 12.75 -19.41 -36.48
C ARG D 127 12.23 -18.18 -35.73
N SER D 128 13.13 -17.50 -35.04
CA SER D 128 12.79 -16.27 -34.34
C SER D 128 14.06 -15.46 -34.12
N CYS D 129 13.93 -14.15 -34.22
CA CYS D 129 15.07 -13.26 -33.96
C CYS D 129 15.46 -13.34 -32.50
N ASN D 130 14.55 -13.91 -31.69
CA ASN D 130 14.75 -14.05 -30.25
C ASN D 130 13.53 -14.77 -29.67
N PHE D 131 13.67 -16.07 -29.41
CA PHE D 131 12.56 -16.87 -28.91
C PHE D 131 12.09 -16.42 -27.54
N THR D 132 12.98 -15.78 -26.78
CA THR D 132 12.70 -15.38 -25.41
C THR D 132 11.89 -14.09 -25.35
N ASP D 133 11.83 -13.38 -26.46
CA ASP D 133 11.05 -12.16 -26.58
C ASP D 133 9.71 -12.46 -27.25
N ASN D 134 8.65 -12.52 -26.45
CA ASN D 134 7.34 -12.90 -26.96
C ASN D 134 6.83 -11.99 -28.08
N ALA D 135 7.37 -10.77 -28.13
CA ALA D 135 6.99 -9.80 -29.16
C ALA D 135 7.55 -10.20 -30.54
N LYS D 136 8.80 -10.65 -30.55
CA LYS D 136 9.43 -11.09 -31.79
C LYS D 136 8.61 -12.18 -32.47
N THR D 137 8.36 -12.00 -33.77
CA THR D 137 7.52 -12.91 -34.54
C THR D 137 8.22 -14.25 -34.79
N ILE D 138 7.45 -15.34 -34.66
CA ILE D 138 7.97 -16.67 -34.95
C ILE D 138 7.63 -17.03 -36.37
N ILE D 139 8.64 -17.47 -37.12
CA ILE D 139 8.45 -17.83 -38.52
C ILE D 139 8.49 -19.34 -38.68
N VAL D 140 7.36 -19.93 -39.04
CA VAL D 140 7.29 -21.37 -39.26
C VAL D 140 7.46 -21.66 -40.75
N GLN D 141 8.19 -22.72 -41.06
CA GLN D 141 8.41 -23.12 -42.45
C GLN D 141 8.15 -24.60 -42.62
N LEU D 142 6.99 -24.95 -43.16
CA LEU D 142 6.61 -26.35 -43.34
C LEU D 142 7.54 -27.02 -44.36
N ASN D 143 7.59 -28.34 -44.32
CA ASN D 143 8.34 -29.09 -45.32
C ASN D 143 7.37 -29.71 -46.33
N THR D 144 6.08 -29.45 -46.12
CA THR D 144 5.04 -29.91 -47.02
C THR D 144 3.99 -28.81 -47.16
N SER D 145 3.72 -28.40 -48.39
CA SER D 145 2.78 -27.30 -48.63
C SER D 145 1.33 -27.73 -48.49
N VAL D 146 0.50 -26.85 -47.93
CA VAL D 146 -0.93 -27.10 -47.81
C VAL D 146 -1.71 -26.26 -48.82
N GLU D 147 -2.31 -26.93 -49.80
CA GLU D 147 -3.07 -26.24 -50.84
C GLU D 147 -4.27 -25.52 -50.24
N ILE D 148 -4.53 -24.32 -50.71
CA ILE D 148 -5.65 -23.51 -50.23
C ILE D 148 -6.38 -22.86 -51.41
N ASN D 149 -7.64 -23.22 -51.61
CA ASN D 149 -8.39 -22.76 -52.78
C ASN D 149 -9.30 -21.58 -52.48
N CYS D 150 -8.97 -20.43 -53.07
CA CYS D 150 -9.74 -19.21 -52.85
C CYS D 150 -10.43 -18.73 -54.12
N THR D 151 -11.76 -18.65 -54.07
CA THR D 151 -12.53 -18.12 -55.17
C THR D 151 -12.96 -16.68 -54.89
N GLY D 152 -13.15 -15.91 -55.96
CA GLY D 152 -13.56 -14.52 -55.82
C GLY D 152 -14.90 -14.43 -55.14
N ALA D 153 -15.65 -15.53 -55.21
CA ALA D 153 -16.96 -15.62 -54.57
C ALA D 153 -16.87 -15.18 -53.11
N GLY D 154 -15.72 -15.43 -52.49
CA GLY D 154 -15.45 -14.93 -51.15
C GLY D 154 -15.20 -15.99 -50.10
N HIS D 155 -14.47 -17.04 -50.46
CA HIS D 155 -14.10 -18.05 -49.47
C HIS D 155 -12.89 -18.88 -49.88
N CYS D 156 -12.19 -19.41 -48.89
CA CYS D 156 -11.00 -20.22 -49.12
C CYS D 156 -11.20 -21.62 -48.55
N ASN D 157 -10.77 -22.63 -49.29
CA ASN D 157 -10.92 -24.01 -48.84
C ASN D 157 -9.57 -24.65 -48.51
N ILE D 158 -9.56 -25.48 -47.46
CA ILE D 158 -8.36 -26.18 -47.04
C ILE D 158 -8.73 -27.57 -46.56
N ALA D 159 -8.05 -28.59 -47.10
CA ALA D 159 -8.28 -29.95 -46.64
C ALA D 159 -8.01 -30.02 -45.15
N ARG D 160 -9.05 -30.29 -44.36
CA ARG D 160 -8.90 -30.27 -42.91
C ARG D 160 -7.87 -31.27 -42.43
N ALA D 161 -7.91 -32.47 -43.00
CA ALA D 161 -6.94 -33.51 -42.68
C ALA D 161 -5.50 -33.00 -42.83
N LYS D 162 -5.22 -32.37 -43.97
CA LYS D 162 -3.88 -31.83 -44.24
C LYS D 162 -3.49 -30.74 -43.24
N TRP D 163 -4.46 -29.92 -42.83
CA TRP D 163 -4.17 -28.84 -41.90
C TRP D 163 -3.90 -29.39 -40.51
N ASN D 164 -4.83 -30.19 -40.01
CA ASN D 164 -4.66 -30.85 -38.72
C ASN D 164 -3.27 -31.45 -38.57
N ASN D 165 -2.85 -32.20 -39.58
CA ASN D 165 -1.51 -32.80 -39.57
C ASN D 165 -0.40 -31.75 -39.57
N THR D 166 -0.59 -30.68 -40.33
CA THR D 166 0.39 -29.60 -40.36
C THR D 166 0.53 -28.94 -38.99
N LEU D 167 -0.61 -28.78 -38.31
CA LEU D 167 -0.61 -28.22 -36.96
C LEU D 167 0.21 -29.09 -36.00
N LYS D 168 -0.07 -30.39 -35.99
CA LYS D 168 0.68 -31.32 -35.15
C LYS D 168 2.19 -31.10 -35.28
N GLN D 169 2.68 -31.10 -36.52
CA GLN D 169 4.11 -30.94 -36.79
C GLN D 169 4.64 -29.62 -36.22
N ILE D 170 3.85 -28.56 -36.37
CA ILE D 170 4.25 -27.26 -35.82
C ILE D 170 4.27 -27.35 -34.30
N ALA D 171 3.15 -27.78 -33.72
CA ALA D 171 3.03 -27.91 -32.28
C ALA D 171 4.20 -28.68 -31.68
N SER D 172 4.57 -29.78 -32.32
CA SER D 172 5.65 -30.62 -31.83
C SER D 172 7.00 -29.90 -31.85
N LYS D 173 7.27 -29.15 -32.91
CA LYS D 173 8.54 -28.42 -33.02
C LYS D 173 8.57 -27.20 -32.09
N LEU D 174 7.41 -26.86 -31.55
CA LEU D 174 7.30 -25.79 -30.56
C LEU D 174 7.45 -26.39 -29.17
N ARG D 175 6.82 -27.55 -28.98
CA ARG D 175 6.97 -28.32 -27.75
C ARG D 175 8.46 -28.65 -27.56
N GLU D 176 9.19 -28.67 -28.68
CA GLU D 176 10.61 -28.98 -28.68
C GLU D 176 11.47 -27.73 -28.40
N GLN D 177 10.83 -26.57 -28.39
CA GLN D 177 11.54 -25.31 -28.12
C GLN D 177 11.16 -24.70 -26.78
N PHE D 178 10.01 -25.12 -26.24
CA PHE D 178 9.50 -24.57 -24.99
C PHE D 178 9.13 -25.66 -23.98
N GLY D 179 10.05 -26.60 -23.74
CA GLY D 179 9.80 -27.65 -22.77
C GLY D 179 9.03 -28.83 -23.34
N ASN D 180 9.69 -29.98 -23.38
CA ASN D 180 9.17 -31.15 -24.10
C ASN D 180 7.81 -31.68 -23.62
N ASN D 181 7.38 -31.25 -22.44
CA ASN D 181 6.08 -31.66 -21.93
C ASN D 181 5.18 -30.45 -21.66
N LYS D 182 5.07 -29.58 -22.66
CA LYS D 182 4.16 -28.44 -22.56
C LYS D 182 2.98 -28.62 -23.51
N THR D 183 1.81 -28.15 -23.08
CA THR D 183 0.63 -28.16 -23.93
C THR D 183 0.67 -26.95 -24.85
N ILE D 184 0.56 -27.19 -26.15
CA ILE D 184 0.59 -26.11 -27.13
C ILE D 184 -0.82 -25.72 -27.55
N ILE D 185 -1.15 -24.44 -27.40
CA ILE D 185 -2.48 -23.97 -27.74
C ILE D 185 -2.46 -22.94 -28.87
N PHE D 186 -3.30 -23.16 -29.89
CA PHE D 186 -3.46 -22.20 -30.97
C PHE D 186 -4.78 -21.46 -30.79
N LYS D 187 -4.71 -20.13 -30.72
CA LYS D 187 -5.91 -19.31 -30.55
C LYS D 187 -5.98 -18.21 -31.59
N GLN D 188 -7.21 -17.82 -31.93
CA GLN D 188 -7.45 -16.72 -32.86
C GLN D 188 -6.66 -15.48 -32.45
N SER D 189 -6.53 -14.52 -33.37
CA SER D 189 -5.82 -13.29 -33.09
C SER D 189 -6.47 -12.56 -31.91
N SER D 190 -5.64 -11.93 -31.08
CA SER D 190 -6.16 -11.22 -29.91
C SER D 190 -6.94 -9.97 -30.29
N GLY D 191 -6.84 -9.55 -31.55
CA GLY D 191 -7.57 -8.40 -32.03
C GLY D 191 -6.67 -7.34 -32.63
N GLY D 192 -7.26 -6.45 -33.43
CA GLY D 192 -6.52 -5.38 -34.06
C GLY D 192 -7.11 -4.99 -35.40
N ASP D 193 -6.38 -4.20 -36.18
CA ASP D 193 -6.80 -3.82 -37.51
C ASP D 193 -7.07 -5.06 -38.36
N PRO D 194 -8.00 -4.95 -39.32
CA PRO D 194 -8.47 -6.09 -40.12
C PRO D 194 -7.31 -6.86 -40.75
N GLU D 195 -6.32 -6.13 -41.24
CA GLU D 195 -5.18 -6.73 -41.92
C GLU D 195 -4.44 -7.75 -41.07
N ILE D 196 -4.46 -7.59 -39.75
CA ILE D 196 -3.67 -8.45 -38.86
C ILE D 196 -4.53 -9.41 -38.03
N VAL D 197 -5.84 -9.34 -38.22
CA VAL D 197 -6.78 -10.18 -37.47
C VAL D 197 -7.32 -11.26 -38.39
N THR D 198 -7.38 -10.95 -39.68
CA THR D 198 -7.81 -11.89 -40.70
C THR D 198 -6.59 -12.41 -41.43
N HIS D 199 -6.73 -13.53 -42.12
CA HIS D 199 -5.67 -13.97 -43.01
C HIS D 199 -5.72 -13.06 -44.22
N TRP D 200 -4.92 -12.00 -44.17
CA TRP D 200 -4.93 -10.96 -45.18
C TRP D 200 -3.84 -11.22 -46.19
N PHE D 201 -4.18 -11.11 -47.47
CA PHE D 201 -3.20 -11.32 -48.54
C PHE D 201 -3.67 -10.72 -49.85
N ASN D 202 -2.76 -10.57 -50.81
CA ASN D 202 -3.13 -9.99 -52.08
C ASN D 202 -3.40 -11.04 -53.15
N CYS D 203 -4.22 -10.67 -54.13
CA CYS D 203 -4.37 -11.44 -55.34
C CYS D 203 -4.25 -10.46 -56.49
N GLY D 204 -3.16 -9.70 -56.48
CA GLY D 204 -2.93 -8.67 -57.48
C GLY D 204 -4.04 -7.64 -57.52
N GLY D 205 -3.80 -6.49 -56.90
CA GLY D 205 -4.80 -5.44 -56.86
C GLY D 205 -5.85 -5.65 -55.79
N GLU D 206 -6.51 -6.81 -55.83
CA GLU D 206 -7.53 -7.16 -54.85
C GLU D 206 -6.92 -7.78 -53.60
N PHE D 207 -7.50 -7.46 -52.44
CA PHE D 207 -7.03 -8.00 -51.17
C PHE D 207 -8.09 -8.85 -50.49
N PHE D 208 -7.70 -10.04 -50.07
CA PHE D 208 -8.59 -10.94 -49.32
C PHE D 208 -8.39 -10.76 -47.81
N TYR D 209 -9.50 -10.67 -47.09
CA TYR D 209 -9.48 -10.70 -45.64
C TYR D 209 -10.22 -11.94 -45.21
N CYS D 210 -9.51 -12.90 -44.61
CA CYS D 210 -10.11 -14.21 -44.32
C CYS D 210 -10.22 -14.56 -42.85
N ASN D 211 -11.37 -15.09 -42.46
CA ASN D 211 -11.62 -15.45 -41.07
C ASN D 211 -10.87 -16.73 -40.74
N SER D 212 -9.60 -16.57 -40.36
CA SER D 212 -8.73 -17.71 -40.07
C SER D 212 -8.88 -18.17 -38.63
N THR D 213 -10.09 -18.05 -38.09
CA THR D 213 -10.35 -18.43 -36.72
C THR D 213 -10.42 -19.94 -36.58
N GLN D 214 -10.80 -20.62 -37.66
CA GLN D 214 -10.91 -22.07 -37.64
C GLN D 214 -9.56 -22.76 -37.80
N LEU D 215 -8.55 -22.01 -38.23
CA LEU D 215 -7.22 -22.58 -38.42
C LEU D 215 -6.44 -22.56 -37.11
N PHE D 216 -6.79 -21.60 -36.25
CA PHE D 216 -6.07 -21.41 -34.99
C PHE D 216 -7.03 -21.52 -33.81
N ASN D 217 -7.46 -22.74 -33.56
CA ASN D 217 -8.45 -23.02 -32.53
C ASN D 217 -8.33 -24.46 -32.07
N SER D 218 -7.20 -24.78 -31.42
CA SER D 218 -6.96 -26.14 -30.98
C SER D 218 -5.94 -26.23 -29.84
N THR D 219 -6.04 -27.29 -29.06
CA THR D 219 -5.09 -27.56 -27.99
C THR D 219 -4.35 -28.86 -28.28
N TRP D 220 -3.04 -28.87 -28.03
CA TRP D 220 -2.22 -30.01 -28.42
C TRP D 220 -1.47 -30.68 -27.27
N PHE D 221 -1.51 -32.01 -27.26
CA PHE D 221 -0.90 -32.81 -26.20
C PHE D 221 -1.63 -32.58 -24.87
N ASN D 222 -2.95 -32.65 -24.92
CA ASN D 222 -3.76 -32.49 -23.72
C ASN D 222 -4.52 -33.75 -23.35
N SER D 223 -3.88 -34.62 -22.58
CA SER D 223 -4.52 -35.82 -22.06
C SER D 223 -5.05 -35.59 -20.66
N GLY D 235 -14.93 -31.41 -37.65
CA GLY D 235 -16.22 -31.55 -38.31
C GLY D 235 -16.12 -32.06 -39.74
N SER D 236 -16.22 -31.14 -40.70
CA SER D 236 -16.21 -31.48 -42.11
C SER D 236 -14.88 -32.07 -42.56
N ASP D 237 -14.84 -32.56 -43.79
CA ASP D 237 -13.60 -33.05 -44.38
C ASP D 237 -12.81 -31.93 -45.03
N THR D 238 -13.44 -30.76 -45.13
CA THR D 238 -12.79 -29.58 -45.71
C THR D 238 -13.21 -28.29 -45.01
N ILE D 239 -12.22 -27.56 -44.52
CA ILE D 239 -12.45 -26.28 -43.84
C ILE D 239 -12.69 -25.17 -44.85
N THR D 240 -13.70 -24.35 -44.61
CA THR D 240 -13.99 -23.25 -45.52
C THR D 240 -13.96 -21.91 -44.80
N LEU D 241 -13.07 -21.03 -45.25
CA LEU D 241 -12.91 -19.72 -44.64
C LEU D 241 -13.72 -18.64 -45.35
N PRO D 242 -14.49 -17.87 -44.58
CA PRO D 242 -15.22 -16.70 -45.07
C PRO D 242 -14.25 -15.60 -45.45
N CYS D 243 -14.48 -14.95 -46.59
CA CYS D 243 -13.60 -13.87 -47.04
C CYS D 243 -14.32 -12.60 -47.45
N ARG D 244 -13.69 -11.47 -47.20
CA ARG D 244 -14.11 -10.22 -47.82
C ARG D 244 -13.02 -9.85 -48.81
N ILE D 245 -13.41 -9.21 -49.91
CA ILE D 245 -12.47 -8.85 -50.96
C ILE D 245 -12.55 -7.37 -51.29
N LYS D 246 -11.47 -6.66 -50.98
CA LYS D 246 -11.42 -5.22 -51.18
C LYS D 246 -10.21 -4.81 -52.03
N GLN D 247 -10.38 -3.79 -52.85
CA GLN D 247 -9.26 -3.23 -53.60
C GLN D 247 -8.51 -2.19 -52.78
N ILE D 248 -7.22 -2.08 -53.02
CA ILE D 248 -6.39 -1.12 -52.28
C ILE D 248 -5.37 -0.50 -53.22
N ILE D 249 -5.76 0.61 -53.84
CA ILE D 249 -4.90 1.30 -54.80
C ILE D 249 -3.60 1.78 -54.15
N ASN D 250 -3.68 2.24 -52.91
CA ASN D 250 -2.49 2.78 -52.24
C ASN D 250 -1.43 1.70 -52.03
N MET D 251 -1.84 0.44 -52.22
CA MET D 251 -0.91 -0.68 -52.08
C MET D 251 -0.38 -1.13 -53.44
N TRP D 252 -0.82 -0.44 -54.49
CA TRP D 252 -0.34 -0.69 -55.84
C TRP D 252 1.10 -0.21 -55.98
N CYS D 253 1.84 -0.83 -56.89
CA CYS D 253 3.23 -0.45 -57.15
C CYS D 253 3.34 0.98 -57.68
N LYS D 254 4.16 1.78 -57.00
CA LYS D 254 4.34 3.16 -57.39
C LYS D 254 5.83 3.48 -57.45
N VAL D 255 6.41 3.32 -58.64
CA VAL D 255 7.80 3.65 -58.86
C VAL D 255 7.92 4.97 -59.62
N GLY D 256 8.29 6.02 -58.91
CA GLY D 256 8.38 7.34 -59.51
C GLY D 256 7.01 7.88 -59.89
N LYS D 257 6.91 8.34 -61.13
CA LYS D 257 5.66 8.92 -61.64
C LYS D 257 4.66 7.84 -62.02
N MET D 258 5.18 6.65 -62.35
CA MET D 258 4.34 5.58 -62.85
C MET D 258 3.67 4.78 -61.74
N MET D 259 2.41 4.43 -61.96
CA MET D 259 1.70 3.49 -61.09
C MET D 259 1.38 2.24 -61.90
N TYR D 260 1.63 1.08 -61.30
CA TYR D 260 1.44 -0.19 -62.02
C TYR D 260 0.15 -0.89 -61.61
N ALA D 261 -0.80 -0.91 -62.53
CA ALA D 261 -2.09 -1.56 -62.31
C ALA D 261 -1.98 -3.06 -62.53
N PRO D 262 -2.19 -3.84 -61.46
CA PRO D 262 -2.09 -5.29 -61.57
C PRO D 262 -3.25 -5.82 -62.41
N PRO D 263 -3.15 -7.08 -62.87
CA PRO D 263 -4.21 -7.75 -63.63
C PRO D 263 -5.58 -7.68 -62.95
N ILE D 264 -6.62 -7.85 -63.76
CA ILE D 264 -7.96 -7.34 -63.45
C ILE D 264 -8.79 -8.11 -62.40
N SER D 265 -8.90 -9.42 -62.56
CA SER D 265 -9.64 -10.24 -61.59
C SER D 265 -9.58 -11.75 -61.86
N GLY D 266 -10.57 -12.27 -62.57
CA GLY D 266 -10.53 -13.66 -62.99
C GLY D 266 -9.25 -13.83 -63.77
N GLN D 267 -8.63 -12.68 -64.04
CA GLN D 267 -7.32 -12.56 -64.65
C GLN D 267 -6.27 -13.36 -63.88
N ILE D 268 -5.94 -12.92 -62.67
CA ILE D 268 -5.00 -13.64 -61.82
C ILE D 268 -5.71 -14.76 -61.07
N ARG D 269 -5.01 -15.87 -60.87
CA ARG D 269 -5.59 -17.02 -60.18
C ARG D 269 -5.35 -16.93 -58.68
N CYS D 270 -6.37 -16.48 -57.94
CA CYS D 270 -6.30 -16.49 -56.49
C CYS D 270 -6.21 -17.94 -56.02
N SER D 271 -5.71 -18.13 -54.80
CA SER D 271 -5.49 -19.46 -54.23
C SER D 271 -4.10 -19.99 -54.52
N SER D 272 -3.41 -20.44 -53.48
CA SER D 272 -2.00 -20.77 -53.60
C SER D 272 -1.59 -21.94 -52.70
N ASN D 273 -0.33 -21.96 -52.30
CA ASN D 273 0.20 -23.00 -51.43
C ASN D 273 0.78 -22.42 -50.16
N ILE D 274 0.27 -22.89 -49.01
CA ILE D 274 0.79 -22.45 -47.73
C ILE D 274 2.10 -23.17 -47.49
N THR D 275 3.15 -22.39 -47.23
CA THR D 275 4.47 -22.97 -47.01
C THR D 275 5.05 -22.48 -45.69
N GLY D 276 4.35 -21.54 -45.05
CA GLY D 276 4.80 -21.01 -43.79
C GLY D 276 3.68 -20.36 -43.00
N LEU D 277 3.98 -20.02 -41.75
CA LEU D 277 3.06 -19.31 -40.89
C LEU D 277 3.80 -18.21 -40.16
N LEU D 278 3.05 -17.27 -39.59
CA LEU D 278 3.63 -16.22 -38.77
C LEU D 278 2.94 -16.19 -37.42
N LEU D 279 3.51 -16.92 -36.47
CA LEU D 279 2.92 -17.01 -35.13
C LEU D 279 3.56 -16.00 -34.18
N THR D 280 2.81 -15.63 -33.14
CA THR D 280 3.31 -14.77 -32.08
C THR D 280 2.91 -15.39 -30.74
N ARG D 281 3.87 -15.46 -29.82
CA ARG D 281 3.65 -16.20 -28.57
C ARG D 281 3.08 -15.32 -27.46
N ASP D 282 2.16 -15.87 -26.69
CA ASP D 282 1.59 -15.19 -25.54
C ASP D 282 2.50 -15.37 -24.34
N GLY D 283 3.02 -14.26 -23.82
CA GLY D 283 3.95 -14.30 -22.71
C GLY D 283 3.32 -14.07 -21.35
N GLY D 284 4.11 -13.56 -20.42
CA GLY D 284 3.62 -13.20 -19.10
C GLY D 284 3.26 -14.38 -18.22
N ASN D 285 2.01 -14.42 -17.78
CA ASN D 285 1.53 -15.48 -16.90
C ASN D 285 1.13 -16.72 -17.70
N SER D 286 1.87 -16.98 -18.77
CA SER D 286 1.60 -18.12 -19.63
C SER D 286 2.69 -19.18 -19.51
N ASN D 287 3.49 -19.07 -18.46
CA ASN D 287 4.61 -19.99 -18.27
C ASN D 287 4.35 -21.03 -17.17
N ASN D 288 3.71 -22.13 -17.55
CA ASN D 288 3.50 -23.26 -16.65
C ASN D 288 2.83 -24.46 -17.32
N GLU D 289 1.50 -24.45 -17.35
CA GLU D 289 0.73 -25.59 -17.85
C GLU D 289 0.76 -25.72 -19.38
N SER D 290 1.05 -24.62 -20.07
CA SER D 290 0.89 -24.56 -21.53
C SER D 290 1.37 -23.24 -22.10
N GLU D 291 1.62 -23.24 -23.42
CA GLU D 291 1.98 -22.02 -24.14
C GLU D 291 0.91 -21.69 -25.18
N ILE D 292 0.70 -20.40 -25.44
CA ILE D 292 -0.32 -20.00 -26.38
C ILE D 292 0.23 -19.20 -27.57
N PHE D 293 -0.11 -19.64 -28.78
CA PHE D 293 0.36 -19.00 -30.00
C PHE D 293 -0.81 -18.50 -30.83
N ARG D 294 -0.66 -17.30 -31.37
CA ARG D 294 -1.71 -16.71 -32.20
C ARG D 294 -1.14 -16.26 -33.53
N PRO D 295 -1.97 -16.24 -34.58
CA PRO D 295 -1.57 -15.80 -35.92
C PRO D 295 -1.10 -14.36 -35.87
N GLY D 296 0.07 -14.08 -36.45
CA GLY D 296 0.69 -12.78 -36.31
C GLY D 296 1.03 -12.13 -37.62
N GLY D 297 2.20 -11.51 -37.67
CA GLY D 297 2.66 -10.84 -38.88
C GLY D 297 2.03 -9.47 -39.04
N GLY D 298 1.80 -9.09 -40.30
CA GLY D 298 1.39 -7.73 -40.62
C GLY D 298 2.64 -6.89 -40.80
N ASP D 299 3.78 -7.45 -40.42
CA ASP D 299 5.09 -6.84 -40.60
C ASP D 299 5.84 -7.53 -41.74
N MET D 300 5.90 -6.88 -42.90
CA MET D 300 6.39 -7.54 -44.10
C MET D 300 7.86 -7.92 -44.07
N ARG D 301 8.64 -7.25 -43.22
CA ARG D 301 10.05 -7.58 -43.09
C ARG D 301 10.22 -9.01 -42.62
N ASP D 302 9.30 -9.45 -41.75
CA ASP D 302 9.28 -10.84 -41.28
C ASP D 302 9.06 -11.78 -42.45
N ASN D 303 8.18 -11.39 -43.37
CA ASN D 303 7.95 -12.17 -44.58
C ASN D 303 9.21 -12.37 -45.39
N TRP D 304 9.89 -11.27 -45.70
CA TRP D 304 11.12 -11.31 -46.48
C TRP D 304 12.20 -12.17 -45.82
N ARG D 305 12.31 -12.06 -44.49
CA ARG D 305 13.27 -12.87 -43.77
C ARG D 305 12.98 -14.35 -43.96
N SER D 306 11.70 -14.71 -44.05
CA SER D 306 11.32 -16.11 -44.24
C SER D 306 12.04 -16.74 -45.43
N GLU D 307 12.41 -15.92 -46.41
CA GLU D 307 13.03 -16.41 -47.65
C GLU D 307 14.51 -16.09 -47.74
N LEU D 308 14.93 -15.05 -47.03
CA LEU D 308 16.31 -14.54 -47.13
C LEU D 308 17.19 -14.90 -45.95
N TYR D 309 16.74 -15.84 -45.12
CA TYR D 309 17.49 -16.22 -43.94
C TYR D 309 18.88 -16.77 -44.30
N LYS D 310 18.95 -17.47 -45.43
CA LYS D 310 20.17 -18.19 -45.79
C LYS D 310 21.11 -17.43 -46.73
N TYR D 311 20.87 -16.13 -46.91
CA TYR D 311 21.76 -15.32 -47.76
C TYR D 311 22.46 -14.22 -46.98
N LYS D 312 23.61 -13.79 -47.49
CA LYS D 312 24.36 -12.67 -46.94
C LYS D 312 25.27 -12.09 -48.01
N VAL D 313 25.30 -10.78 -48.14
CA VAL D 313 26.07 -10.13 -49.19
C VAL D 313 27.47 -9.72 -48.69
N VAL D 314 28.49 -10.04 -49.49
CA VAL D 314 29.88 -9.82 -49.10
C VAL D 314 30.71 -9.31 -50.28
N LYS D 315 31.90 -8.78 -49.98
CA LYS D 315 32.84 -8.38 -51.02
C LYS D 315 33.64 -9.57 -51.52
N ILE D 316 33.79 -9.68 -52.83
CA ILE D 316 34.54 -10.78 -53.42
C ILE D 316 36.04 -10.49 -53.37
N GLU D 317 36.73 -11.14 -52.44
CA GLU D 317 38.16 -10.94 -52.24
C GLU D 317 38.97 -11.88 -53.12
N GLN E 1 -5.39 -4.88 -18.34
CA GLN E 1 -5.06 -3.52 -17.91
C GLN E 1 -4.88 -2.60 -19.11
N VAL E 2 -5.91 -2.50 -19.95
CA VAL E 2 -5.85 -1.61 -21.10
C VAL E 2 -5.83 -0.16 -20.64
N GLN E 3 -4.69 0.49 -20.81
CA GLN E 3 -4.53 1.87 -20.36
C GLN E 3 -3.96 2.76 -21.45
N LEU E 4 -4.49 3.98 -21.52
CA LEU E 4 -3.99 4.98 -22.44
C LEU E 4 -3.80 6.28 -21.67
N VAL E 5 -2.53 6.65 -21.45
CA VAL E 5 -2.23 7.85 -20.68
C VAL E 5 -1.69 8.96 -21.57
N GLU E 6 -2.44 10.05 -21.67
CA GLU E 6 -2.00 11.22 -22.41
C GLU E 6 -1.03 12.03 -21.55
N SER E 7 -0.09 12.69 -22.22
CA SER E 7 0.87 13.54 -21.54
C SER E 7 1.33 14.64 -22.49
N GLY E 8 1.66 15.80 -21.94
CA GLY E 8 2.08 16.92 -22.74
C GLY E 8 1.04 18.03 -22.78
N GLY E 9 0.12 18.00 -21.82
CA GLY E 9 -0.86 19.06 -21.68
C GLY E 9 -0.18 20.33 -21.17
N GLY E 10 -0.90 21.43 -21.16
CA GLY E 10 -0.35 22.68 -20.67
C GLY E 10 -0.81 23.87 -21.48
N VAL E 11 0.00 24.93 -21.49
CA VAL E 11 -0.34 26.15 -22.20
C VAL E 11 0.49 26.29 -23.48
N VAL E 12 0.01 27.13 -24.39
CA VAL E 12 0.73 27.40 -25.63
C VAL E 12 0.09 28.60 -26.32
N GLN E 13 0.91 29.59 -26.67
CA GLN E 13 0.38 30.84 -27.22
C GLN E 13 0.05 30.76 -28.70
N PRO E 14 -1.07 31.40 -29.10
CA PRO E 14 -1.62 31.40 -30.46
C PRO E 14 -0.56 31.58 -31.54
N GLY E 15 -0.33 30.54 -32.34
CA GLY E 15 0.66 30.57 -33.39
C GLY E 15 1.73 29.52 -33.19
N ARG E 16 2.02 29.20 -31.93
CA ARG E 16 3.05 28.22 -31.61
C ARG E 16 2.57 26.81 -31.89
N SER E 17 3.36 25.82 -31.47
CA SER E 17 3.04 24.43 -31.70
C SER E 17 3.26 23.58 -30.46
N LEU E 18 2.58 22.44 -30.40
CA LEU E 18 2.67 21.54 -29.25
C LEU E 18 2.54 20.10 -29.73
N ARG E 19 3.21 19.18 -29.03
CA ARG E 19 3.13 17.76 -29.37
C ARG E 19 2.74 16.90 -28.17
N LEU E 20 1.58 16.24 -28.28
CA LEU E 20 1.08 15.39 -27.20
C LEU E 20 1.40 13.92 -27.45
N SER E 21 1.47 13.15 -26.38
CA SER E 21 1.79 11.73 -26.47
C SER E 21 0.75 10.87 -25.76
N CYS E 22 0.79 9.58 -26.03
CA CYS E 22 -0.14 8.64 -25.42
C CYS E 22 0.55 7.32 -25.10
N ALA E 23 0.98 7.16 -23.86
CA ALA E 23 1.63 5.92 -23.44
C ALA E 23 0.62 4.79 -23.32
N ALA E 24 0.54 3.96 -24.37
CA ALA E 24 -0.40 2.85 -24.38
C ALA E 24 0.22 1.60 -23.78
N SER E 25 -0.60 0.82 -23.08
CA SER E 25 -0.13 -0.38 -22.41
C SER E 25 -1.28 -1.35 -22.18
N GLY E 26 -0.96 -2.63 -22.04
CA GLY E 26 -1.95 -3.64 -21.73
C GLY E 26 -2.66 -4.20 -22.95
N PHE E 27 -2.04 -4.05 -24.11
CA PHE E 27 -2.59 -4.54 -25.36
C PHE E 27 -1.58 -4.30 -26.46
N THR E 28 -1.38 -5.28 -27.33
CA THR E 28 -0.42 -5.12 -28.43
C THR E 28 -0.71 -3.84 -29.21
N PHE E 29 0.04 -2.79 -28.91
CA PHE E 29 -0.20 -1.49 -29.50
C PHE E 29 -0.03 -1.50 -31.02
N ARG E 30 0.96 -2.25 -31.49
CA ARG E 30 1.31 -2.26 -32.91
C ARG E 30 0.29 -2.99 -33.79
N ASN E 31 -0.88 -3.29 -33.21
CA ASN E 31 -1.93 -4.00 -33.95
C ASN E 31 -3.23 -3.22 -34.07
N TYR E 32 -3.36 -2.12 -33.34
CA TYR E 32 -4.59 -1.36 -33.34
C TYR E 32 -4.44 0.02 -33.97
N ALA E 33 -5.51 0.50 -34.59
CA ALA E 33 -5.55 1.87 -35.08
C ALA E 33 -5.80 2.77 -33.88
N MET E 34 -5.25 3.97 -33.90
CA MET E 34 -5.43 4.89 -32.78
C MET E 34 -6.13 6.19 -33.19
N HIS E 35 -6.96 6.71 -32.29
CA HIS E 35 -7.77 7.88 -32.56
C HIS E 35 -7.37 9.06 -31.68
N TRP E 36 -7.42 10.26 -32.25
CA TRP E 36 -7.34 11.47 -31.45
C TRP E 36 -8.70 12.16 -31.51
N VAL E 37 -9.23 12.51 -30.35
CA VAL E 37 -10.52 13.17 -30.26
C VAL E 37 -10.40 14.32 -29.28
N ARG E 38 -10.98 15.46 -29.62
CA ARG E 38 -10.92 16.62 -28.73
C ARG E 38 -12.32 17.05 -28.30
N GLN E 39 -12.38 17.86 -27.25
CA GLN E 39 -13.66 18.33 -26.74
C GLN E 39 -13.56 19.74 -26.16
N ALA E 40 -14.00 20.73 -26.94
CA ALA E 40 -14.07 22.09 -26.47
C ALA E 40 -14.72 22.12 -25.09
N PRO E 41 -14.17 22.93 -24.17
CA PRO E 41 -14.70 22.97 -22.80
C PRO E 41 -16.20 23.25 -22.78
N GLY E 42 -16.98 22.25 -22.36
CA GLY E 42 -18.42 22.40 -22.26
C GLY E 42 -19.18 21.98 -23.51
N LYS E 43 -18.44 21.70 -24.59
CA LYS E 43 -19.07 21.34 -25.86
C LYS E 43 -18.95 19.84 -26.17
N GLY E 44 -19.41 19.45 -27.35
CA GLY E 44 -19.49 18.05 -27.71
C GLY E 44 -18.18 17.41 -28.09
N LEU E 45 -18.27 16.18 -28.58
CA LEU E 45 -17.08 15.44 -29.01
C LEU E 45 -16.82 15.62 -30.50
N GLU E 46 -15.57 15.92 -30.84
CA GLU E 46 -15.17 16.10 -32.22
C GLU E 46 -13.95 15.24 -32.57
N TRP E 47 -14.14 14.33 -33.51
CA TRP E 47 -13.06 13.46 -33.96
C TRP E 47 -12.03 14.27 -34.72
N VAL E 48 -10.76 14.13 -34.34
CA VAL E 48 -9.68 14.92 -34.90
C VAL E 48 -8.84 14.17 -35.92
N ALA E 49 -8.27 13.02 -35.52
CA ALA E 49 -7.40 12.26 -36.41
C ALA E 49 -7.39 10.75 -36.13
N LEU E 50 -6.99 9.99 -37.15
CA LEU E 50 -6.86 8.54 -37.04
C LEU E 50 -5.56 8.09 -37.69
N ILE E 51 -5.04 6.95 -37.23
CA ILE E 51 -3.86 6.35 -37.85
C ILE E 51 -3.93 4.83 -37.74
N LYS E 52 -3.71 4.16 -38.87
CA LYS E 52 -3.80 2.71 -38.88
C LYS E 52 -2.62 2.11 -38.13
N TYR E 53 -2.62 0.78 -37.98
CA TYR E 53 -1.63 0.11 -37.15
C TYR E 53 -0.19 0.38 -37.57
N ASP E 54 0.13 0.09 -38.83
CA ASP E 54 1.50 0.18 -39.31
C ASP E 54 2.02 1.62 -39.33
N GLY E 55 1.13 2.58 -39.18
CA GLY E 55 1.50 3.98 -39.13
C GLY E 55 1.44 4.67 -40.49
N ARG E 56 1.23 3.88 -41.54
CA ARG E 56 1.15 4.43 -42.89
C ARG E 56 -0.06 5.36 -43.05
N ASN E 57 -1.20 4.76 -43.38
CA ASN E 57 -2.43 5.51 -43.63
C ASN E 57 -2.86 6.37 -42.44
N LYS E 58 -2.93 7.68 -42.67
CA LYS E 58 -3.45 8.59 -41.65
C LYS E 58 -4.68 9.29 -42.20
N TYR E 59 -5.61 9.61 -41.31
CA TYR E 59 -6.86 10.26 -41.71
C TYR E 59 -7.18 11.41 -40.78
N TYR E 60 -7.51 12.57 -41.37
CA TYR E 60 -7.71 13.79 -40.59
C TYR E 60 -9.09 14.38 -40.82
N ALA E 61 -9.54 15.18 -39.87
CA ALA E 61 -10.76 15.95 -40.04
C ALA E 61 -10.46 17.17 -40.89
N ASP E 62 -11.51 17.74 -41.50
CA ASP E 62 -11.35 18.94 -42.32
C ASP E 62 -11.00 20.14 -41.46
N SER E 63 -11.20 20.00 -40.15
CA SER E 63 -10.99 21.09 -39.22
C SER E 63 -9.53 21.20 -38.80
N VAL E 64 -8.67 20.38 -39.41
CA VAL E 64 -7.25 20.35 -39.05
C VAL E 64 -6.33 20.07 -40.24
N LYS E 65 -6.89 19.66 -41.36
CA LYS E 65 -6.10 19.25 -42.52
C LYS E 65 -5.01 20.25 -42.88
N GLY E 66 -3.76 19.90 -42.57
CA GLY E 66 -2.63 20.73 -42.92
C GLY E 66 -1.96 21.42 -41.74
N ARG E 67 -2.53 21.24 -40.55
CA ARG E 67 -2.01 21.86 -39.35
C ARG E 67 -1.55 20.84 -38.32
N PHE E 68 -2.28 19.72 -38.26
CA PHE E 68 -2.01 18.67 -37.29
C PHE E 68 -1.28 17.49 -37.92
N SER E 69 -0.53 16.76 -37.10
CA SER E 69 0.20 15.60 -37.59
C SER E 69 0.11 14.44 -36.59
N ILE E 70 -0.55 13.38 -37.03
CA ILE E 70 -0.62 12.16 -36.23
C ILE E 70 0.47 11.18 -36.65
N SER E 71 1.02 10.47 -35.67
CA SER E 71 2.12 9.55 -35.91
C SER E 71 2.17 8.51 -34.80
N ARG E 72 3.16 7.63 -34.85
CA ARG E 72 3.29 6.62 -33.81
C ARG E 72 4.62 5.88 -33.88
N ASP E 73 5.12 5.49 -32.72
CA ASP E 73 6.32 4.66 -32.64
C ASP E 73 5.92 3.33 -32.00
N ASN E 74 5.60 2.36 -32.83
CA ASN E 74 5.16 1.06 -32.36
C ASN E 74 6.23 0.34 -31.51
N SER E 75 7.36 1.01 -31.33
CA SER E 75 8.47 0.45 -30.56
C SER E 75 8.48 1.01 -29.14
N LYS E 76 7.91 2.21 -28.98
CA LYS E 76 7.75 2.82 -27.66
C LYS E 76 6.28 2.82 -27.25
N ASN E 77 5.47 2.05 -27.97
CA ASN E 77 4.03 1.96 -27.72
C ASN E 77 3.40 3.32 -27.45
N THR E 78 3.90 4.35 -28.13
CA THR E 78 3.41 5.71 -27.93
C THR E 78 2.77 6.28 -29.19
N LEU E 79 1.68 7.01 -29.00
CA LEU E 79 1.00 7.69 -30.10
C LEU E 79 1.26 9.17 -29.97
N TYR E 80 1.49 9.84 -31.11
CA TYR E 80 1.82 11.27 -31.08
C TYR E 80 0.85 12.09 -31.91
N LEU E 81 0.67 13.35 -31.52
CA LEU E 81 -0.10 14.30 -32.30
C LEU E 81 0.48 15.70 -32.15
N GLU E 82 1.24 16.15 -33.15
CA GLU E 82 1.81 17.50 -33.13
C GLU E 82 0.87 18.48 -33.82
N MET E 83 0.66 19.63 -33.19
CA MET E 83 -0.28 20.61 -33.69
C MET E 83 0.40 21.95 -33.94
N ASN E 84 0.26 22.46 -35.16
CA ASN E 84 0.85 23.73 -35.55
C ASN E 84 -0.19 24.83 -35.74
N SER E 85 0.21 26.07 -35.53
CA SER E 85 -0.69 27.22 -35.66
C SER E 85 -1.93 27.06 -34.80
N LEU E 86 -1.74 26.99 -33.49
CA LEU E 86 -2.84 26.80 -32.55
C LEU E 86 -3.65 28.08 -32.36
N ARG E 87 -4.95 27.99 -32.61
CA ARG E 87 -5.84 29.14 -32.44
C ARG E 87 -6.52 29.09 -31.09
N ALA E 88 -7.34 30.10 -30.80
CA ALA E 88 -8.09 30.15 -29.55
C ALA E 88 -9.17 29.08 -29.51
N GLU E 89 -9.50 28.54 -30.67
CA GLU E 89 -10.57 27.56 -30.79
C GLU E 89 -10.07 26.12 -30.63
N ASP E 90 -8.75 25.97 -30.56
CA ASP E 90 -8.15 24.65 -30.36
C ASP E 90 -8.02 24.34 -28.87
N THR E 91 -8.37 25.32 -28.04
CA THR E 91 -8.35 25.12 -26.59
C THR E 91 -9.38 24.08 -26.20
N ALA E 92 -8.92 22.87 -25.92
CA ALA E 92 -9.82 21.76 -25.61
C ALA E 92 -9.11 20.62 -24.86
N VAL E 93 -9.90 19.62 -24.48
CA VAL E 93 -9.36 18.40 -23.88
C VAL E 93 -9.10 17.42 -25.00
N TYR E 94 -7.96 16.76 -24.96
CA TYR E 94 -7.56 15.86 -26.05
C TYR E 94 -7.45 14.40 -25.60
N TYR E 95 -8.37 13.58 -26.08
CA TYR E 95 -8.38 12.16 -25.76
C TYR E 95 -7.71 11.35 -26.87
N CYS E 96 -7.03 10.28 -26.48
CA CYS E 96 -6.62 9.26 -27.44
C CYS E 96 -7.45 8.01 -27.18
N ALA E 97 -7.84 7.32 -28.24
CA ALA E 97 -8.69 6.14 -28.10
C ALA E 97 -8.20 4.99 -28.98
N ARG E 98 -8.45 3.76 -28.52
CA ARG E 98 -8.10 2.58 -29.29
C ARG E 98 -9.27 2.19 -30.15
N ASP E 99 -9.04 1.99 -31.45
CA ASP E 99 -10.09 1.52 -32.34
C ASP E 99 -10.41 0.07 -32.01
N ILE E 100 -11.70 -0.26 -31.87
CA ILE E 100 -12.09 -1.65 -31.73
C ILE E 100 -11.45 -2.44 -32.85
N GLY E 101 -11.10 -3.69 -32.59
CA GLY E 101 -10.43 -4.49 -33.62
C GLY E 101 -11.30 -4.75 -34.83
N LEU E 102 -11.41 -6.02 -35.21
CA LEU E 102 -12.40 -6.43 -36.18
C LEU E 102 -13.21 -7.54 -35.53
N LYS E 103 -14.00 -7.17 -34.52
CA LYS E 103 -14.82 -8.14 -33.80
C LYS E 103 -15.57 -9.05 -34.77
N GLY E 104 -15.81 -10.30 -34.35
CA GLY E 104 -16.40 -11.30 -35.21
C GLY E 104 -17.79 -10.95 -35.71
N GLU E 105 -18.07 -9.64 -35.76
CA GLU E 105 -19.37 -9.06 -36.10
C GLU E 105 -19.96 -9.54 -37.43
N HIS E 106 -19.41 -10.63 -37.99
CA HIS E 106 -19.79 -11.10 -39.33
C HIS E 106 -19.11 -10.18 -40.34
N TYR E 107 -19.14 -8.89 -40.04
CA TYR E 107 -18.23 -7.87 -40.58
C TYR E 107 -18.15 -7.63 -42.09
N ASP E 108 -17.86 -6.38 -42.42
CA ASP E 108 -17.36 -5.99 -43.72
C ASP E 108 -16.02 -5.33 -43.42
N ILE E 109 -15.32 -4.85 -44.45
CA ILE E 109 -14.00 -4.25 -44.22
C ILE E 109 -14.03 -2.73 -44.28
N LEU E 110 -13.95 -2.10 -43.11
CA LEU E 110 -14.05 -0.64 -43.04
C LEU E 110 -12.73 0.01 -42.65
N THR E 111 -12.65 1.32 -42.84
CA THR E 111 -11.44 2.08 -42.54
C THR E 111 -11.20 2.09 -41.04
N ALA E 112 -12.27 2.34 -40.29
CA ALA E 112 -12.21 2.31 -38.83
C ALA E 112 -13.46 1.63 -38.33
N TYR E 113 -13.42 1.16 -37.10
CA TYR E 113 -14.59 0.51 -36.51
C TYR E 113 -15.12 1.25 -35.29
N GLY E 114 -14.39 2.30 -34.89
CA GLY E 114 -14.80 3.13 -33.77
C GLY E 114 -13.97 2.85 -32.53
N PRO E 115 -13.85 3.86 -31.65
CA PRO E 115 -13.07 3.76 -30.41
C PRO E 115 -13.77 2.90 -29.37
N ASP E 116 -12.98 2.23 -28.52
CA ASP E 116 -13.55 1.49 -27.39
C ASP E 116 -12.97 1.98 -26.05
N TYR E 117 -11.65 2.00 -25.93
CA TYR E 117 -10.98 2.52 -24.74
C TYR E 117 -10.48 3.93 -25.04
N TRP E 118 -10.76 4.85 -24.13
CA TRP E 118 -10.25 6.21 -24.25
C TRP E 118 -9.23 6.48 -23.14
N GLY E 119 -8.39 7.49 -23.36
CA GLY E 119 -7.48 7.94 -22.32
C GLY E 119 -8.23 8.86 -21.39
N GLN E 120 -7.60 9.24 -20.28
CA GLN E 120 -8.26 10.10 -19.31
C GLN E 120 -8.19 11.57 -19.70
N GLY E 121 -7.67 11.84 -20.89
CA GLY E 121 -7.63 13.20 -21.42
C GLY E 121 -6.41 14.01 -21.03
N ALA E 122 -6.12 15.03 -21.84
CA ALA E 122 -5.03 15.94 -21.57
C ALA E 122 -5.45 17.36 -21.96
N LEU E 123 -5.45 18.26 -20.98
CA LEU E 123 -5.95 19.61 -21.18
C LEU E 123 -4.93 20.51 -21.88
N VAL E 124 -5.33 21.09 -23.01
CA VAL E 124 -4.49 22.04 -23.73
C VAL E 124 -5.20 23.38 -23.88
N THR E 125 -4.59 24.44 -23.35
CA THR E 125 -5.15 25.77 -23.44
C THR E 125 -4.30 26.69 -24.30
N VAL E 126 -4.90 27.24 -25.35
CA VAL E 126 -4.20 28.16 -26.23
C VAL E 126 -4.40 29.59 -25.74
N SER E 127 -3.51 30.04 -24.86
CA SER E 127 -3.61 31.36 -24.27
C SER E 127 -2.24 32.03 -24.18
N SER E 128 -2.21 33.34 -24.42
CA SER E 128 -0.98 34.12 -24.29
C SER E 128 -0.80 34.63 -22.87
N ALA E 129 -1.40 33.92 -21.92
CA ALA E 129 -1.26 34.26 -20.51
C ALA E 129 -0.23 33.34 -19.85
N SER E 130 0.10 33.65 -18.60
CA SER E 130 1.09 32.86 -17.87
C SER E 130 0.43 32.03 -16.78
N THR E 131 1.09 30.95 -16.39
CA THR E 131 0.55 30.07 -15.35
C THR E 131 0.69 30.73 -13.99
N LYS E 132 -0.04 30.21 -13.00
CA LYS E 132 0.00 30.77 -11.65
C LYS E 132 -0.41 29.73 -10.62
N GLY E 133 0.15 29.85 -9.42
CA GLY E 133 -0.11 28.90 -8.35
C GLY E 133 -1.36 29.22 -7.56
N PRO E 134 -2.02 28.18 -7.02
CA PRO E 134 -3.26 28.37 -6.26
C PRO E 134 -2.97 28.72 -4.80
N SER E 135 -3.73 29.67 -4.27
CA SER E 135 -3.67 29.98 -2.85
C SER E 135 -4.80 29.25 -2.14
N VAL E 136 -4.45 28.40 -1.18
CA VAL E 136 -5.44 27.56 -0.50
C VAL E 136 -5.84 28.10 0.87
N PHE E 137 -7.13 28.34 1.04
CA PHE E 137 -7.68 28.85 2.30
C PHE E 137 -8.74 27.90 2.85
N PRO E 138 -8.85 27.82 4.19
CA PRO E 138 -9.80 26.93 4.87
C PRO E 138 -11.21 27.50 5.00
N LEU E 139 -12.20 26.61 4.97
CA LEU E 139 -13.57 26.94 5.38
C LEU E 139 -13.93 26.07 6.58
N ALA E 140 -13.90 26.64 7.78
CA ALA E 140 -14.13 25.87 9.00
C ALA E 140 -15.62 25.82 9.36
N PRO E 141 -16.02 24.77 10.12
CA PRO E 141 -17.40 24.55 10.58
C PRO E 141 -17.91 25.67 11.48
N SER E 142 -18.85 25.33 12.36
CA SER E 142 -19.43 26.31 13.29
C SER E 142 -20.08 25.65 14.49
N SER E 143 -20.93 26.39 15.19
CA SER E 143 -21.65 25.87 16.34
C SER E 143 -23.16 25.87 16.09
N THR E 146 -28.52 22.68 13.04
CA THR E 146 -27.97 22.61 14.39
C THR E 146 -26.57 22.02 14.37
N SER E 147 -25.82 22.23 15.45
CA SER E 147 -24.50 21.66 15.60
C SER E 147 -24.56 20.36 16.40
N GLY E 148 -25.72 19.74 16.41
CA GLY E 148 -25.92 18.47 17.08
C GLY E 148 -26.24 17.35 16.12
N GLY E 149 -26.07 17.61 14.83
CA GLY E 149 -26.31 16.63 13.79
C GLY E 149 -25.16 16.47 12.82
N THR E 150 -25.24 17.16 11.69
CA THR E 150 -24.20 17.12 10.68
C THR E 150 -23.64 18.51 10.39
N ALA E 151 -22.33 18.57 10.13
CA ALA E 151 -21.68 19.85 9.87
C ALA E 151 -20.86 19.79 8.58
N ALA E 152 -20.75 20.93 7.90
CA ALA E 152 -20.07 20.99 6.61
C ALA E 152 -18.83 21.88 6.64
N LEU E 153 -17.74 21.38 6.05
CA LEU E 153 -16.49 22.13 5.96
C LEU E 153 -15.90 22.01 4.56
N GLY E 154 -14.71 22.58 4.35
CA GLY E 154 -14.07 22.50 3.05
C GLY E 154 -12.91 23.46 2.82
N CYS E 155 -12.45 23.54 1.58
CA CYS E 155 -11.32 24.38 1.20
C CYS E 155 -11.72 25.41 0.14
N LEU E 156 -10.82 26.35 -0.14
CA LEU E 156 -11.03 27.34 -1.19
C LEU E 156 -9.77 27.52 -2.02
N VAL E 157 -9.76 26.94 -3.21
CA VAL E 157 -8.62 27.06 -4.13
C VAL E 157 -8.81 28.28 -5.03
N LYS E 158 -8.02 29.31 -4.80
CA LYS E 158 -8.25 30.61 -5.42
C LYS E 158 -7.02 31.17 -6.16
N ASP E 159 -7.28 31.77 -7.32
CA ASP E 159 -6.25 32.47 -8.11
C ASP E 159 -5.17 31.54 -8.66
N TYR E 160 -5.50 30.84 -9.75
CA TYR E 160 -4.55 29.95 -10.41
C TYR E 160 -4.80 29.91 -11.91
N PHE E 161 -3.96 29.15 -12.62
CA PHE E 161 -4.04 29.07 -14.07
C PHE E 161 -2.98 28.09 -14.57
N PRO E 162 -3.35 27.23 -15.52
CA PRO E 162 -4.72 27.08 -16.04
C PRO E 162 -5.45 25.95 -15.31
N GLU E 163 -6.39 25.30 -15.98
CA GLU E 163 -7.05 24.14 -15.43
C GLU E 163 -6.15 22.91 -15.60
N PRO E 164 -6.34 21.87 -14.78
CA PRO E 164 -7.29 21.77 -13.67
C PRO E 164 -6.56 21.67 -12.33
N VAL E 165 -7.32 21.50 -11.25
CA VAL E 165 -6.75 21.30 -9.92
C VAL E 165 -7.49 20.21 -9.15
N THR E 166 -7.01 18.97 -9.29
CA THR E 166 -7.65 17.82 -8.67
C THR E 166 -7.57 17.82 -7.14
N VAL E 167 -8.73 17.97 -6.49
CA VAL E 167 -8.80 17.99 -5.04
C VAL E 167 -9.28 16.65 -4.49
N SER E 168 -8.63 16.18 -3.43
CA SER E 168 -9.05 14.96 -2.75
C SER E 168 -9.05 15.19 -1.24
N TRP E 169 -9.56 14.21 -0.49
CA TRP E 169 -9.63 14.34 0.97
C TRP E 169 -9.00 13.16 1.70
N ASN E 170 -8.21 13.48 2.72
CA ASN E 170 -7.52 12.47 3.52
C ASN E 170 -6.71 11.48 2.68
N SER E 171 -6.08 12.00 1.62
CA SER E 171 -5.29 11.18 0.71
C SER E 171 -6.15 10.19 -0.06
N GLY E 172 -7.42 10.53 -0.26
CA GLY E 172 -8.34 9.70 -0.99
C GLY E 172 -9.19 8.82 -0.09
N ALA E 173 -8.92 8.87 1.21
CA ALA E 173 -9.62 8.04 2.18
C ALA E 173 -10.95 8.61 2.62
N LEU E 174 -11.51 9.51 1.79
CA LEU E 174 -12.81 10.10 2.07
C LEU E 174 -13.44 10.59 0.76
N THR E 175 -14.51 9.92 0.34
CA THR E 175 -15.16 10.24 -0.92
C THR E 175 -16.61 10.67 -0.76
N SER E 176 -17.42 9.84 -0.12
CA SER E 176 -18.84 10.14 0.07
C SER E 176 -19.05 11.46 0.81
N GLY E 177 -19.78 12.38 0.17
CA GLY E 177 -20.05 13.68 0.75
C GLY E 177 -19.30 14.81 0.04
N VAL E 178 -18.30 14.44 -0.75
CA VAL E 178 -17.46 15.42 -1.44
C VAL E 178 -18.21 16.14 -2.58
N HIS E 179 -17.99 17.43 -2.68
CA HIS E 179 -18.56 18.23 -3.76
C HIS E 179 -17.54 19.24 -4.30
N THR E 180 -16.68 18.80 -5.20
CA THR E 180 -15.76 19.70 -5.87
C THR E 180 -16.48 20.45 -6.99
N PHE E 181 -16.60 21.76 -6.85
CA PHE E 181 -17.33 22.57 -7.81
C PHE E 181 -16.53 22.88 -9.07
N PRO E 182 -17.23 23.13 -10.18
CA PRO E 182 -16.57 23.56 -11.41
C PRO E 182 -15.88 24.90 -11.19
N ALA E 183 -14.74 25.10 -11.84
CA ALA E 183 -13.99 26.35 -11.69
C ALA E 183 -14.77 27.53 -12.26
N VAL E 184 -14.58 28.70 -11.65
CA VAL E 184 -15.22 29.92 -12.12
C VAL E 184 -14.16 30.84 -12.69
N LEU E 185 -14.44 31.43 -13.85
CA LEU E 185 -13.50 32.34 -14.48
C LEU E 185 -13.72 33.78 -13.99
N GLN E 186 -12.79 34.24 -13.16
CA GLN E 186 -12.89 35.57 -12.57
C GLN E 186 -12.60 36.66 -13.60
N SER E 187 -12.63 37.91 -13.16
CA SER E 187 -12.33 39.04 -14.01
C SER E 187 -10.82 39.24 -14.18
N SER E 188 -10.05 38.55 -13.34
CA SER E 188 -8.60 38.66 -13.38
C SER E 188 -7.98 37.55 -14.22
N GLY E 189 -8.80 36.90 -15.05
CA GLY E 189 -8.33 35.84 -15.92
C GLY E 189 -7.85 34.61 -15.17
N LEU E 190 -7.93 34.65 -13.84
CA LEU E 190 -7.54 33.53 -13.01
C LEU E 190 -8.75 32.70 -12.57
N TYR E 191 -8.55 31.40 -12.45
CA TYR E 191 -9.63 30.50 -12.04
C TYR E 191 -9.73 30.38 -10.53
N SER E 192 -10.77 29.68 -10.07
CA SER E 192 -10.99 29.44 -8.66
C SER E 192 -12.14 28.47 -8.46
N LEU E 193 -11.97 27.51 -7.56
CA LEU E 193 -13.02 26.56 -7.25
C LEU E 193 -13.05 26.26 -5.75
N SER E 194 -14.17 25.71 -5.29
CA SER E 194 -14.30 25.33 -3.90
C SER E 194 -14.50 23.82 -3.79
N SER E 195 -14.33 23.29 -2.58
CA SER E 195 -14.55 21.87 -2.35
C SER E 195 -15.03 21.65 -0.93
N VAL E 196 -16.24 21.10 -0.80
CA VAL E 196 -16.84 20.90 0.51
C VAL E 196 -17.04 19.42 0.83
N VAL E 197 -17.61 19.14 1.99
CA VAL E 197 -17.90 17.77 2.42
C VAL E 197 -18.78 17.78 3.66
N THR E 198 -19.58 16.74 3.85
CA THR E 198 -20.44 16.63 5.01
C THR E 198 -19.99 15.52 5.96
N VAL E 199 -19.84 15.88 7.23
CA VAL E 199 -19.42 14.93 8.26
C VAL E 199 -20.26 15.08 9.51
N PRO E 200 -20.35 14.02 10.33
CA PRO E 200 -21.09 14.07 11.59
C PRO E 200 -20.45 15.05 12.58
N SER E 201 -21.23 16.01 13.07
CA SER E 201 -20.70 16.99 14.01
C SER E 201 -20.36 16.34 15.35
N SER E 202 -20.69 15.05 15.47
CA SER E 202 -20.32 14.26 16.65
C SER E 202 -18.91 13.70 16.46
N SER E 203 -18.21 14.20 15.45
CA SER E 203 -16.86 13.77 15.15
C SER E 203 -16.01 14.95 14.67
N LEU E 204 -16.42 16.15 15.06
CA LEU E 204 -15.69 17.36 14.71
C LEU E 204 -14.61 17.66 15.74
N GLY E 205 -14.31 16.68 16.60
CA GLY E 205 -13.32 16.86 17.63
C GLY E 205 -12.41 15.66 17.81
N THR E 206 -12.72 14.57 17.13
CA THR E 206 -11.93 13.36 17.24
C THR E 206 -11.42 12.88 15.87
N GLN E 207 -11.59 13.71 14.86
CA GLN E 207 -11.19 13.35 13.50
C GLN E 207 -10.39 14.44 12.78
N THR E 208 -9.57 14.02 11.82
CA THR E 208 -8.74 14.94 11.05
C THR E 208 -9.13 14.92 9.58
N TYR E 209 -9.23 16.11 8.97
CA TYR E 209 -9.54 16.23 7.57
C TYR E 209 -8.45 16.99 6.82
N ILE E 210 -8.13 16.56 5.61
CA ILE E 210 -7.02 17.14 4.86
C ILE E 210 -7.42 17.50 3.42
N CYS E 211 -7.14 18.73 3.03
CA CYS E 211 -7.46 19.21 1.69
C CYS E 211 -6.27 18.97 0.75
N ASN E 212 -6.39 18.00 -0.13
CA ASN E 212 -5.28 17.62 -1.01
C ASN E 212 -5.36 18.23 -2.42
N VAL E 213 -4.93 19.48 -2.53
CA VAL E 213 -4.92 20.18 -3.82
C VAL E 213 -3.72 19.74 -4.65
N ASN E 214 -3.87 19.76 -5.97
CA ASN E 214 -2.77 19.38 -6.86
C ASN E 214 -2.86 20.03 -8.23
N HIS E 215 -2.36 21.25 -8.34
CA HIS E 215 -2.23 21.92 -9.63
C HIS E 215 -0.93 21.46 -10.27
N LYS E 216 -1.02 20.40 -11.08
CA LYS E 216 0.16 19.80 -11.69
C LYS E 216 0.89 20.68 -12.71
N PRO E 217 0.14 21.45 -13.53
CA PRO E 217 0.79 22.32 -14.52
C PRO E 217 1.78 23.31 -13.94
N SER E 218 1.77 23.46 -12.61
CA SER E 218 2.72 24.36 -11.95
C SER E 218 3.41 23.67 -10.78
N ASN E 219 3.48 22.34 -10.85
CA ASN E 219 4.10 21.55 -9.79
C ASN E 219 3.72 22.01 -8.38
N THR E 220 2.43 22.24 -8.18
CA THR E 220 1.91 22.63 -6.87
C THR E 220 1.19 21.45 -6.22
N LYS E 221 1.49 21.20 -4.94
CA LYS E 221 0.84 20.15 -4.19
C LYS E 221 0.65 20.56 -2.73
N VAL E 222 -0.34 21.41 -2.49
CA VAL E 222 -0.60 21.93 -1.16
C VAL E 222 -1.47 20.97 -0.33
N ASP E 223 -1.24 20.98 0.98
CA ASP E 223 -2.07 20.22 1.93
C ASP E 223 -2.47 21.13 3.09
N LYS E 224 -3.77 21.39 3.23
CA LYS E 224 -4.25 22.26 4.29
C LYS E 224 -5.22 21.54 5.25
N LYS E 225 -5.23 21.99 6.49
CA LYS E 225 -6.00 21.34 7.55
C LYS E 225 -7.29 22.11 7.85
N ALA E 226 -8.40 21.38 7.94
CA ALA E 226 -9.68 21.97 8.29
C ALA E 226 -9.97 21.73 9.76
N GLU E 227 -10.18 22.80 10.51
CA GLU E 227 -10.38 22.70 11.95
C GLU E 227 -11.24 23.84 12.48
N PRO E 228 -12.17 23.52 13.40
CA PRO E 228 -13.06 24.52 14.00
C PRO E 228 -12.26 25.57 14.78
N LYS E 229 -12.83 26.76 14.95
CA LYS E 229 -12.14 27.83 15.68
C LYS E 229 -12.61 27.95 17.12
N SER E 230 -12.61 29.19 17.62
CA SER E 230 -12.87 29.46 19.03
C SER E 230 -11.70 28.96 19.87
N CYS E 231 -10.54 29.59 19.67
CA CYS E 231 -9.30 29.21 20.34
C CYS E 231 -8.71 27.92 19.75
N ASP F 1 -18.58 11.91 -45.72
CA ASP F 1 -18.98 13.00 -44.84
C ASP F 1 -20.47 12.91 -44.54
N ILE F 2 -20.81 12.33 -43.39
CA ILE F 2 -22.19 12.00 -43.06
C ILE F 2 -22.74 12.79 -41.85
N GLN F 3 -23.88 13.43 -42.04
CA GLN F 3 -24.50 14.21 -40.96
C GLN F 3 -25.37 13.35 -40.05
N MET F 4 -25.13 13.45 -38.75
CA MET F 4 -25.87 12.65 -37.78
C MET F 4 -26.84 13.51 -36.96
N THR F 5 -28.05 13.00 -36.78
CA THR F 5 -29.09 13.68 -36.02
C THR F 5 -29.51 12.85 -34.81
N GLN F 6 -29.64 13.49 -33.66
CA GLN F 6 -30.12 12.82 -32.47
C GLN F 6 -31.36 13.52 -31.92
N SER F 7 -32.22 12.74 -31.26
CA SER F 7 -33.43 13.28 -30.67
C SER F 7 -33.79 12.51 -29.41
N PRO F 8 -34.08 13.22 -28.31
CA PRO F 8 -34.11 14.69 -28.22
C PRO F 8 -32.74 15.26 -27.93
N SER F 9 -32.61 16.59 -27.97
CA SER F 9 -31.37 17.24 -27.56
C SER F 9 -31.15 17.01 -26.07
N SER F 10 -32.21 17.22 -25.30
CA SER F 10 -32.20 16.96 -23.86
C SER F 10 -33.55 16.41 -23.42
N LEU F 11 -33.55 15.71 -22.28
CA LEU F 11 -34.77 15.09 -21.77
C LEU F 11 -34.69 14.80 -20.28
N SER F 12 -35.77 15.12 -19.56
CA SER F 12 -35.87 14.77 -18.15
C SER F 12 -36.68 13.49 -18.02
N ALA F 13 -36.29 12.63 -17.10
CA ALA F 13 -36.95 11.34 -16.96
C ALA F 13 -36.73 10.74 -15.58
N SER F 14 -37.80 10.27 -14.96
CA SER F 14 -37.75 9.73 -13.61
C SER F 14 -36.98 8.41 -13.59
N VAL F 15 -36.33 8.14 -12.47
CA VAL F 15 -35.59 6.89 -12.31
C VAL F 15 -36.54 5.70 -12.38
N GLY F 16 -36.12 4.65 -13.08
CA GLY F 16 -36.96 3.50 -13.30
C GLY F 16 -37.61 3.51 -14.69
N ASP F 17 -37.78 4.71 -15.25
CA ASP F 17 -38.42 4.87 -16.55
C ASP F 17 -37.58 4.28 -17.68
N ARG F 18 -38.12 4.31 -18.89
CA ARG F 18 -37.40 3.86 -20.07
C ARG F 18 -37.10 5.02 -21.01
N VAL F 19 -35.82 5.28 -21.22
CA VAL F 19 -35.39 6.39 -22.06
C VAL F 19 -35.03 5.90 -23.46
N THR F 20 -35.57 6.58 -24.47
CA THR F 20 -35.31 6.24 -25.86
C THR F 20 -34.68 7.42 -26.60
N ILE F 21 -33.52 7.17 -27.19
CA ILE F 21 -32.82 8.16 -28.01
C ILE F 21 -32.74 7.67 -29.44
N THR F 22 -33.09 8.53 -30.39
CA THR F 22 -33.04 8.13 -31.79
C THR F 22 -31.87 8.76 -32.52
N CYS F 23 -31.26 7.99 -33.42
CA CYS F 23 -30.17 8.47 -34.27
C CYS F 23 -30.62 8.37 -35.72
N GLN F 24 -30.29 9.36 -36.53
CA GLN F 24 -30.76 9.40 -37.91
C GLN F 24 -29.68 9.94 -38.84
N ALA F 25 -29.15 9.06 -39.69
CA ALA F 25 -28.04 9.43 -40.58
C ALA F 25 -28.52 9.96 -41.92
N SER F 26 -27.79 10.93 -42.47
CA SER F 26 -28.13 11.53 -43.75
C SER F 26 -28.20 10.51 -44.88
N GLN F 27 -27.44 9.44 -44.78
CA GLN F 27 -27.42 8.40 -45.80
C GLN F 27 -27.22 7.00 -45.21
N ASP F 28 -27.62 5.98 -45.97
CA ASP F 28 -27.54 4.60 -45.50
C ASP F 28 -26.15 4.22 -44.98
N ILE F 29 -26.09 3.78 -43.72
CA ILE F 29 -24.82 3.36 -43.13
C ILE F 29 -24.89 1.94 -42.59
N ARG F 30 -25.75 1.12 -43.18
CA ARG F 30 -25.92 -0.26 -42.74
C ARG F 30 -26.09 -0.26 -41.23
N ASN F 31 -25.32 -1.09 -40.55
CA ASN F 31 -25.38 -1.18 -39.09
C ASN F 31 -24.11 -0.67 -38.42
N TYR F 32 -23.35 0.15 -39.14
CA TYR F 32 -22.07 0.68 -38.65
C TYR F 32 -22.24 1.91 -37.79
N LEU F 33 -22.73 1.73 -36.56
CA LEU F 33 -23.00 2.84 -35.66
C LEU F 33 -22.77 2.49 -34.20
N ASN F 34 -22.00 3.33 -33.51
CA ASN F 34 -21.69 3.12 -32.10
C ASN F 34 -22.32 4.15 -31.18
N TRP F 35 -22.63 3.74 -29.95
CA TRP F 35 -23.23 4.63 -28.96
C TRP F 35 -22.27 4.86 -27.80
N TYR F 36 -21.99 6.12 -27.50
CA TYR F 36 -21.07 6.47 -26.42
C TYR F 36 -21.74 7.26 -25.29
N GLN F 37 -21.25 7.05 -24.07
CA GLN F 37 -21.82 7.67 -22.89
C GLN F 37 -20.77 8.43 -22.11
N GLN F 38 -20.91 9.75 -22.03
CA GLN F 38 -19.94 10.56 -21.29
C GLN F 38 -20.54 11.20 -20.04
N LYS F 39 -20.20 10.63 -18.88
CA LYS F 39 -20.59 11.20 -17.60
C LYS F 39 -19.96 12.59 -17.47
N PRO F 40 -20.41 13.37 -16.46
CA PRO F 40 -19.83 14.70 -16.25
C PRO F 40 -18.37 14.63 -15.82
N GLY F 41 -17.49 15.29 -16.58
CA GLY F 41 -16.08 15.34 -16.22
C GLY F 41 -15.27 14.17 -16.73
N LYS F 42 -15.77 12.96 -16.54
CA LYS F 42 -15.07 11.74 -16.93
C LYS F 42 -14.88 11.62 -18.43
N ALA F 43 -14.21 10.56 -18.87
CA ALA F 43 -13.96 10.34 -20.28
C ALA F 43 -14.99 9.38 -20.85
N PRO F 44 -15.32 9.55 -22.15
CA PRO F 44 -16.37 8.76 -22.83
C PRO F 44 -16.20 7.25 -22.65
N LYS F 45 -17.30 6.53 -22.85
CA LYS F 45 -17.33 5.09 -22.66
C LYS F 45 -18.10 4.48 -23.83
N LEU F 46 -17.66 3.31 -24.29
CA LEU F 46 -18.40 2.58 -25.32
C LEU F 46 -19.49 1.71 -24.69
N LEU F 47 -20.73 1.89 -25.12
CA LEU F 47 -21.84 1.08 -24.62
C LEU F 47 -22.31 0.09 -25.67
N ILE F 48 -22.67 0.60 -26.84
CA ILE F 48 -23.08 -0.26 -27.95
C ILE F 48 -22.20 -0.04 -29.17
N TYR F 49 -21.79 -1.13 -29.80
CA TYR F 49 -21.02 -1.06 -31.04
C TYR F 49 -21.73 -1.78 -32.18
N ASP F 50 -21.59 -1.25 -33.39
CA ASP F 50 -22.30 -1.77 -34.56
C ASP F 50 -23.79 -1.96 -34.29
N ALA F 51 -24.49 -0.84 -34.14
CA ALA F 51 -25.94 -0.80 -34.03
C ALA F 51 -26.50 -1.44 -32.76
N SER F 52 -26.23 -2.74 -32.58
CA SER F 52 -26.96 -3.53 -31.58
C SER F 52 -26.10 -4.51 -30.80
N ASN F 53 -24.87 -4.14 -30.49
CA ASN F 53 -23.99 -5.02 -29.72
C ASN F 53 -23.52 -4.40 -28.42
N SER F 54 -23.68 -5.15 -27.34
CA SER F 54 -23.29 -4.66 -26.03
C SER F 54 -21.82 -4.97 -25.79
N GLU F 55 -21.06 -3.94 -25.41
CA GLU F 55 -19.69 -4.18 -24.96
C GLU F 55 -19.71 -5.08 -23.74
N THR F 56 -18.58 -5.72 -23.46
CA THR F 56 -18.46 -6.55 -22.28
C THR F 56 -18.20 -5.70 -21.04
N GLY F 57 -18.99 -5.92 -19.99
CA GLY F 57 -18.90 -5.13 -18.79
C GLY F 57 -20.03 -4.12 -18.74
N VAL F 58 -20.44 -3.62 -19.91
CA VAL F 58 -21.55 -2.70 -20.00
C VAL F 58 -22.78 -3.29 -19.35
N PRO F 59 -23.43 -2.53 -18.45
CA PRO F 59 -24.61 -2.99 -17.71
C PRO F 59 -25.62 -3.68 -18.60
N SER F 60 -26.47 -4.50 -18.00
CA SER F 60 -27.41 -5.34 -18.73
C SER F 60 -28.59 -4.58 -19.34
N ARG F 61 -28.78 -3.34 -18.93
CA ARG F 61 -29.99 -2.59 -19.29
C ARG F 61 -29.83 -1.71 -20.54
N PHE F 62 -28.61 -1.61 -21.04
CA PHE F 62 -28.31 -0.82 -22.25
C PHE F 62 -28.42 -1.67 -23.51
N SER F 63 -29.13 -1.15 -24.51
CA SER F 63 -29.31 -1.87 -25.76
C SER F 63 -29.33 -0.93 -26.96
N GLY F 64 -29.15 -1.49 -28.15
CA GLY F 64 -29.25 -0.72 -29.38
C GLY F 64 -30.00 -1.49 -30.45
N SER F 65 -30.57 -0.77 -31.40
CA SER F 65 -31.25 -1.41 -32.52
C SER F 65 -31.21 -0.50 -33.75
N GLY F 66 -31.52 -1.07 -34.91
CA GLY F 66 -31.64 -0.29 -36.12
C GLY F 66 -30.64 -0.62 -37.21
N SER F 67 -30.85 -0.02 -38.37
CA SER F 67 -29.98 -0.18 -39.52
C SER F 67 -30.47 0.74 -40.62
N GLY F 68 -29.56 1.16 -41.48
CA GLY F 68 -29.91 2.06 -42.56
C GLY F 68 -29.62 3.50 -42.16
N ARG F 69 -30.68 4.23 -41.84
CA ARG F 69 -30.53 5.63 -41.43
C ARG F 69 -31.24 5.89 -40.11
N ASP F 70 -31.84 4.85 -39.55
CA ASP F 70 -32.64 4.99 -38.33
C ASP F 70 -32.18 4.04 -37.23
N PHE F 71 -31.77 4.62 -36.09
CA PHE F 71 -31.24 3.84 -34.98
C PHE F 71 -31.89 4.25 -33.65
N THR F 72 -31.62 3.49 -32.59
CA THR F 72 -32.32 3.71 -31.33
C THR F 72 -31.60 3.14 -30.10
N PHE F 73 -31.02 4.02 -29.31
CA PHE F 73 -30.40 3.65 -28.04
C PHE F 73 -31.47 3.62 -26.98
N THR F 74 -31.37 2.69 -26.02
CA THR F 74 -32.44 2.51 -25.05
C THR F 74 -31.99 1.98 -23.69
N ILE F 75 -32.31 2.74 -22.65
CA ILE F 75 -32.14 2.28 -21.28
C ILE F 75 -33.47 1.69 -20.81
N SER F 76 -33.47 0.41 -20.45
CA SER F 76 -34.72 -0.26 -20.08
C SER F 76 -35.27 0.33 -18.80
N SER F 77 -34.41 0.45 -17.79
CA SER F 77 -34.79 1.02 -16.51
C SER F 77 -33.73 2.02 -16.06
N LEU F 78 -34.04 3.30 -16.22
CA LEU F 78 -33.10 4.36 -15.86
C LEU F 78 -32.62 4.16 -14.43
N GLN F 79 -31.33 4.42 -14.19
CA GLN F 79 -30.78 4.38 -12.85
C GLN F 79 -30.19 5.75 -12.52
N PRO F 80 -30.03 6.05 -11.23
CA PRO F 80 -29.59 7.38 -10.83
C PRO F 80 -28.29 7.81 -11.50
N GLU F 81 -27.37 6.88 -11.72
CA GLU F 81 -26.06 7.23 -12.24
C GLU F 81 -25.98 7.18 -13.75
N ASP F 82 -27.11 6.94 -14.40
CA ASP F 82 -27.16 6.91 -15.86
C ASP F 82 -27.22 8.31 -16.44
N VAL F 83 -27.26 9.31 -15.57
CA VAL F 83 -27.30 10.70 -16.01
C VAL F 83 -25.99 11.11 -16.66
N ALA F 84 -26.02 11.27 -17.98
CA ALA F 84 -24.86 11.69 -18.75
C ALA F 84 -25.28 12.24 -20.09
N THR F 85 -24.30 12.51 -20.95
CA THR F 85 -24.58 12.90 -22.32
C THR F 85 -24.25 11.73 -23.24
N TYR F 86 -25.16 11.45 -24.16
CA TYR F 86 -25.02 10.28 -25.03
C TYR F 86 -24.78 10.65 -26.50
N TYR F 87 -23.71 10.11 -27.07
CA TYR F 87 -23.38 10.39 -28.47
C TYR F 87 -23.53 9.14 -29.32
N CYS F 88 -23.88 9.34 -30.59
CA CYS F 88 -23.91 8.25 -31.55
C CYS F 88 -22.88 8.56 -32.63
N GLN F 89 -22.16 7.54 -33.08
CA GLN F 89 -21.09 7.73 -34.05
C GLN F 89 -21.25 6.79 -35.22
N GLN F 90 -20.89 7.25 -36.41
CA GLN F 90 -20.95 6.43 -37.60
C GLN F 90 -19.55 6.16 -38.17
N HIS F 91 -19.32 4.93 -38.61
CA HIS F 91 -18.03 4.60 -39.21
C HIS F 91 -18.19 3.89 -40.56
N GLN F 92 -19.14 4.37 -41.35
CA GLN F 92 -19.33 3.87 -42.72
C GLN F 92 -18.38 4.63 -43.63
N ASN F 93 -17.61 5.52 -43.03
CA ASN F 93 -16.85 6.50 -43.79
C ASN F 93 -16.00 7.37 -42.89
N VAL F 94 -14.95 7.96 -43.43
CA VAL F 94 -14.22 9.01 -42.74
C VAL F 94 -14.49 10.34 -43.45
N PRO F 95 -14.61 11.44 -42.68
CA PRO F 95 -14.38 11.51 -41.24
C PRO F 95 -15.53 10.94 -40.43
N LEU F 96 -15.23 10.45 -39.24
CA LEU F 96 -16.27 10.00 -38.32
C LEU F 96 -17.02 11.22 -37.81
N THR F 97 -18.31 11.05 -37.52
CA THR F 97 -19.15 12.17 -37.12
C THR F 97 -20.25 11.72 -36.16
N THR F 98 -20.72 12.66 -35.35
CA THR F 98 -21.83 12.42 -34.44
C THR F 98 -22.74 13.64 -34.46
N PHE F 99 -23.76 13.64 -33.62
CA PHE F 99 -24.57 14.85 -33.40
C PHE F 99 -23.89 15.65 -32.30
N GLY F 100 -23.27 16.75 -32.67
CA GLY F 100 -22.51 17.57 -31.74
C GLY F 100 -23.31 18.01 -30.53
N GLY F 101 -23.02 17.42 -29.38
CA GLY F 101 -23.73 17.73 -28.15
C GLY F 101 -24.61 16.57 -27.73
N GLY F 102 -24.89 15.67 -28.67
CA GLY F 102 -25.64 14.46 -28.40
C GLY F 102 -26.93 14.72 -27.64
N THR F 103 -27.25 13.79 -26.74
CA THR F 103 -28.47 13.87 -25.96
C THR F 103 -28.16 13.86 -24.48
N LYS F 104 -28.53 14.93 -23.78
CA LYS F 104 -28.31 15.01 -22.34
C LYS F 104 -29.54 14.50 -21.58
N VAL F 105 -29.40 13.35 -20.92
CA VAL F 105 -30.47 12.86 -20.07
C VAL F 105 -30.22 13.27 -18.64
N GLU F 106 -31.27 13.76 -17.99
CA GLU F 106 -31.19 14.14 -16.58
C GLU F 106 -32.35 13.54 -15.83
N ILE F 107 -32.15 13.27 -14.55
CA ILE F 107 -33.17 12.63 -13.74
C ILE F 107 -34.17 13.62 -13.16
N LYS F 108 -35.43 13.21 -13.09
CA LYS F 108 -36.44 13.94 -12.35
C LYS F 108 -36.72 13.18 -11.07
N ARG F 109 -36.60 13.86 -9.93
CA ARG F 109 -36.85 13.23 -8.64
C ARG F 109 -37.75 14.09 -7.76
N THR F 110 -37.86 13.72 -6.49
CA THR F 110 -38.71 14.43 -5.56
C THR F 110 -38.02 15.69 -5.04
N VAL F 111 -38.70 16.82 -5.18
CA VAL F 111 -38.18 18.11 -4.73
C VAL F 111 -37.51 17.99 -3.35
N ALA F 112 -36.24 18.36 -3.28
CA ALA F 112 -35.50 18.26 -2.03
C ALA F 112 -34.94 19.61 -1.58
N ALA F 113 -34.99 19.87 -0.28
CA ALA F 113 -34.58 21.15 0.28
C ALA F 113 -33.06 21.33 0.34
N PRO F 114 -32.59 22.55 0.08
CA PRO F 114 -31.15 22.90 0.02
C PRO F 114 -30.56 23.24 1.38
N SER F 115 -29.89 22.28 2.01
CA SER F 115 -29.16 22.56 3.25
C SER F 115 -28.12 23.66 3.02
N VAL F 116 -28.39 24.84 3.56
CA VAL F 116 -27.58 26.03 3.29
C VAL F 116 -26.51 26.35 4.36
N PHE F 117 -25.29 26.58 3.89
CA PHE F 117 -24.16 26.91 4.77
C PHE F 117 -23.53 28.25 4.39
N ILE F 118 -22.73 28.80 5.29
CA ILE F 118 -22.05 30.07 5.03
C ILE F 118 -20.71 30.16 5.74
N PHE F 119 -19.64 30.35 4.96
CA PHE F 119 -18.29 30.42 5.51
C PHE F 119 -17.65 31.79 5.31
N PRO F 120 -17.28 32.45 6.41
CA PRO F 120 -16.59 33.75 6.39
C PRO F 120 -15.15 33.60 5.91
N PRO F 121 -14.53 34.72 5.48
CA PRO F 121 -13.17 34.72 4.95
C PRO F 121 -12.14 34.20 5.94
N SER F 122 -11.26 33.32 5.47
CA SER F 122 -10.18 32.79 6.31
C SER F 122 -9.21 33.89 6.70
N ASP F 123 -8.67 33.79 7.92
CA ASP F 123 -7.70 34.76 8.40
C ASP F 123 -6.52 34.82 7.45
N GLU F 124 -6.05 33.66 7.04
CA GLU F 124 -4.93 33.52 6.11
C GLU F 124 -5.17 34.33 4.83
N GLN F 125 -6.43 34.66 4.57
CA GLN F 125 -6.81 35.36 3.35
C GLN F 125 -7.00 36.86 3.56
N LEU F 126 -7.38 37.25 4.78
CA LEU F 126 -7.49 38.66 5.11
C LEU F 126 -6.12 39.32 4.96
N LYS F 127 -5.08 38.50 5.00
CA LYS F 127 -3.71 38.98 4.86
C LYS F 127 -3.38 39.28 3.40
N SER F 128 -3.65 38.32 2.52
CA SER F 128 -3.37 38.49 1.09
C SER F 128 -3.98 39.78 0.54
N GLY F 129 -5.08 40.22 1.14
CA GLY F 129 -5.71 41.48 0.76
C GLY F 129 -7.15 41.39 0.32
N THR F 130 -7.52 40.26 -0.28
CA THR F 130 -8.87 40.07 -0.80
C THR F 130 -9.68 39.09 0.05
N ALA F 131 -10.91 39.48 0.40
CA ALA F 131 -11.78 38.66 1.22
C ALA F 131 -12.90 38.02 0.42
N SER F 132 -12.93 36.68 0.41
CA SER F 132 -13.95 35.93 -0.32
C SER F 132 -14.90 35.22 0.63
N VAL F 133 -16.16 35.65 0.65
CA VAL F 133 -17.19 35.02 1.45
C VAL F 133 -17.99 34.02 0.62
N VAL F 134 -18.11 32.79 1.12
CA VAL F 134 -18.76 31.73 0.37
C VAL F 134 -20.18 31.44 0.87
N CYS F 135 -20.91 30.63 0.13
CA CYS F 135 -22.29 30.26 0.50
C CYS F 135 -22.65 28.95 -0.20
N LEU F 136 -23.02 27.94 0.59
CA LEU F 136 -23.28 26.61 0.05
C LEU F 136 -24.77 26.26 0.05
N LEU F 137 -25.25 25.72 -1.06
CA LEU F 137 -26.55 25.07 -1.12
C LEU F 137 -26.31 23.61 -1.48
N ASN F 138 -26.48 22.73 -0.50
CA ASN F 138 -26.10 21.34 -0.69
C ASN F 138 -27.26 20.41 -1.04
N ASN F 139 -26.96 19.45 -1.92
CA ASN F 139 -27.90 18.41 -2.32
C ASN F 139 -29.36 18.86 -2.36
N PHE F 140 -29.74 19.54 -3.44
CA PHE F 140 -31.11 20.01 -3.62
C PHE F 140 -31.61 19.75 -5.04
N TYR F 141 -32.93 19.82 -5.21
CA TYR F 141 -33.56 19.63 -6.51
C TYR F 141 -34.90 20.36 -6.52
N PRO F 142 -35.22 21.05 -7.63
CA PRO F 142 -34.47 21.15 -8.89
C PRO F 142 -33.30 22.13 -8.83
N ARG F 143 -32.68 22.35 -9.99
CA ARG F 143 -31.48 23.17 -10.11
C ARG F 143 -31.75 24.67 -9.90
N GLU F 144 -32.96 25.11 -10.22
CA GLU F 144 -33.32 26.53 -10.10
C GLU F 144 -33.26 27.01 -8.65
N ALA F 145 -32.55 28.12 -8.43
CA ALA F 145 -32.37 28.66 -7.08
C ALA F 145 -31.78 30.06 -7.09
N LYS F 146 -32.50 31.01 -6.49
CA LYS F 146 -32.03 32.40 -6.40
C LYS F 146 -31.22 32.62 -5.13
N VAL F 147 -29.97 33.06 -5.30
CA VAL F 147 -29.14 33.41 -4.16
C VAL F 147 -28.90 34.91 -4.14
N GLN F 148 -28.96 35.50 -2.95
CA GLN F 148 -28.81 36.94 -2.79
C GLN F 148 -27.76 37.25 -1.73
N TRP F 149 -27.17 38.44 -1.81
CA TRP F 149 -26.18 38.85 -0.82
C TRP F 149 -26.60 40.14 -0.10
N LYS F 150 -26.23 40.24 1.17
CA LYS F 150 -26.60 41.39 1.99
C LYS F 150 -25.51 41.73 3.01
N VAL F 151 -25.14 43.01 3.07
CA VAL F 151 -24.20 43.48 4.09
C VAL F 151 -24.82 44.60 4.91
N ASP F 152 -25.05 44.35 6.19
CA ASP F 152 -25.77 45.29 7.05
C ASP F 152 -27.11 45.62 6.41
N ASN F 153 -27.68 44.63 5.73
CA ASN F 153 -28.91 44.82 4.95
C ASN F 153 -28.73 45.76 3.77
N ALA F 154 -27.78 45.43 2.89
CA ALA F 154 -27.52 46.20 1.69
C ALA F 154 -27.20 45.26 0.52
N LEU F 155 -28.17 45.08 -0.36
CA LEU F 155 -28.05 44.13 -1.47
C LEU F 155 -26.90 44.47 -2.41
N GLN F 156 -26.09 43.46 -2.74
CA GLN F 156 -24.92 43.64 -3.59
C GLN F 156 -25.21 43.25 -5.03
N SER F 157 -24.37 43.73 -5.94
CA SER F 157 -24.54 43.42 -7.36
C SER F 157 -23.21 43.41 -8.11
N GLY F 158 -23.11 42.57 -9.13
CA GLY F 158 -21.95 42.52 -9.99
C GLY F 158 -20.75 41.79 -9.40
N ASN F 159 -20.53 41.96 -8.10
CA ASN F 159 -19.35 41.40 -7.44
C ASN F 159 -19.54 39.97 -6.96
N SER F 160 -20.47 39.25 -7.59
CA SER F 160 -20.80 37.89 -7.15
C SER F 160 -20.77 36.89 -8.31
N GLN F 161 -20.08 35.79 -8.10
CA GLN F 161 -20.03 34.69 -9.06
C GLN F 161 -20.52 33.40 -8.43
N GLU F 162 -21.27 32.61 -9.17
CA GLU F 162 -21.71 31.31 -8.66
C GLU F 162 -21.32 30.14 -9.56
N SER F 163 -21.26 28.95 -8.97
CA SER F 163 -20.83 27.75 -9.68
C SER F 163 -21.61 26.55 -9.16
N VAL F 164 -22.29 25.84 -10.05
CA VAL F 164 -23.12 24.71 -9.63
C VAL F 164 -22.72 23.39 -10.28
N THR F 165 -22.57 22.36 -9.45
CA THR F 165 -22.20 21.03 -9.92
C THR F 165 -23.23 20.50 -10.90
N GLU F 166 -22.86 19.46 -11.63
CA GLU F 166 -23.82 18.77 -12.49
C GLU F 166 -24.55 17.75 -11.63
N GLN F 167 -25.64 17.20 -12.16
CA GLN F 167 -26.52 16.38 -11.33
C GLN F 167 -25.83 15.16 -10.72
N ASP F 168 -25.96 15.02 -9.40
CA ASP F 168 -25.36 13.93 -8.64
C ASP F 168 -25.72 12.56 -9.24
N SER F 169 -24.82 11.60 -9.08
CA SER F 169 -25.04 10.27 -9.63
C SER F 169 -25.75 9.35 -8.64
N LYS F 170 -25.64 9.68 -7.35
CA LYS F 170 -26.26 8.86 -6.31
C LYS F 170 -27.68 9.30 -5.99
N ASP F 171 -27.83 10.56 -5.58
CA ASP F 171 -29.13 11.09 -5.16
C ASP F 171 -29.71 12.14 -6.12
N SER F 172 -29.10 12.29 -7.29
CA SER F 172 -29.66 13.15 -8.33
C SER F 172 -29.94 14.57 -7.85
N THR F 173 -29.07 15.10 -6.99
CA THR F 173 -29.27 16.43 -6.44
C THR F 173 -28.10 17.38 -6.73
N TYR F 174 -28.43 18.55 -7.24
CA TYR F 174 -27.42 19.57 -7.52
C TYR F 174 -26.89 20.20 -6.24
N SER F 175 -25.76 20.88 -6.35
CA SER F 175 -25.21 21.64 -5.23
C SER F 175 -24.62 22.94 -5.78
N LEU F 176 -25.00 24.06 -5.18
CA LEU F 176 -24.62 25.37 -5.70
C LEU F 176 -23.63 26.09 -4.80
N SER F 177 -22.86 27.01 -5.38
CA SER F 177 -21.86 27.77 -4.65
C SER F 177 -21.83 29.22 -5.13
N SER F 178 -22.02 30.16 -4.20
CA SER F 178 -21.97 31.58 -4.54
C SER F 178 -20.90 32.29 -3.72
N THR F 179 -20.00 32.98 -4.40
CA THR F 179 -18.90 33.67 -3.73
C THR F 179 -18.99 35.19 -3.89
N LEU F 180 -18.84 35.89 -2.77
CA LEU F 180 -18.82 37.35 -2.77
C LEU F 180 -17.40 37.85 -2.55
N THR F 181 -16.82 38.48 -3.56
CA THR F 181 -15.44 38.93 -3.46
C THR F 181 -15.33 40.45 -3.26
N LEU F 182 -14.69 40.83 -2.16
CA LEU F 182 -14.45 42.23 -1.85
C LEU F 182 -13.06 42.40 -1.26
N SER F 183 -12.46 43.56 -1.48
CA SER F 183 -11.13 43.85 -0.93
C SER F 183 -11.20 43.98 0.59
N LYS F 184 -10.06 43.79 1.24
CA LYS F 184 -9.96 43.88 2.69
C LYS F 184 -10.46 45.23 3.20
N ALA F 185 -10.47 46.23 2.32
CA ALA F 185 -10.88 47.58 2.68
C ALA F 185 -12.40 47.72 2.80
N ASP F 186 -13.12 47.03 1.92
CA ASP F 186 -14.58 47.04 1.94
C ASP F 186 -15.13 46.00 2.92
N TYR F 187 -14.22 45.22 3.51
CA TYR F 187 -14.60 44.15 4.43
C TYR F 187 -14.69 44.66 5.87
N GLU F 188 -13.61 45.26 6.36
CA GLU F 188 -13.57 45.80 7.71
C GLU F 188 -14.79 46.67 7.97
N LYS F 189 -15.23 47.37 6.93
CA LYS F 189 -16.34 48.31 7.03
C LYS F 189 -17.56 47.72 7.71
N HIS F 190 -18.15 46.71 7.07
CA HIS F 190 -19.44 46.17 7.50
C HIS F 190 -19.31 45.00 8.47
N LYS F 191 -20.34 44.81 9.30
CA LYS F 191 -20.30 43.82 10.37
C LYS F 191 -21.13 42.56 10.07
N VAL F 192 -22.35 42.76 9.60
CA VAL F 192 -23.27 41.65 9.38
C VAL F 192 -23.39 41.24 7.91
N TYR F 193 -22.74 40.13 7.55
CA TYR F 193 -22.82 39.58 6.21
C TYR F 193 -23.88 38.48 6.15
N ALA F 194 -24.76 38.54 5.16
CA ALA F 194 -25.87 37.59 5.07
C ALA F 194 -25.96 36.89 3.71
N CYS F 195 -26.79 35.86 3.66
CA CYS F 195 -26.97 35.07 2.45
C CYS F 195 -28.42 34.58 2.35
N GLU F 196 -29.22 35.21 1.50
CA GLU F 196 -30.62 34.84 1.33
C GLU F 196 -30.85 33.96 0.11
N VAL F 197 -31.36 32.75 0.34
CA VAL F 197 -31.60 31.81 -0.74
C VAL F 197 -33.10 31.52 -0.92
N THR F 198 -33.51 31.27 -2.15
CA THR F 198 -34.89 30.94 -2.46
C THR F 198 -34.97 29.72 -3.37
N HIS F 199 -35.59 28.67 -2.86
CA HIS F 199 -35.72 27.41 -3.61
C HIS F 199 -37.17 26.95 -3.61
N GLN F 200 -37.60 26.32 -4.71
CA GLN F 200 -38.98 25.87 -4.81
C GLN F 200 -39.45 25.17 -3.54
N GLY F 201 -38.75 24.11 -3.15
CA GLY F 201 -39.07 23.37 -1.95
C GLY F 201 -38.57 24.06 -0.70
N LEU F 202 -38.80 25.36 -0.61
CA LEU F 202 -38.41 26.16 0.54
C LEU F 202 -39.45 27.24 0.75
N ARG F 203 -40.53 26.87 1.44
CA ARG F 203 -41.71 27.71 1.63
C ARG F 203 -41.45 29.22 1.76
N SER F 204 -40.30 29.57 2.31
CA SER F 204 -39.92 30.98 2.45
C SER F 204 -38.41 31.15 2.60
N PRO F 205 -37.85 32.17 1.93
CA PRO F 205 -36.41 32.45 1.87
C PRO F 205 -35.68 32.23 3.19
N VAL F 206 -34.68 31.34 3.15
CA VAL F 206 -33.82 31.06 4.30
C VAL F 206 -32.64 32.03 4.32
N THR F 207 -32.06 32.26 5.50
CA THR F 207 -30.92 33.15 5.62
C THR F 207 -29.86 32.58 6.56
N LYS F 208 -28.62 33.06 6.41
CA LYS F 208 -27.50 32.64 7.25
C LYS F 208 -26.56 33.82 7.45
N SER F 209 -26.39 34.26 8.70
CA SER F 209 -25.59 35.45 8.97
C SER F 209 -24.45 35.21 9.95
N PHE F 210 -23.78 36.30 10.34
CA PHE F 210 -22.70 36.27 11.33
C PHE F 210 -22.07 37.65 11.53
N ASN F 211 -20.84 37.66 12.03
CA ASN F 211 -20.05 38.88 12.13
C ASN F 211 -18.58 38.54 12.41
N ARG F 212 -17.72 39.56 12.40
CA ARG F 212 -16.28 39.34 12.59
C ARG F 212 -15.90 39.08 14.05
N GLY F 213 -16.73 38.29 14.73
CA GLY F 213 -16.46 37.86 16.09
C GLY F 213 -17.07 36.50 16.37
N GLU F 214 -16.25 35.58 16.87
CA GLU F 214 -16.70 34.22 17.17
C GLU F 214 -17.09 33.47 15.90
C1 NAG G . 63.06 9.92 35.97
C2 NAG G . 64.58 9.88 35.81
C3 NAG G . 65.23 11.28 35.86
C4 NAG G . 64.45 12.27 35.01
C5 NAG G . 62.99 12.24 35.42
C6 NAG G . 62.18 13.28 34.66
C7 NAG G . 65.62 9.34 37.98
C8 NAG G . 64.94 8.72 39.16
N2 NAG G . 65.19 8.97 36.78
O3 NAG G . 66.57 11.19 35.41
O4 NAG G . 64.99 13.56 35.16
O5 NAG G . 62.46 10.95 35.22
O6 NAG G . 62.09 12.93 33.29
O7 NAG G . 66.55 10.14 38.15
C1 NAG H . 47.60 12.95 34.83
C2 NAG H . 48.86 13.67 34.35
C3 NAG H . 48.58 14.77 33.33
C4 NAG H . 47.61 14.29 32.26
C5 NAG H . 46.37 13.69 32.90
C6 NAG H . 45.41 13.19 31.82
C7 NAG H . 50.88 14.37 35.51
C8 NAG H . 51.44 15.35 36.50
N2 NAG H . 49.56 14.25 35.49
O3 NAG H . 49.79 15.16 32.73
O4 NAG H . 47.24 15.39 31.44
O5 NAG H . 46.72 12.62 33.75
O6 NAG H . 44.16 12.84 32.39
O7 NAG H . 51.64 13.72 34.80
C1 NAG I . 43.77 9.90 29.80
C2 NAG I . 43.69 9.97 28.26
C3 NAG I . 45.01 9.72 27.53
C4 NAG I . 46.23 10.12 28.33
C5 NAG I . 46.11 9.59 29.74
C6 NAG I . 47.37 9.81 30.56
C7 NAG I . 41.45 9.26 27.59
C8 NAG I . 40.68 8.29 26.76
N2 NAG I . 42.72 8.98 27.81
O3 NAG I . 45.00 10.42 26.31
O4 NAG I . 47.39 9.58 27.73
O5 NAG I . 45.02 10.26 30.35
O6 NAG I . 47.34 8.97 31.69
O7 NAG I . 40.89 10.28 28.03
C1 NAG J . 53.80 11.22 43.08
C2 NAG J . 54.23 12.49 42.36
C3 NAG J . 53.75 13.74 43.07
C4 NAG J . 53.99 13.58 44.57
C5 NAG J . 53.20 12.39 45.10
C6 NAG J . 51.96 12.85 45.86
C7 NAG J . 56.26 12.78 41.04
C8 NAG J . 56.80 11.61 40.27
N2 NAG J . 55.68 12.53 42.21
O3 NAG J . 52.37 13.93 42.83
O4 NAG J . 55.37 13.41 44.83
O5 NAG J . 52.83 11.49 44.07
O6 NAG J . 51.41 11.77 46.59
O7 NAG J . 56.37 13.92 40.59
C1 NAG K . 27.75 8.45 55.58
C2 NAG K . 26.57 7.62 56.13
C3 NAG K . 26.22 7.94 57.57
C4 NAG K . 27.47 8.13 58.42
C5 NAG K . 28.38 9.16 57.79
C6 NAG K . 29.65 9.36 58.62
C7 NAG K . 24.95 6.81 54.52
C8 NAG K . 23.69 7.07 53.74
N2 NAG K . 25.38 7.79 55.31
O3 NAG K . 25.47 6.86 58.07
O4 NAG K . 27.11 8.57 59.71
O5 NAG K . 28.78 8.71 56.52
O6 NAG K . 30.54 8.30 58.38
O7 NAG K . 25.53 5.73 54.41
C1 NAG L . 33.46 4.40 22.10
C2 NAG L . 33.88 3.03 21.56
C3 NAG L . 33.68 2.93 20.05
C4 NAG L . 32.23 3.31 19.74
C5 NAG L . 31.96 4.72 20.25
C6 NAG L . 30.55 5.19 19.90
C7 NAG L . 35.59 1.69 22.62
C8 NAG L . 37.05 1.34 22.74
N2 NAG L . 35.27 2.75 21.89
O3 NAG L . 33.95 1.63 19.62
O4 NAG L . 32.00 3.24 18.35
O5 NAG L . 32.17 4.79 21.65
O6 NAG L . 29.61 4.19 20.22
O7 NAG L . 34.74 1.00 23.20
C1 NAG M . 37.28 22.47 42.83
C2 NAG M . 37.63 23.84 43.40
C3 NAG M . 36.82 24.93 42.68
C4 NAG M . 37.09 24.82 41.18
C5 NAG M . 36.81 23.39 40.70
C6 NAG M . 37.12 23.24 39.22
C7 NAG M . 38.45 23.71 45.66
C8 NAG M . 38.26 24.23 47.06
N2 NAG M . 37.42 23.89 44.83
O3 NAG M . 37.18 26.21 43.16
O4 NAG M . 36.26 25.72 40.48
O5 NAG M . 37.55 22.44 41.45
O6 NAG M . 36.36 22.18 38.69
O7 NAG M . 39.49 23.15 45.33
C1 NAG N . 22.61 19.53 57.77
C2 NAG N . 21.88 20.84 57.48
C3 NAG N . 22.72 22.04 57.91
C4 NAG N . 23.22 21.86 59.33
C5 NAG N . 23.94 20.51 59.47
C6 NAG N . 24.43 20.28 60.90
C7 NAG N . 21.14 21.99 55.42
C8 NAG N . 22.18 22.64 54.55
N2 NAG N . 21.53 20.89 56.06
O3 NAG N . 21.95 23.21 57.84
O4 NAG N . 24.11 22.90 59.68
O5 NAG N . 23.07 19.45 59.10
O6 NAG N . 25.23 19.12 60.91
O7 NAG N . 20.00 22.46 55.50
C1 NAG O . 23.30 30.02 41.92
C2 NAG O . 23.36 30.82 40.63
C3 NAG O . 22.27 31.89 40.51
C4 NAG O . 20.95 31.45 41.09
C5 NAG O . 21.17 30.89 42.50
C6 NAG O . 19.85 30.51 43.17
C7 NAG O . 25.71 30.90 39.91
C8 NAG O . 26.77 30.30 40.79
N2 NAG O . 24.66 31.46 40.53
O3 NAG O . 22.09 32.25 39.15
O4 NAG O . 20.05 32.54 41.15
O5 NAG O . 22.00 29.76 42.42
O6 NAG O . 20.13 30.02 44.47
O7 NAG O . 25.83 30.87 38.68
C1 NAG P . 27.67 30.07 22.96
C2 NAG P . 27.03 29.75 21.61
C3 NAG P . 25.61 30.28 21.39
C4 NAG P . 24.84 30.34 22.69
C5 NAG P . 25.64 31.15 23.69
C6 NAG P . 24.82 31.45 24.95
C7 NAG P . 28.33 29.53 19.53
C8 NAG P . 27.41 29.37 18.36
N2 NAG P . 27.89 30.26 20.55
O3 NAG P . 24.94 29.44 20.48
O4 NAG P . 23.58 30.97 22.48
O5 NAG P . 26.80 30.41 24.03
O6 NAG P . 25.45 32.44 25.72
O7 NAG P . 29.44 28.99 19.53
C1 NAG Q . 8.39 14.50 42.12
C2 NAG Q . 7.81 13.81 40.89
C3 NAG Q . 7.36 14.71 39.74
C4 NAG Q . 7.07 16.15 40.13
C5 NAG Q . 7.99 16.63 41.24
C6 NAG Q . 7.63 18.05 41.65
C7 NAG Q . 8.58 11.64 40.13
C8 NAG Q . 9.40 10.96 39.08
N2 NAG Q . 8.83 12.92 40.35
O3 NAG Q . 6.17 14.18 39.19
O4 NAG Q . 7.29 16.95 38.99
O5 NAG Q . 7.86 15.78 42.35
O6 NAG Q . 6.31 18.06 42.16
O7 NAG Q . 7.72 11.02 40.75
C1 NAG R . 12.01 23.17 36.87
C2 NAG R . 10.71 22.55 37.40
C3 NAG R . 9.53 23.51 37.51
C4 NAG R . 9.94 24.95 37.81
C5 NAG R . 11.18 25.38 37.04
C6 NAG R . 11.61 26.79 37.42
C7 NAG R . 9.88 20.29 37.01
C8 NAG R . 9.82 19.14 36.04
N2 NAG R . 10.31 21.45 36.54
O3 NAG R . 8.70 23.05 38.55
O4 NAG R . 8.89 25.82 37.45
O5 NAG R . 12.24 24.49 37.32
O6 NAG R . 12.83 27.11 36.79
O7 NAG R . 9.52 20.13 38.18
C1 NAG S . 30.06 15.67 55.67
C2 NAG S . 29.87 15.08 57.06
C3 NAG S . 30.59 15.91 58.10
C4 NAG S . 32.06 15.82 57.73
C5 NAG S . 32.30 16.49 56.37
C6 NAG S . 33.69 16.13 55.86
C7 NAG S . 27.85 13.79 57.24
C8 NAG S . 26.35 13.82 57.26
N2 NAG S . 28.47 14.95 57.39
O3 NAG S . 30.34 15.41 59.39
O4 NAG S . 32.86 16.42 58.71
O5 NAG S . 31.37 16.11 55.36
O6 NAG S . 34.09 17.02 54.84
O7 NAG S . 28.47 12.72 57.10
C1 NAG T . 19.70 21.33 19.31
C2 NAG T . 18.51 20.91 20.18
C3 NAG T . 17.17 21.34 19.58
C4 NAG T . 17.22 22.82 19.21
C5 NAG T . 18.41 23.06 18.28
C6 NAG T . 18.47 24.52 17.84
C7 NAG T . 17.99 18.93 21.51
C8 NAG T . 17.87 17.44 21.53
N2 NAG T . 18.50 19.48 20.39
O3 NAG T . 16.14 21.12 20.52
O4 NAG T . 16.02 23.18 18.56
O5 NAG T . 19.61 22.70 18.92
O6 NAG T . 18.39 25.37 18.96
O7 NAG T . 17.64 19.60 22.48
S SO4 U . 11.79 15.44 29.07
O1 SO4 U . 13.13 15.99 29.28
O2 SO4 U . 11.56 14.37 30.04
O3 SO4 U . 10.79 16.49 29.27
O4 SO4 U . 11.69 14.92 27.71
C1 NAG V . 37.90 -30.03 -45.22
C2 NAG V . 39.32 -29.95 -45.78
C3 NAG V . 40.06 -31.29 -45.82
C4 NAG V . 39.69 -32.19 -44.65
C5 NAG V . 38.19 -32.28 -44.55
C6 NAG V . 37.71 -33.33 -43.55
C7 NAG V . 39.96 -29.62 -48.19
C8 NAG V . 39.88 -28.63 -49.33
N2 NAG V . 39.28 -29.29 -47.09
O3 NAG V . 41.45 -31.06 -45.79
O4 NAG V . 40.25 -33.48 -44.85
O5 NAG V . 37.71 -31.00 -44.21
O6 NAG V . 37.98 -32.91 -42.23
O7 NAG V . 40.61 -30.64 -48.35
C1 NAG W . 22.96 -26.96 -39.40
C2 NAG W . 24.43 -27.20 -39.09
C3 NAG W . 24.75 -27.36 -37.60
C4 NAG W . 23.88 -26.45 -36.73
C5 NAG W . 22.42 -26.62 -37.12
C6 NAG W . 21.49 -25.86 -36.18
C7 NAG W . 25.46 -28.36 -40.99
C8 NAG W . 25.25 -29.54 -41.90
N2 NAG W . 24.86 -28.40 -39.81
O3 NAG W . 26.11 -27.07 -37.39
O4 NAG W . 24.05 -26.80 -35.38
O5 NAG W . 22.26 -26.18 -38.44
O6 NAG W . 21.51 -24.48 -36.49
O7 NAG W . 26.16 -27.42 -41.37
C1 NAG X . 21.69 -21.62 -34.25
C2 NAG X . 20.98 -21.35 -32.92
C3 NAG X . 21.95 -20.92 -31.84
C4 NAG X . 23.15 -21.87 -31.78
C5 NAG X . 23.77 -22.09 -33.15
C6 NAG X . 24.84 -23.18 -33.05
C7 NAG X . 18.66 -20.61 -32.85
C8 NAG X . 17.69 -19.48 -33.09
N2 NAG X . 19.94 -20.36 -33.09
O3 NAG X . 21.30 -20.95 -30.59
O4 NAG X . 24.13 -21.32 -30.92
O5 NAG X . 22.79 -22.49 -34.09
O6 NAG X . 25.07 -23.75 -34.32
O7 NAG X . 18.25 -21.70 -32.44
C1 NAG Y . 27.06 -28.85 -48.89
C2 NAG Y . 27.28 -30.03 -47.95
C3 NAG Y . 26.10 -31.02 -47.95
C4 NAG Y . 25.59 -31.34 -49.36
C5 NAG Y . 25.71 -30.15 -50.31
C6 NAG Y . 24.50 -30.04 -51.23
C7 NAG Y . 29.61 -30.61 -47.44
C8 NAG Y . 30.84 -29.94 -48.01
N2 NAG Y . 28.54 -30.70 -48.24
O3 NAG Y . 25.05 -30.50 -47.17
O4 NAG Y . 26.29 -32.45 -49.88
O5 NAG Y . 25.84 -28.94 -49.60
O6 NAG Y . 24.51 -28.77 -51.84
O7 NAG Y . 29.63 -31.06 -46.28
C1 NAG Z . 0.76 -18.63 -56.08
C2 NAG Z . -0.10 -17.47 -56.51
C3 NAG Z . -1.04 -17.80 -57.66
C4 NAG Z . -0.31 -18.57 -58.74
C5 NAG Z . 0.38 -19.78 -58.13
C6 NAG Z . 1.08 -20.64 -59.18
C7 NAG Z . -0.71 -15.72 -54.96
C8 NAG Z . -1.58 -15.29 -53.81
N2 NAG Z . -0.87 -16.98 -55.38
O3 NAG Z . -1.56 -16.63 -58.24
O4 NAG Z . -1.26 -18.96 -59.71
O5 NAG Z . 1.32 -19.35 -57.17
O6 NAG Z . 2.37 -20.15 -59.41
O7 NAG Z . 0.10 -14.93 -55.46
C1 NAG AA . 16.42 -11.96 -26.28
C2 NAG AA . 17.87 -11.72 -25.85
C3 NAG AA . 18.07 -11.84 -24.34
C4 NAG AA . 17.03 -11.00 -23.62
C5 NAG AA . 15.64 -11.43 -24.08
C6 NAG AA . 14.53 -10.69 -23.36
C7 NAG AA . 19.67 -12.37 -27.33
C8 NAG AA . 20.46 -13.38 -27.89
N2 NAG AA . 18.69 -12.76 -26.51
O3 NAG AA . 19.33 -11.33 -24.01
O4 NAG AA . 17.21 -11.20 -22.25
O5 NAG AA . 15.53 -11.18 -25.47
O6 NAG AA . 14.26 -9.47 -23.97
O7 NAG AA . 19.90 -11.21 -27.60
C1 NAG BA . 8.46 -32.98 -42.54
C2 NAG BA . 8.53 -34.48 -42.81
C3 NAG BA . 7.92 -35.26 -41.65
C4 NAG BA . 8.59 -34.83 -40.36
C5 NAG BA . 8.50 -33.32 -40.18
C6 NAG BA . 9.19 -32.89 -38.89
C7 NAG BA . 8.50 -35.00 -45.17
C8 NAG BA . 7.76 -35.70 -46.27
N2 NAG BA . 7.83 -34.80 -44.04
O3 NAG BA . 8.11 -36.63 -41.86
O4 NAG BA . 7.94 -35.47 -39.28
O5 NAG BA . 9.07 -32.66 -41.29
O6 NAG BA . 8.66 -31.67 -38.45
O7 NAG BA . 9.67 -34.65 -45.34
C1 NAG CA . -8.13 -27.24 -54.55
C2 NAG CA . -8.30 -28.45 -53.63
C3 NAG CA . -7.55 -29.69 -54.11
C4 NAG CA . -7.73 -29.88 -55.61
C5 NAG CA . -7.36 -28.60 -56.33
C6 NAG CA . -7.40 -28.77 -57.84
C7 NAG CA . -8.51 -28.23 -51.21
C8 NAG CA . -7.70 -28.44 -49.96
N2 NAG CA . -7.79 -28.10 -52.32
O3 NAG CA . -7.99 -30.83 -53.42
O4 NAG CA . -6.90 -30.92 -56.06
O5 NAG CA . -8.24 -27.56 -55.92
O6 NAG CA . -6.44 -27.92 -58.43
O7 NAG CA . -9.74 -28.17 -51.17
C1 NAG DA . -6.28 -34.84 -36.86
C2 NAG DA . -6.17 -35.44 -35.45
C3 NAG DA . -7.41 -36.15 -34.95
C4 NAG DA . -8.71 -35.54 -35.47
C5 NAG DA . -8.61 -35.28 -36.96
C6 NAG DA . -9.93 -34.75 -37.54
C7 NAG DA . -3.84 -36.09 -35.00
C8 NAG DA . -2.82 -35.70 -36.04
N2 NAG DA . -5.06 -36.39 -35.45
O3 NAG DA . -7.43 -36.11 -33.53
O4 NAG DA . -9.78 -36.41 -35.20
O5 NAG DA . -7.57 -34.36 -37.20
O6 NAG DA . -9.86 -34.71 -38.94
O7 NAG DA . -3.53 -36.14 -33.81
C1 NAG EA . 2.86 -34.02 -21.03
C2 NAG EA . 1.40 -33.53 -20.92
C3 NAG EA . 0.39 -34.48 -21.57
C4 NAG EA . 0.88 -34.88 -22.94
C5 NAG EA . 2.23 -35.56 -22.80
C6 NAG EA . 2.71 -36.08 -24.14
C7 NAG EA . -0.03 -32.54 -19.20
C8 NAG EA . -1.23 -33.25 -18.65
N2 NAG EA . 1.01 -33.31 -19.53
O3 NAG EA . -0.87 -33.86 -21.67
O4 NAG EA . -0.05 -35.74 -23.57
O5 NAG EA . 3.18 -34.66 -22.25
O6 NAG EA . 3.74 -37.03 -23.97
O7 NAG EA . -0.04 -31.31 -19.32
C1 NAG FA . -15.14 -15.47 -37.85
C2 NAG FA . -15.13 -14.75 -36.51
C3 NAG FA . -15.51 -15.62 -35.32
C4 NAG FA . -16.59 -16.64 -35.66
C5 NAG FA . -16.30 -17.32 -37.00
C6 NAG FA . -17.35 -18.35 -37.38
C7 NAG FA . -13.50 -12.96 -36.57
C8 NAG FA . -12.22 -12.44 -35.98
N2 NAG FA . -13.80 -14.22 -36.28
O3 NAG FA . -15.94 -14.80 -34.26
O4 NAG FA . -16.63 -17.62 -34.64
O5 NAG FA . -16.23 -16.35 -38.01
O6 NAG FA . -17.11 -18.79 -38.70
O7 NAG FA . -14.20 -12.25 -37.28
C1 NAG GA . -13.02 -23.83 -31.55
C2 NAG GA . -14.33 -24.12 -32.29
C3 NAG GA . -15.19 -25.23 -31.69
C4 NAG GA . -14.45 -26.23 -30.81
C5 NAG GA . -13.29 -25.59 -30.05
C6 NAG GA . -12.49 -26.63 -29.26
C7 NAG GA . -14.82 -21.87 -33.13
C8 NAG GA . -15.17 -20.51 -32.60
N2 NAG GA . -15.10 -22.90 -32.32
O3 NAG GA . -15.80 -25.96 -32.74
O4 NAG GA . -15.36 -26.77 -29.88
O5 NAG GA . -12.44 -24.97 -30.97
O6 NAG GA . -11.54 -27.23 -30.12
O7 NAG GA . -14.29 -22.00 -34.23
C1 NAG HA . 0.57 -25.97 -55.02
C2 NAG HA . -0.24 -25.48 -56.22
C3 NAG HA . -0.51 -26.65 -57.16
C4 NAG HA . 0.83 -27.17 -57.64
C5 NAG HA . 1.70 -27.57 -56.44
C6 NAG HA . 3.11 -27.92 -56.88
C7 NAG HA . -1.72 -23.60 -56.14
C8 NAG HA . -3.12 -23.10 -55.90
N2 NAG HA . -1.49 -24.86 -55.81
O3 NAG HA . -1.32 -26.22 -58.23
O4 NAG HA . 0.61 -28.30 -58.46
O5 NAG HA . 1.79 -26.56 -55.45
O6 NAG HA . 3.82 -26.75 -57.23
O7 NAG HA . -0.86 -22.86 -56.61
C1 NAG IA . 5.53 -23.40 -13.19
C2 NAG IA . 6.51 -24.59 -13.30
C3 NAG IA . 7.99 -24.21 -13.19
C4 NAG IA . 8.24 -23.02 -12.27
C5 NAG IA . 7.01 -22.67 -11.46
C6 NAG IA . 7.27 -21.49 -10.54
C7 NAG IA . 6.22 -26.92 -12.64
C8 NAG IA . 5.33 -27.83 -11.84
N2 NAG IA . 6.19 -25.63 -12.33
O3 NAG IA . 8.54 -23.96 -14.47
O4 NAG IA . 9.32 -23.30 -11.41
O5 NAG IA . 5.95 -22.36 -12.33
O6 NAG IA . 6.12 -21.20 -9.76
O7 NAG IA . 6.95 -27.39 -13.52
#